data_2CBR
# 
_entry.id   2CBR 
# 
_audit_conform.dict_name       mmcif_pdbx.dic 
_audit_conform.dict_version    5.376 
_audit_conform.dict_location   http://mmcif.pdb.org/dictionaries/ascii/mmcif_pdbx.dic 
# 
loop_
_database_2.database_id 
_database_2.database_code 
_database_2.pdbx_database_accession 
_database_2.pdbx_DOI 
PDB   2CBR         pdb_00002cbr 10.2210/pdb2cbr/pdb 
RCSB  RCSB000532   ?            ?                   
WWPDB D_1000000532 ?            ?                   
# 
_pdbx_database_status.status_code                     REL 
_pdbx_database_status.entry_id                        2CBR 
_pdbx_database_status.recvd_initial_deposition_date   1999-02-22 
_pdbx_database_status.deposit_site                    PDBE 
_pdbx_database_status.process_site                    RCSB 
_pdbx_database_status.status_code_sf                  REL 
_pdbx_database_status.SG_entry                        . 
_pdbx_database_status.status_code_mr                  ? 
_pdbx_database_status.status_code_cs                  ? 
_pdbx_database_status.pdb_format_compatible           Y 
_pdbx_database_status.methods_development_category    ? 
_pdbx_database_status.status_code_nmr_data            ? 
# 
loop_
_audit_author.name 
_audit_author.pdbx_ordinal 
'Chaudhuri, B.'  1 
'Kleywegt, G.J.' 2 
'Bergfors, T.'   3 
'Jones, T.A.'    4 
# 
loop_
_citation.id 
_citation.title 
_citation.journal_abbrev 
_citation.journal_volume 
_citation.page_first 
_citation.page_last 
_citation.year 
_citation.journal_id_ASTM 
_citation.country 
_citation.journal_id_ISSN 
_citation.journal_id_CSD 
_citation.book_publisher 
_citation.pdbx_database_id_PubMed 
_citation.pdbx_database_id_DOI 
primary 'Structures of cellular retinoic acid binding proteins I and II in complex with synthetic retinoids.' 
'Acta Crystallogr.,Sect.D' 55 1850 1857 1999 ABCRE6 DK 0907-4449 0766 ? 10531482 10.1107/S0907444999011026       
1       
;Crystal structures of cellular retinoic acid binding proteins I and II in complex with all-trans-retinoic acid and a synthetic retinoid.
;
Structure                  2  1241 1258 1994 STRUE6 UK 0969-2126 2005 ? 7704533  '10.1016/s0969-2126(94)00125-1' 
2       'Lipid-binding proteins: a family of fatty acid and retinoid transport proteins.' 'Adv.Protein Chem.'        45 89   151  
1994 APCHA2 US 0065-3233 0433 ? 8154375  ?                               
3       'Crystallization and preliminary X-ray analysis of recombinant bovine cellular retinoic acid-binding protein.' 
'Acta Crystallogr.,Sect.D' 50 370  374  1994 ABCRE6 DK 0907-4449 0766 ? 15299387 10.1107/S0907444994001204       
# 
loop_
_citation_author.citation_id 
_citation_author.name 
_citation_author.ordinal 
_citation_author.identifier_ORCID 
primary 'Chaudhuri, B.N.'       1  ? 
primary 'Kleywegt, G.J.'        2  ? 
primary 
;Broutin-L'Hermite, I.
;
3  ? 
primary 'Bergfors, T.'          4  ? 
primary 'Senn, H.'              5  ? 
primary 'Le Motte, P.'          6  ? 
primary 'Partouche, O.'         7  ? 
primary 'Jones, T.A.'           8  ? 
1       'Kleywegt, G.J.'        9  ? 
1       'Bergfors, T.'          10 ? 
1       'Senn, H.'              11 ? 
1       'Le Motte, P.'          12 ? 
1       'Gsell, B.'             13 ? 
1       'Shudo, K.'             14 ? 
1       'Jones, T.A.'           15 ? 
2       'Banaszak, L.'          16 ? 
2       'Winter, N.'            17 ? 
2       'Xu, Z.'                18 ? 
2       'Bernlohr, D.A.'        19 ? 
2       'Cowan, S.'             20 ? 
2       'Jones, T.A.'           21 ? 
3       'Bergfors, T.'          22 ? 
3       'Kleywegt, G.J.'        23 ? 
3       'Jones, T.A.'           24 ? 
# 
_cell.entry_id           2CBR 
_cell.length_a           133.500 
_cell.length_b           133.500 
_cell.length_c           40.570 
_cell.angle_alpha        90.00 
_cell.angle_beta         90.00 
_cell.angle_gamma        120.00 
_cell.Z_PDB              12 
_cell.pdbx_unique_axis   ? 
_cell.length_a_esd       ? 
_cell.length_b_esd       ? 
_cell.length_c_esd       ? 
_cell.angle_alpha_esd    ? 
_cell.angle_beta_esd     ? 
_cell.angle_gamma_esd    ? 
# 
_symmetry.entry_id                         2CBR 
_symmetry.space_group_name_H-M             'P 32 2 1' 
_symmetry.pdbx_full_space_group_name_H-M   ? 
_symmetry.cell_setting                     ? 
_symmetry.Int_Tables_number                154 
_symmetry.space_group_name_Hall            ? 
# 
loop_
_entity.id 
_entity.type 
_entity.src_method 
_entity.pdbx_description 
_entity.formula_weight 
_entity.pdbx_number_of_molecules 
_entity.pdbx_ec 
_entity.pdbx_mutation 
_entity.pdbx_fragment 
_entity.details 
1 polymer     man 'PROTEIN (CRABP-I)'                                                                15480.392 1 ? ? ? ? 
2 non-polymer syn '4-[(5,5,8,8-tetramethyl-5,6,7,8-tetrahydronaphthalen-2-yl)carbamoyl]benzoic acid' 351.439   1 ? ? ? ? 
3 water       nat water                                                                              18.015    8 ? ? ? ? 
# 
_entity_poly.entity_id                      1 
_entity_poly.type                           'polypeptide(L)' 
_entity_poly.nstd_linkage                   no 
_entity_poly.nstd_monomer                   no 
_entity_poly.pdbx_seq_one_letter_code       
;PNFAGTWKMRSSENFDELLKALGVNAMLRKVAVAAASKPHVEIRQDGDQFYIKTSTTVRTTEINFKVGEGFEEETVDGRK
CRSLPTWENENKIHCTQTLLEGDGPKTYWTRELANDELILTFGADDVVCTRIYVRE
;
_entity_poly.pdbx_seq_one_letter_code_can   
;PNFAGTWKMRSSENFDELLKALGVNAMLRKVAVAAASKPHVEIRQDGDQFYIKTSTTVRTTEINFKVGEGFEEETVDGRK
CRSLPTWENENKIHCTQTLLEGDGPKTYWTRELANDELILTFGADDVVCTRIYVRE
;
_entity_poly.pdbx_strand_id                 A 
_entity_poly.pdbx_target_identifier         ? 
# 
loop_
_entity_poly_seq.entity_id 
_entity_poly_seq.num 
_entity_poly_seq.mon_id 
_entity_poly_seq.hetero 
1 1   PRO n 
1 2   ASN n 
1 3   PHE n 
1 4   ALA n 
1 5   GLY n 
1 6   THR n 
1 7   TRP n 
1 8   LYS n 
1 9   MET n 
1 10  ARG n 
1 11  SER n 
1 12  SER n 
1 13  GLU n 
1 14  ASN n 
1 15  PHE n 
1 16  ASP n 
1 17  GLU n 
1 18  LEU n 
1 19  LEU n 
1 20  LYS n 
1 21  ALA n 
1 22  LEU n 
1 23  GLY n 
1 24  VAL n 
1 25  ASN n 
1 26  ALA n 
1 27  MET n 
1 28  LEU n 
1 29  ARG n 
1 30  LYS n 
1 31  VAL n 
1 32  ALA n 
1 33  VAL n 
1 34  ALA n 
1 35  ALA n 
1 36  ALA n 
1 37  SER n 
1 38  LYS n 
1 39  PRO n 
1 40  HIS n 
1 41  VAL n 
1 42  GLU n 
1 43  ILE n 
1 44  ARG n 
1 45  GLN n 
1 46  ASP n 
1 47  GLY n 
1 48  ASP n 
1 49  GLN n 
1 50  PHE n 
1 51  TYR n 
1 52  ILE n 
1 53  LYS n 
1 54  THR n 
1 55  SER n 
1 56  THR n 
1 57  THR n 
1 58  VAL n 
1 59  ARG n 
1 60  THR n 
1 61  THR n 
1 62  GLU n 
1 63  ILE n 
1 64  ASN n 
1 65  PHE n 
1 66  LYS n 
1 67  VAL n 
1 68  GLY n 
1 69  GLU n 
1 70  GLY n 
1 71  PHE n 
1 72  GLU n 
1 73  GLU n 
1 74  GLU n 
1 75  THR n 
1 76  VAL n 
1 77  ASP n 
1 78  GLY n 
1 79  ARG n 
1 80  LYS n 
1 81  CYS n 
1 82  ARG n 
1 83  SER n 
1 84  LEU n 
1 85  PRO n 
1 86  THR n 
1 87  TRP n 
1 88  GLU n 
1 89  ASN n 
1 90  GLU n 
1 91  ASN n 
1 92  LYS n 
1 93  ILE n 
1 94  HIS n 
1 95  CYS n 
1 96  THR n 
1 97  GLN n 
1 98  THR n 
1 99  LEU n 
1 100 LEU n 
1 101 GLU n 
1 102 GLY n 
1 103 ASP n 
1 104 GLY n 
1 105 PRO n 
1 106 LYS n 
1 107 THR n 
1 108 TYR n 
1 109 TRP n 
1 110 THR n 
1 111 ARG n 
1 112 GLU n 
1 113 LEU n 
1 114 ALA n 
1 115 ASN n 
1 116 ASP n 
1 117 GLU n 
1 118 LEU n 
1 119 ILE n 
1 120 LEU n 
1 121 THR n 
1 122 PHE n 
1 123 GLY n 
1 124 ALA n 
1 125 ASP n 
1 126 ASP n 
1 127 VAL n 
1 128 VAL n 
1 129 CYS n 
1 130 THR n 
1 131 ARG n 
1 132 ILE n 
1 133 TYR n 
1 134 VAL n 
1 135 ARG n 
1 136 GLU n 
# 
_entity_src_gen.entity_id                          1 
_entity_src_gen.pdbx_src_id                        1 
_entity_src_gen.pdbx_alt_source_flag               sample 
_entity_src_gen.pdbx_seq_type                      ? 
_entity_src_gen.pdbx_beg_seq_num                   ? 
_entity_src_gen.pdbx_end_seq_num                   ? 
_entity_src_gen.gene_src_common_name               cattle 
_entity_src_gen.gene_src_genus                     Bos 
_entity_src_gen.pdbx_gene_src_gene                 MOUSE 
_entity_src_gen.gene_src_species                   ? 
_entity_src_gen.gene_src_strain                    ? 
_entity_src_gen.gene_src_tissue                    ? 
_entity_src_gen.gene_src_tissue_fraction           ? 
_entity_src_gen.gene_src_details                   ? 
_entity_src_gen.pdbx_gene_src_fragment             ? 
_entity_src_gen.pdbx_gene_src_scientific_name      'Bos taurus' 
_entity_src_gen.pdbx_gene_src_ncbi_taxonomy_id     9913 
_entity_src_gen.pdbx_gene_src_variant              ? 
_entity_src_gen.pdbx_gene_src_cell_line            ? 
_entity_src_gen.pdbx_gene_src_atcc                 ? 
_entity_src_gen.pdbx_gene_src_organ                ? 
_entity_src_gen.pdbx_gene_src_organelle            ? 
_entity_src_gen.pdbx_gene_src_cell                 ? 
_entity_src_gen.pdbx_gene_src_cellular_location    ? 
_entity_src_gen.host_org_common_name               ? 
_entity_src_gen.pdbx_host_org_scientific_name      'Escherichia coli BL21(DE3)' 
_entity_src_gen.pdbx_host_org_ncbi_taxonomy_id     469008 
_entity_src_gen.host_org_genus                     Escherichia 
_entity_src_gen.pdbx_host_org_gene                 ? 
_entity_src_gen.pdbx_host_org_organ                ? 
_entity_src_gen.host_org_species                   'Escherichia coli' 
_entity_src_gen.pdbx_host_org_tissue               ? 
_entity_src_gen.pdbx_host_org_tissue_fraction      ? 
_entity_src_gen.pdbx_host_org_strain               'BL21(DE3)' 
_entity_src_gen.pdbx_host_org_variant              ? 
_entity_src_gen.pdbx_host_org_cell_line            ? 
_entity_src_gen.pdbx_host_org_atcc                 ? 
_entity_src_gen.pdbx_host_org_culture_collection   ? 
_entity_src_gen.pdbx_host_org_cell                 ? 
_entity_src_gen.pdbx_host_org_organelle            ? 
_entity_src_gen.pdbx_host_org_cellular_location    CYTOPLASM 
_entity_src_gen.pdbx_host_org_vector_type          ? 
_entity_src_gen.pdbx_host_org_vector               ? 
_entity_src_gen.host_org_details                   ? 
_entity_src_gen.expression_system_id               ? 
_entity_src_gen.plasmid_name                       PT7-1-3 
_entity_src_gen.plasmid_details                    ? 
_entity_src_gen.pdbx_description                   'MUS MUSCULUS (IDENTICAL WITH BOVINE PROTEIN) RECOMBINANT GENE' 
# 
_struct_ref.id                         1 
_struct_ref.db_name                    UNP 
_struct_ref.db_code                    RABP1_BOVIN 
_struct_ref.entity_id                  1 
_struct_ref.pdbx_db_accession          P62964 
_struct_ref.pdbx_align_begin           ? 
_struct_ref.pdbx_seq_one_letter_code   ? 
_struct_ref.pdbx_db_isoform            ? 
# 
_struct_ref_seq.align_id                      1 
_struct_ref_seq.ref_id                        1 
_struct_ref_seq.pdbx_PDB_id_code              2CBR 
_struct_ref_seq.pdbx_strand_id                A 
_struct_ref_seq.seq_align_beg                 1 
_struct_ref_seq.pdbx_seq_align_beg_ins_code   ? 
_struct_ref_seq.seq_align_end                 136 
_struct_ref_seq.pdbx_seq_align_end_ins_code   ? 
_struct_ref_seq.pdbx_db_accession             P62964 
_struct_ref_seq.db_align_beg                  1 
_struct_ref_seq.pdbx_db_align_beg_ins_code    ? 
_struct_ref_seq.db_align_end                  136 
_struct_ref_seq.pdbx_db_align_end_ins_code    ? 
_struct_ref_seq.pdbx_auth_seq_align_beg       1 
_struct_ref_seq.pdbx_auth_seq_align_end       136 
# 
loop_
_chem_comp.id 
_chem_comp.type 
_chem_comp.mon_nstd_flag 
_chem_comp.name 
_chem_comp.pdbx_synonyms 
_chem_comp.formula 
_chem_comp.formula_weight 
A80 non-polymer         . '4-[(5,5,8,8-tetramethyl-5,6,7,8-tetrahydronaphthalen-2-yl)carbamoyl]benzoic acid' ? 'C22 H25 N O3'   
351.439 
ALA 'L-peptide linking' y ALANINE                                                                            ? 'C3 H7 N O2'     
89.093  
ARG 'L-peptide linking' y ARGININE                                                                           ? 'C6 H15 N4 O2 1' 
175.209 
ASN 'L-peptide linking' y ASPARAGINE                                                                         ? 'C4 H8 N2 O3'    
132.118 
ASP 'L-peptide linking' y 'ASPARTIC ACID'                                                                    ? 'C4 H7 N O4'     
133.103 
CYS 'L-peptide linking' y CYSTEINE                                                                           ? 'C3 H7 N O2 S'   
121.158 
GLN 'L-peptide linking' y GLUTAMINE                                                                          ? 'C5 H10 N2 O3'   
146.144 
GLU 'L-peptide linking' y 'GLUTAMIC ACID'                                                                    ? 'C5 H9 N O4'     
147.129 
GLY 'peptide linking'   y GLYCINE                                                                            ? 'C2 H5 N O2'     
75.067  
HIS 'L-peptide linking' y HISTIDINE                                                                          ? 'C6 H10 N3 O2 1' 
156.162 
HOH non-polymer         . WATER                                                                              ? 'H2 O'           
18.015  
ILE 'L-peptide linking' y ISOLEUCINE                                                                         ? 'C6 H13 N O2'    
131.173 
LEU 'L-peptide linking' y LEUCINE                                                                            ? 'C6 H13 N O2'    
131.173 
LYS 'L-peptide linking' y LYSINE                                                                             ? 'C6 H15 N2 O2 1' 
147.195 
MET 'L-peptide linking' y METHIONINE                                                                         ? 'C5 H11 N O2 S'  
149.211 
PHE 'L-peptide linking' y PHENYLALANINE                                                                      ? 'C9 H11 N O2'    
165.189 
PRO 'L-peptide linking' y PROLINE                                                                            ? 'C5 H9 N O2'     
115.130 
SER 'L-peptide linking' y SERINE                                                                             ? 'C3 H7 N O3'     
105.093 
THR 'L-peptide linking' y THREONINE                                                                          ? 'C4 H9 N O3'     
119.119 
TRP 'L-peptide linking' y TRYPTOPHAN                                                                         ? 'C11 H12 N2 O2'  
204.225 
TYR 'L-peptide linking' y TYROSINE                                                                           ? 'C9 H11 N O3'    
181.189 
VAL 'L-peptide linking' y VALINE                                                                             ? 'C5 H11 N O2'    
117.146 
# 
_exptl.entry_id          2CBR 
_exptl.method            'X-RAY DIFFRACTION' 
_exptl.crystals_number   1 
# 
_exptl_crystal.id                    1 
_exptl_crystal.density_meas          ? 
_exptl_crystal.density_Matthews      ? 
_exptl_crystal.density_percent_sol   ? 
_exptl_crystal.description           ? 
_exptl_crystal.F_000                 ? 
_exptl_crystal.preparation           ? 
# 
_exptl_crystal_grow.crystal_id      1 
_exptl_crystal_grow.method          ? 
_exptl_crystal_grow.temp            ? 
_exptl_crystal_grow.temp_details    ? 
_exptl_crystal_grow.pH              8.0 
_exptl_crystal_grow.pdbx_details    'IN 30% PEG4000, 0.2M LI2SO4 AND 0.1 M TRIS-HCL, PH 8.0' 
_exptl_crystal_grow.pdbx_pH_range   . 
# 
_diffrn.id                     1 
_diffrn.ambient_temp           277 
_diffrn.ambient_temp_details   ? 
_diffrn.crystal_id             1 
# 
_diffrn_detector.diffrn_id              1 
_diffrn_detector.detector               'IMAGE PLATE' 
_diffrn_detector.type                   RIGAKU 
_diffrn_detector.pdbx_collection_date   ? 
_diffrn_detector.details                ? 
# 
_diffrn_radiation.diffrn_id                        1 
_diffrn_radiation.wavelength_id                    1 
_diffrn_radiation.pdbx_monochromatic_or_laue_m_l   M 
_diffrn_radiation.monochromator                    ? 
_diffrn_radiation.pdbx_diffrn_protocol             'SINGLE WAVELENGTH' 
_diffrn_radiation.pdbx_scattering_type             x-ray 
# 
_diffrn_radiation_wavelength.id           1 
_diffrn_radiation_wavelength.wavelength   1.5418 
_diffrn_radiation_wavelength.wt           1.0 
# 
_diffrn_source.diffrn_id                   1 
_diffrn_source.source                      ? 
_diffrn_source.type                        ? 
_diffrn_source.pdbx_synchrotron_site       ? 
_diffrn_source.pdbx_synchrotron_beamline   ? 
_diffrn_source.pdbx_wavelength             1.5418 
_diffrn_source.pdbx_wavelength_list        ? 
# 
_reflns.entry_id                     2CBR 
_reflns.observed_criterion_sigma_I   ? 
_reflns.observed_criterion_sigma_F   ? 
_reflns.d_resolution_low             38.3 
_reflns.d_resolution_high            2.8 
_reflns.number_obs                   10128 
_reflns.number_all                   ? 
_reflns.percent_possible_obs         97.6 
_reflns.pdbx_Rmerge_I_obs            0.086 
_reflns.pdbx_Rsym_value              ? 
_reflns.pdbx_netI_over_sigmaI        20.2 
_reflns.B_iso_Wilson_estimate        24.0 
_reflns.pdbx_redundancy              3.7 
_reflns.R_free_details               ? 
_reflns.limit_h_max                  ? 
_reflns.limit_h_min                  ? 
_reflns.limit_k_max                  ? 
_reflns.limit_k_min                  ? 
_reflns.limit_l_max                  ? 
_reflns.limit_l_min                  ? 
_reflns.observed_criterion_F_max     ? 
_reflns.observed_criterion_F_min     ? 
_reflns.pdbx_ordinal                 1 
_reflns.pdbx_diffrn_id               1 
_reflns.pdbx_chi_squared             ? 
_reflns.pdbx_scaling_rejects         ? 
# 
_reflns_shell.d_res_high             2.8 
_reflns_shell.d_res_low              2.95 
_reflns_shell.percent_possible_all   95.7 
_reflns_shell.Rmerge_I_obs           0.26 
_reflns_shell.pdbx_Rsym_value        ? 
_reflns_shell.meanI_over_sigI_obs    5.2 
_reflns_shell.pdbx_redundancy        3.8 
_reflns_shell.percent_possible_obs   ? 
_reflns_shell.number_unique_all      ? 
_reflns_shell.pdbx_ordinal           1 
_reflns_shell.pdbx_diffrn_id         1 
_reflns_shell.number_measured_all    ? 
_reflns_shell.number_measured_obs    ? 
_reflns_shell.number_unique_obs      ? 
_reflns_shell.pdbx_chi_squared       ? 
# 
_refine.entry_id                                 2CBR 
_refine.ls_number_reflns_obs                     10125 
_refine.ls_number_reflns_all                     ? 
_refine.pdbx_ls_sigma_I                          ? 
_refine.pdbx_ls_sigma_F                          0.0 
_refine.pdbx_data_cutoff_high_absF               ? 
_refine.pdbx_data_cutoff_low_absF                ? 
_refine.pdbx_data_cutoff_high_rms_absF           1543984.01 
_refine.ls_d_res_low                             30.00 
_refine.ls_d_res_high                            2.80 
_refine.ls_percent_reflns_obs                    97.0 
_refine.ls_R_factor_obs                          ? 
_refine.ls_R_factor_all                          ? 
_refine.ls_R_factor_R_work                       0.23 
_refine.ls_R_factor_R_free                       0.268 
_refine.ls_R_factor_R_free_error                 0.009 
_refine.ls_R_factor_R_free_error_details         ? 
_refine.ls_percent_reflns_R_free                 8.1 
_refine.ls_number_reflns_R_free                  820 
_refine.ls_number_parameters                     ? 
_refine.ls_number_restraints                     ? 
_refine.occupancy_min                            ? 
_refine.occupancy_max                            ? 
_refine.B_iso_mean                               37.7 
_refine.aniso_B[1][1]                            1.39 
_refine.aniso_B[2][2]                            1.39 
_refine.aniso_B[3][3]                            -2.79 
_refine.aniso_B[1][2]                            -4.92 
_refine.aniso_B[1][3]                            0.00 
_refine.aniso_B[2][3]                            0.00 
_refine.solvent_model_details                    ? 
_refine.solvent_model_param_ksol                 ? 
_refine.solvent_model_param_bsol                 ? 
_refine.pdbx_ls_cross_valid_method               THROUGHOUT 
_refine.details                                  
;BULK SOLVENT MODEL USED

THE STRUCTURE WAS REFINED WITH NCS CONSTRAINTS IN CNS
(I.E., THE TWO MOLECULES ARE IDENTICAL).
;
_refine.pdbx_starting_model                      1CBR 
_refine.pdbx_method_to_determine_struct          'MOLECULAR REPLACEMENT' 
_refine.pdbx_isotropic_thermal_model             GROUP 
_refine.pdbx_stereochemistry_target_values       ? 
_refine.pdbx_stereochem_target_val_spec_case     ? 
_refine.pdbx_R_Free_selection_details            RANDOM 
_refine.pdbx_overall_ESU_R_Free                  ? 
_refine.overall_SU_ML                            ? 
_refine.overall_SU_B                             ? 
_refine.ls_redundancy_reflns_obs                 ? 
_refine.B_iso_min                                ? 
_refine.B_iso_max                                ? 
_refine.correlation_coeff_Fo_to_Fc               ? 
_refine.correlation_coeff_Fo_to_Fc_free          ? 
_refine.pdbx_solvent_vdw_probe_radii             ? 
_refine.pdbx_solvent_ion_probe_radii             ? 
_refine.pdbx_solvent_shrinkage_radii             ? 
_refine.overall_SU_R_Cruickshank_DPI             ? 
_refine.overall_SU_R_free                        ? 
_refine.pdbx_refine_id                           'X-RAY DIFFRACTION' 
_refine.pdbx_diffrn_id                           1 
_refine.pdbx_overall_ESU_R                       ? 
_refine.pdbx_overall_phase_error                 ? 
_refine.ls_wR_factor_R_free                      ? 
_refine.ls_wR_factor_R_work                      ? 
_refine.overall_FOM_free_R_set                   ? 
_refine.overall_FOM_work_R_set                   ? 
_refine.pdbx_TLS_residual_ADP_flag               ? 
_refine.pdbx_overall_SU_R_free_Cruickshank_DPI   ? 
_refine.pdbx_overall_SU_R_Blow_DPI               ? 
_refine.pdbx_overall_SU_R_free_Blow_DPI          ? 
# 
_refine_analyze.entry_id                        2CBR 
_refine_analyze.Luzzati_coordinate_error_obs    0.37 
_refine_analyze.Luzzati_sigma_a_obs             0.36 
_refine_analyze.Luzzati_d_res_low_obs           5.00 
_refine_analyze.Luzzati_coordinate_error_free   0.39 
_refine_analyze.Luzzati_sigma_a_free            0.47 
_refine_analyze.Luzzati_d_res_low_free          ? 
_refine_analyze.number_disordered_residues      ? 
_refine_analyze.occupancy_sum_hydrogen          ? 
_refine_analyze.occupancy_sum_non_hydrogen      ? 
_refine_analyze.pdbx_Luzzati_d_res_high_obs     ? 
_refine_analyze.pdbx_refine_id                  'X-RAY DIFFRACTION' 
# 
_refine_hist.pdbx_refine_id                   'X-RAY DIFFRACTION' 
_refine_hist.cycle_id                         LAST 
_refine_hist.pdbx_number_atoms_protein        1087 
_refine_hist.pdbx_number_atoms_nucleic_acid   0 
_refine_hist.pdbx_number_atoms_ligand         26 
_refine_hist.number_atoms_solvent             8 
_refine_hist.number_atoms_total               1121 
_refine_hist.d_res_high                       2.80 
_refine_hist.d_res_low                        30.00 
# 
loop_
_refine_ls_restr.type 
_refine_ls_restr.dev_ideal 
_refine_ls_restr.dev_ideal_target 
_refine_ls_restr.weight 
_refine_ls_restr.number 
_refine_ls_restr.pdbx_refine_id 
_refine_ls_restr.pdbx_restraint_function 
x_bond_d                0.008 ? ? ? 'X-RAY DIFFRACTION' ? 
x_bond_d_na             ?     ? ? ? 'X-RAY DIFFRACTION' ? 
x_bond_d_prot           ?     ? ? ? 'X-RAY DIFFRACTION' ? 
x_angle_d               ?     ? ? ? 'X-RAY DIFFRACTION' ? 
x_angle_d_na            ?     ? ? ? 'X-RAY DIFFRACTION' ? 
x_angle_d_prot          ?     ? ? ? 'X-RAY DIFFRACTION' ? 
x_angle_deg             1.5   ? ? ? 'X-RAY DIFFRACTION' ? 
x_angle_deg_na          ?     ? ? ? 'X-RAY DIFFRACTION' ? 
x_angle_deg_prot        ?     ? ? ? 'X-RAY DIFFRACTION' ? 
x_dihedral_angle_d      24.9  ? ? ? 'X-RAY DIFFRACTION' ? 
x_dihedral_angle_d_na   ?     ? ? ? 'X-RAY DIFFRACTION' ? 
x_dihedral_angle_d_prot ?     ? ? ? 'X-RAY DIFFRACTION' ? 
x_improper_angle_d      0.71  ? ? ? 'X-RAY DIFFRACTION' ? 
x_improper_angle_d_na   ?     ? ? ? 'X-RAY DIFFRACTION' ? 
x_improper_angle_d_prot ?     ? ? ? 'X-RAY DIFFRACTION' ? 
x_mcbond_it             ?     ? ? ? 'X-RAY DIFFRACTION' ? 
x_mcangle_it            ?     ? ? ? 'X-RAY DIFFRACTION' ? 
x_scbond_it             ?     ? ? ? 'X-RAY DIFFRACTION' ? 
x_scangle_it            ?     ? ? ? 'X-RAY DIFFRACTION' ? 
# 
_refine_ls_restr_ncs.dom_id              1 
_refine_ls_restr_ncs.ncs_model_details   CONSTR 
_refine_ls_restr_ncs.rms_dev_position    ? 
_refine_ls_restr_ncs.weight_position     ? 
_refine_ls_restr_ncs.rms_dev_B_iso       ? 
_refine_ls_restr_ncs.weight_B_iso        ? 
_refine_ls_restr_ncs.pdbx_type           . 
_refine_ls_restr_ncs.pdbx_auth_asym_id   . 
_refine_ls_restr_ncs.pdbx_ens_id         1 
_refine_ls_restr_ncs.pdbx_refine_id      'X-RAY DIFFRACTION' 
_refine_ls_restr_ncs.pdbx_ordinal        1 
_refine_ls_restr_ncs.pdbx_number         ? 
_refine_ls_restr_ncs.pdbx_asym_id        ? 
_refine_ls_restr_ncs.pdbx_rms            ? 
_refine_ls_restr_ncs.pdbx_weight         ? 
# 
_refine_ls_shell.pdbx_total_number_of_bins_used   6 
_refine_ls_shell.d_res_high                       2.80 
_refine_ls_shell.d_res_low                        2.98 
_refine_ls_shell.number_reflns_R_work             1517 
_refine_ls_shell.R_factor_R_work                  0.31 
_refine_ls_shell.percent_reflns_obs               95.4 
_refine_ls_shell.R_factor_R_free                  0.355 
_refine_ls_shell.R_factor_R_free_error            0.032 
_refine_ls_shell.percent_reflns_R_free            7.5 
_refine_ls_shell.number_reflns_R_free             123 
_refine_ls_shell.redundancy_reflns_obs            ? 
_refine_ls_shell.number_reflns_all                ? 
_refine_ls_shell.number_reflns_obs                ? 
_refine_ls_shell.pdbx_refine_id                   'X-RAY DIFFRACTION' 
_refine_ls_shell.R_factor_all                     ? 
# 
loop_
_pdbx_xplor_file.serial_no 
_pdbx_xplor_file.param_file 
_pdbx_xplor_file.topol_file 
_pdbx_xplor_file.pdbx_refine_id 
1 PROTEIN_REP.PARAM PROTEIN.TOP   'X-RAY DIFFRACTION' 
2 WATER_REP.PARAM   WATER_REP.TOP 'X-RAY DIFFRACTION' 
3 AM8.PAR           AM8.TOP       'X-RAY DIFFRACTION' 
# 
_struct_ncs_oper.id             1 
_struct_ncs_oper.code           generate 
_struct_ncs_oper.details        ? 
_struct_ncs_oper.matrix[1][1]   0.24025209 
_struct_ncs_oper.matrix[1][2]   0.92514585 
_struct_ncs_oper.matrix[1][3]   -0.29391144 
_struct_ncs_oper.matrix[2][1]   -0.96097483 
_struct_ncs_oper.matrix[2][2]   0.26945333 
_struct_ncs_oper.matrix[2][3]   0.06262972 
_struct_ncs_oper.matrix[3][1]   0.13713768 
_struct_ncs_oper.matrix[3][2]   0.26739465 
_struct_ncs_oper.matrix[3][3]   0.95377858 
_struct_ncs_oper.vector[1]      42.95279 
_struct_ncs_oper.vector[2]      -19.78902 
_struct_ncs_oper.vector[3]      14.25455 
# 
_struct_ncs_dom.id            1 
_struct_ncs_dom.details       ? 
_struct_ncs_dom.pdbx_ens_id   1 
# 
_struct_ncs_ens.id            1 
_struct_ncs_ens.details       ? 
_struct_ncs_ens.point_group   ? 
# 
_struct.entry_id                  2CBR 
_struct.title                     'CELLULAR RETINOIC ACID BINDING PROTEIN I IN COMPLEX WITH A RETINOBENZOIC ACID (AM80)' 
_struct.pdbx_model_details        ? 
_struct.pdbx_CASP_flag            ? 
_struct.pdbx_model_type_details   ? 
# 
_struct_keywords.entry_id        2CBR 
_struct_keywords.pdbx_keywords   'TRANSPORT PROTEIN' 
_struct_keywords.text            'RETINOIC-ACID TRANSPORT, TRANSPORT PROTEIN' 
# 
loop_
_struct_asym.id 
_struct_asym.pdbx_blank_PDB_chainid_flag 
_struct_asym.pdbx_modified 
_struct_asym.entity_id 
_struct_asym.details 
A N N 1 ? 
B N N 2 ? 
C N N 3 ? 
# 
_struct_biol.id                    1 
_struct_biol.pdbx_parent_biol_id   ? 
_struct_biol.details               ? 
# 
loop_
_struct_conf.conf_type_id 
_struct_conf.id 
_struct_conf.pdbx_PDB_helix_id 
_struct_conf.beg_label_comp_id 
_struct_conf.beg_label_asym_id 
_struct_conf.beg_label_seq_id 
_struct_conf.pdbx_beg_PDB_ins_code 
_struct_conf.end_label_comp_id 
_struct_conf.end_label_asym_id 
_struct_conf.end_label_seq_id 
_struct_conf.pdbx_end_PDB_ins_code 
_struct_conf.beg_auth_comp_id 
_struct_conf.beg_auth_asym_id 
_struct_conf.beg_auth_seq_id 
_struct_conf.end_auth_comp_id 
_struct_conf.end_auth_asym_id 
_struct_conf.end_auth_seq_id 
_struct_conf.pdbx_PDB_helix_class 
_struct_conf.details 
_struct_conf.pdbx_PDB_helix_length 
HELX_P HELX_P1 1 PHE A 15 ? ALA A 21 ? PHE A 15 ALA A 21 1 ? 7  
HELX_P HELX_P2 2 ALA A 26 ? LYS A 38 ? ALA A 26 LYS A 38 1 ? 13 
# 
_struct_conf_type.id          HELX_P 
_struct_conf_type.criteria    ? 
_struct_conf_type.reference   ? 
# 
_struct_sheet.id               A 
_struct_sheet.type             ? 
_struct_sheet.number_strands   10 
_struct_sheet.details          ? 
# 
loop_
_struct_sheet_order.sheet_id 
_struct_sheet_order.range_id_1 
_struct_sheet_order.range_id_2 
_struct_sheet_order.offset 
_struct_sheet_order.sense 
A 1 2  ? anti-parallel 
A 2 3  ? anti-parallel 
A 3 4  ? anti-parallel 
A 4 5  ? anti-parallel 
A 5 6  ? anti-parallel 
A 6 7  ? anti-parallel 
A 7 8  ? anti-parallel 
A 8 9  ? anti-parallel 
A 9 10 ? anti-parallel 
# 
loop_
_struct_sheet_range.sheet_id 
_struct_sheet_range.id 
_struct_sheet_range.beg_label_comp_id 
_struct_sheet_range.beg_label_asym_id 
_struct_sheet_range.beg_label_seq_id 
_struct_sheet_range.pdbx_beg_PDB_ins_code 
_struct_sheet_range.end_label_comp_id 
_struct_sheet_range.end_label_asym_id 
_struct_sheet_range.end_label_seq_id 
_struct_sheet_range.pdbx_end_PDB_ins_code 
_struct_sheet_range.beg_auth_comp_id 
_struct_sheet_range.beg_auth_asym_id 
_struct_sheet_range.beg_auth_seq_id 
_struct_sheet_range.end_auth_comp_id 
_struct_sheet_range.end_auth_asym_id 
_struct_sheet_range.end_auth_seq_id 
A 1  THR A 60  ? LYS A 66  ? THR A 60  LYS A 66  
A 2  GLN A 49  ? SER A 55  ? GLN A 49  SER A 55  
A 3  HIS A 40  ? ASP A 46  ? HIS A 40  ASP A 46  
A 4  GLY A 5   ? GLU A 13  ? GLY A 5   GLU A 13  
A 5  VAL A 127 ? ARG A 135 ? VAL A 127 ARG A 135 
A 6  GLU A 117 ? ALA A 124 ? GLU A 117 ALA A 124 
A 7  THR A 107 ? ALA A 114 ? THR A 107 ALA A 114 
A 8  LYS A 92  ? LEU A 99  ? LYS A 92  LEU A 99  
A 9  LYS A 80  ? ASN A 89  ? LYS A 80  ASN A 89  
A 10 PHE A 71  ? GLU A 74  ? PHE A 71  GLU A 74  
# 
loop_
_pdbx_struct_sheet_hbond.sheet_id 
_pdbx_struct_sheet_hbond.range_id_1 
_pdbx_struct_sheet_hbond.range_id_2 
_pdbx_struct_sheet_hbond.range_1_label_atom_id 
_pdbx_struct_sheet_hbond.range_1_label_comp_id 
_pdbx_struct_sheet_hbond.range_1_label_asym_id 
_pdbx_struct_sheet_hbond.range_1_label_seq_id 
_pdbx_struct_sheet_hbond.range_1_PDB_ins_code 
_pdbx_struct_sheet_hbond.range_1_auth_atom_id 
_pdbx_struct_sheet_hbond.range_1_auth_comp_id 
_pdbx_struct_sheet_hbond.range_1_auth_asym_id 
_pdbx_struct_sheet_hbond.range_1_auth_seq_id 
_pdbx_struct_sheet_hbond.range_2_label_atom_id 
_pdbx_struct_sheet_hbond.range_2_label_comp_id 
_pdbx_struct_sheet_hbond.range_2_label_asym_id 
_pdbx_struct_sheet_hbond.range_2_label_seq_id 
_pdbx_struct_sheet_hbond.range_2_PDB_ins_code 
_pdbx_struct_sheet_hbond.range_2_auth_atom_id 
_pdbx_struct_sheet_hbond.range_2_auth_comp_id 
_pdbx_struct_sheet_hbond.range_2_auth_asym_id 
_pdbx_struct_sheet_hbond.range_2_auth_seq_id 
A 1 2  O THR A 61  ? O THR A 61  N THR A 54  ? N THR A 54  
A 2 3  O GLN A 49  ? O GLN A 49  N ASP A 46  ? N ASP A 46  
A 3 4  O VAL A 41  ? O VAL A 41  N TRP A 7   ? N TRP A 7   
A 4 5  O LYS A 8   ? O LYS A 8   N VAL A 134 ? N VAL A 134 
A 5 6  O VAL A 127 ? O VAL A 127 N ALA A 124 ? N ALA A 124 
A 6 7  O GLU A 117 ? O GLU A 117 N ALA A 114 ? N ALA A 114 
A 7 8  O THR A 107 ? O THR A 107 N GLN A 97  ? N GLN A 97  
A 8 9  O LYS A 92  ? O LYS A 92  N ASN A 89  ? N ASN A 89  
A 9 10 O CYS A 81  ? O CYS A 81  N GLU A 73  ? N GLU A 73  
# 
_struct_site.id                   AC1 
_struct_site.pdbx_evidence_code   Software 
_struct_site.pdbx_auth_asym_id    A 
_struct_site.pdbx_auth_comp_id    A80 
_struct_site.pdbx_auth_seq_id     201 
_struct_site.pdbx_auth_ins_code   ? 
_struct_site.pdbx_num_residues    12 
_struct_site.details              'BINDING SITE FOR RESIDUE A80 A 201' 
# 
loop_
_struct_site_gen.id 
_struct_site_gen.site_id 
_struct_site_gen.pdbx_num_res 
_struct_site_gen.label_comp_id 
_struct_site_gen.label_asym_id 
_struct_site_gen.label_seq_id 
_struct_site_gen.pdbx_auth_ins_code 
_struct_site_gen.auth_comp_id 
_struct_site_gen.auth_asym_id 
_struct_site_gen.auth_seq_id 
_struct_site_gen.label_atom_id 
_struct_site_gen.label_alt_id 
_struct_site_gen.symmetry 
_struct_site_gen.details 
1  AC1 12 THR A 54  ? THR A 54  . ? 1_555 ? 
2  AC1 12 THR A 56  ? THR A 56  . ? 1_555 ? 
3  AC1 12 VAL A 58  ? VAL A 58  . ? 1_555 ? 
4  AC1 12 ARG A 59  ? ARG A 59  . ? 1_555 ? 
5  AC1 12 VAL A 76  ? VAL A 76  . ? 1_555 ? 
6  AC1 12 ASP A 77  ? ASP A 77  . ? 1_555 ? 
7  AC1 12 GLY A 78  ? GLY A 78  . ? 1_555 ? 
8  AC1 12 LEU A 120 ? LEU A 120 . ? 1_555 ? 
9  AC1 12 ARG A 131 ? ARG A 131 . ? 1_555 ? 
10 AC1 12 TYR A 133 ? TYR A 133 . ? 1_555 ? 
11 AC1 12 HOH C .   ? HOH A 303 . ? 1_555 ? 
12 AC1 12 HOH C .   ? HOH A 306 . ? 1_555 ? 
# 
_atom_sites.entry_id                    2CBR 
_atom_sites.fract_transf_matrix[1][1]   0.00377657 
_atom_sites.fract_transf_matrix[1][2]   -0.00763601 
_atom_sites.fract_transf_matrix[1][3]   0.00149983 
_atom_sites.fract_transf_matrix[2][1]   -0.00468225 
_atom_sites.fract_transf_matrix[2][2]   -0.00726705 
_atom_sites.fract_transf_matrix[2][3]   -0.00026773 
_atom_sites.fract_transf_matrix[3][1]   0.00492440 
_atom_sites.fract_transf_matrix[3][2]   -0.00228705 
_atom_sites.fract_transf_matrix[3][3]   -0.02404356 
_atom_sites.fract_transf_vector[1]      0.520931 
_atom_sites.fract_transf_vector[2]      0.639312 
_atom_sites.fract_transf_vector[3]      0.366326 
# 
loop_
_atom_type.symbol 
C 
N 
O 
S 
# 
loop_
_atom_site.group_PDB 
_atom_site.id 
_atom_site.type_symbol 
_atom_site.label_atom_id 
_atom_site.label_alt_id 
_atom_site.label_comp_id 
_atom_site.label_asym_id 
_atom_site.label_entity_id 
_atom_site.label_seq_id 
_atom_site.pdbx_PDB_ins_code 
_atom_site.Cartn_x 
_atom_site.Cartn_y 
_atom_site.Cartn_z 
_atom_site.occupancy 
_atom_site.B_iso_or_equiv 
_atom_site.pdbx_formal_charge 
_atom_site.auth_seq_id 
_atom_site.auth_comp_id 
_atom_site.auth_asym_id 
_atom_site.auth_atom_id 
_atom_site.pdbx_PDB_model_num 
ATOM   1    N N   . PRO A 1 1   ? 4.012   14.262  -11.614 1.00 66.74  ? 1   PRO A N   1 
ATOM   2    C CA  . PRO A 1 1   ? 2.646   13.704  -11.489 1.00 66.74  ? 1   PRO A CA  1 
ATOM   3    C C   . PRO A 1 1   ? 2.003   14.029  -10.142 1.00 66.74  ? 1   PRO A C   1 
ATOM   4    O O   . PRO A 1 1   ? 2.677   14.079  -9.114  1.00 66.74  ? 1   PRO A O   1 
ATOM   5    C CB  . PRO A 1 1   ? 2.792   12.200  -11.688 1.00 101.16 ? 1   PRO A CB  1 
ATOM   6    C CG  . PRO A 1 1   ? 4.252   11.990  -11.223 1.00 101.16 ? 1   PRO A CG  1 
ATOM   7    C CD  . PRO A 1 1   ? 4.939   13.163  -11.927 1.00 101.16 ? 1   PRO A CD  1 
ATOM   8    N N   . ASN A 1 2   ? 0.693   14.242  -10.158 1.00 45.94  ? 2   ASN A N   1 
ATOM   9    C CA  . ASN A 1 2   ? -0.041  14.573  -8.948  1.00 45.94  ? 2   ASN A CA  1 
ATOM   10   C C   . ASN A 1 2   ? -0.862  13.398  -8.410  1.00 45.94  ? 2   ASN A C   1 
ATOM   11   O O   . ASN A 1 2   ? -1.857  13.004  -9.010  1.00 45.94  ? 2   ASN A O   1 
ATOM   12   C CB  . ASN A 1 2   ? -0.962  15.758  -9.224  1.00 95.02  ? 2   ASN A CB  1 
ATOM   13   C CG  . ASN A 1 2   ? -1.815  16.113  -8.035  1.00 95.02  ? 2   ASN A CG  1 
ATOM   14   O OD1 . ASN A 1 2   ? -1.303  16.421  -6.960  1.00 95.02  ? 2   ASN A OD1 1 
ATOM   15   N ND2 . ASN A 1 2   ? -3.130  16.070  -8.218  1.00 95.02  ? 2   ASN A ND2 1 
ATOM   16   N N   . PHE A 1 3   ? -0.438  12.840  -7.279  1.00 29.77  ? 3   PHE A N   1 
ATOM   17   C CA  . PHE A 1 3   ? -1.144  11.721  -6.662  1.00 29.77  ? 3   PHE A CA  1 
ATOM   18   C C   . PHE A 1 3   ? -2.153  12.232  -5.636  1.00 29.77  ? 3   PHE A C   1 
ATOM   19   O O   . PHE A 1 3   ? -2.963  11.466  -5.100  1.00 29.77  ? 3   PHE A O   1 
ATOM   20   C CB  . PHE A 1 3   ? -0.170  10.789  -5.934  1.00 19.30  ? 3   PHE A CB  1 
ATOM   21   C CG  . PHE A 1 3   ? 0.804   10.083  -6.829  1.00 19.30  ? 3   PHE A CG  1 
ATOM   22   C CD1 . PHE A 1 3   ? 1.816   10.778  -7.476  1.00 19.30  ? 3   PHE A CD1 1 
ATOM   23   C CD2 . PHE A 1 3   ? 0.736   8.703   -6.984  1.00 19.30  ? 3   PHE A CD2 1 
ATOM   24   C CE1 . PHE A 1 3   ? 2.749   10.108  -8.257  1.00 19.30  ? 3   PHE A CE1 1 
ATOM   25   C CE2 . PHE A 1 3   ? 1.665   8.028   -7.763  1.00 19.30  ? 3   PHE A CE2 1 
ATOM   26   C CZ  . PHE A 1 3   ? 2.672   8.733   -8.398  1.00 19.30  ? 3   PHE A CZ  1 
ATOM   27   N N   . ALA A 1 4   ? -2.081  13.527  -5.353  1.00 35.16  ? 4   ALA A N   1 
ATOM   28   C CA  . ALA A 1 4   ? -2.959  14.147  -4.373  1.00 35.16  ? 4   ALA A CA  1 
ATOM   29   C C   . ALA A 1 4   ? -4.438  14.095  -4.724  1.00 35.16  ? 4   ALA A C   1 
ATOM   30   O O   . ALA A 1 4   ? -4.830  14.156  -5.893  1.00 35.16  ? 4   ALA A O   1 
ATOM   31   C CB  . ALA A 1 4   ? -2.545  15.575  -4.146  1.00 6.86   ? 4   ALA A CB  1 
ATOM   32   N N   . GLY A 1 5   ? -5.251  13.989  -3.680  1.00 35.80  ? 5   GLY A N   1 
ATOM   33   C CA  . GLY A 1 5   ? -6.684  13.931  -3.854  1.00 35.80  ? 5   GLY A CA  1 
ATOM   34   C C   . GLY A 1 5   ? -7.288  12.826  -3.022  1.00 35.80  ? 5   GLY A C   1 
ATOM   35   O O   . GLY A 1 5   ? -6.649  12.270  -2.128  1.00 35.80  ? 5   GLY A O   1 
ATOM   36   N N   . THR A 1 6   ? -8.544  12.519  -3.308  1.00 31.05  ? 6   THR A N   1 
ATOM   37   C CA  . THR A 1 6   ? -9.249  11.463  -2.607  1.00 31.05  ? 6   THR A CA  1 
ATOM   38   C C   . THR A 1 6   ? -9.582  10.372  -3.637  1.00 31.05  ? 6   THR A C   1 
ATOM   39   O O   . THR A 1 6   ? -10.072 10.665  -4.728  1.00 31.05  ? 6   THR A O   1 
ATOM   40   C CB  . THR A 1 6   ? -10.501 12.035  -1.924  1.00 38.08  ? 6   THR A CB  1 
ATOM   41   O OG1 . THR A 1 6   ? -11.365 10.968  -1.524  1.00 38.08  ? 6   THR A OG1 1 
ATOM   42   C CG2 . THR A 1 6   ? -11.221 12.983  -2.854  1.00 38.08  ? 6   THR A CG2 1 
ATOM   43   N N   . TRP A 1 7   ? -9.277  9.118   -3.298  1.00 27.42  ? 7   TRP A N   1 
ATOM   44   C CA  . TRP A 1 7   ? -9.508  7.997   -4.209  1.00 27.42  ? 7   TRP A CA  1 
ATOM   45   C C   . TRP A 1 7   ? -10.330 6.858   -3.623  1.00 27.42  ? 7   TRP A C   1 
ATOM   46   O O   . TRP A 1 7   ? -10.269 6.575   -2.422  1.00 27.42  ? 7   TRP A O   1 
ATOM   47   C CB  . TRP A 1 7   ? -8.183  7.380   -4.666  1.00 15.47  ? 7   TRP A CB  1 
ATOM   48   C CG  . TRP A 1 7   ? -7.139  8.335   -5.110  1.00 15.47  ? 7   TRP A CG  1 
ATOM   49   C CD1 . TRP A 1 7   ? -6.386  9.160   -4.320  1.00 15.47  ? 7   TRP A CD1 1 
ATOM   50   C CD2 . TRP A 1 7   ? -6.689  8.540   -6.451  1.00 15.47  ? 7   TRP A CD2 1 
ATOM   51   N NE1 . TRP A 1 7   ? -5.490  9.866   -5.091  1.00 15.47  ? 7   TRP A NE1 1 
ATOM   52   C CE2 . TRP A 1 7   ? -5.655  9.505   -6.403  1.00 15.47  ? 7   TRP A CE2 1 
ATOM   53   C CE3 . TRP A 1 7   ? -7.058  8.001   -7.694  1.00 15.47  ? 7   TRP A CE3 1 
ATOM   54   C CZ2 . TRP A 1 7   ? -4.987  9.943   -7.548  1.00 15.47  ? 7   TRP A CZ2 1 
ATOM   55   C CZ3 . TRP A 1 7   ? -6.392  8.436   -8.835  1.00 15.47  ? 7   TRP A CZ3 1 
ATOM   56   C CH2 . TRP A 1 7   ? -5.368  9.399   -8.752  1.00 15.47  ? 7   TRP A CH2 1 
ATOM   57   N N   . LYS A 1 8   ? -11.076 6.186   -4.497  1.00 23.29  ? 8   LYS A N   1 
ATOM   58   C CA  . LYS A 1 8   ? -11.885 5.038   -4.109  1.00 23.29  ? 8   LYS A CA  1 
ATOM   59   C C   . LYS A 1 8   ? -11.529 3.867   -5.012  1.00 23.29  ? 8   LYS A C   1 
ATOM   60   O O   . LYS A 1 8   ? -11.137 4.051   -6.168  1.00 23.29  ? 8   LYS A O   1 
ATOM   61   C CB  . LYS A 1 8   ? -13.385 5.353   -4.210  1.00 57.33  ? 8   LYS A CB  1 
ATOM   62   C CG  . LYS A 1 8   ? -13.865 5.880   -5.553  1.00 57.33  ? 8   LYS A CG  1 
ATOM   63   C CD  . LYS A 1 8   ? -15.361 6.205   -5.508  1.00 57.33  ? 8   LYS A CD  1 
ATOM   64   C CE  . LYS A 1 8   ? -15.855 6.976   -6.725  1.00 57.33  ? 8   LYS A CE  1 
ATOM   65   N NZ  . LYS A 1 8   ? -17.207 7.528   -6.541  1.00 57.33  ? 8   LYS A NZ  1 
ATOM   66   N N   . MET A 1 9   ? -11.684 2.664   -4.486  1.00 18.22  ? 9   MET A N   1 
ATOM   67   C CA  . MET A 1 9   ? -11.227 1.482   -5.224  1.00 18.22  ? 9   MET A CA  1 
ATOM   68   C C   . MET A 1 9   ? -12.193 0.982   -6.294  1.00 18.22  ? 9   MET A C   1 
ATOM   69   O O   . MET A 1 9   ? -13.391 0.766   -6.028  1.00 18.22  ? 9   MET A O   1 
ATOM   70   C CB  . MET A 1 9   ? -10.947 0.309   -4.315  1.00 36.89  ? 9   MET A CB  1 
ATOM   71   C CG  . MET A 1 9   ? -10.095 -0.736  -5.028  1.00 36.89  ? 9   MET A CG  1 
ATOM   72   S SD  . MET A 1 9   ? -9.619  -2.063  -3.966  1.00 36.89  ? 9   MET A SD  1 
ATOM   73   C CE  . MET A 1 9   ? -11.045 -2.636  -3.075  1.00 36.89  ? 9   MET A CE  1 
ATOM   74   N N   . ARG A 1 10  ? -11.566 0.804   -7.459  1.00 23.76  ? 10  ARG A N   1 
ATOM   75   C CA  . ARG A 1 10  ? -12.217 0.307   -8.672  1.00 23.76  ? 10  ARG A CA  1 
ATOM   76   C C   . ARG A 1 10  ? -12.095 -1.208  -8.743  1.00 23.76  ? 10  ARG A C   1 
ATOM   77   O O   . ARG A 1 10  ? -13.014 -1.898  -9.182  1.00 23.76  ? 10  ARG A O   1 
ATOM   78   C CB  . ARG A 1 10  ? -11.604 0.914   -9.933  1.00 51.61  ? 10  ARG A CB  1 
ATOM   79   C CG  . ARG A 1 10  ? -12.420 0.587   -11.192 1.00 51.61  ? 10  ARG A CG  1 
ATOM   80   C CD  . ARG A 1 10  ? -12.045 1.451   -12.396 1.00 51.61  ? 10  ARG A CD  1 
ATOM   81   N NE  . ARG A 1 10  ? -10.689 1.184   -12.891 1.00 51.61  ? 10  ARG A NE  1 
ATOM   82   C CZ  . ARG A 1 10  ? -10.272 -0.009  -13.332 1.00 51.61  ? 10  ARG A CZ  1 
ATOM   83   N NH1 . ARG A 1 10  ? -11.094 -1.066  -13.344 1.00 51.61  ? 10  ARG A NH1 1 
ATOM   84   N NH2 . ARG A 1 10  ? -9.032  -0.240  -13.786 1.00 51.61  ? 10  ARG A NH2 1 
ATOM   85   N N   . SER A 1 11  ? -10.954 -1.733  -8.321  1.00 21.93  ? 11  SER A N   1 
ATOM   86   C CA  . SER A 1 11  ? -10.783 -3.172  -8.327  1.00 21.93  ? 11  SER A CA  1 
ATOM   87   C C   . SER A 1 11  ? -9.565  -3.615  -7.558  1.00 21.93  ? 11  SER A C   1 
ATOM   88   O O   . SER A 1 11  ? -8.558  -2.907  -7.481  1.00 21.93  ? 11  SER A O   1 
ATOM   89   C CB  . SER A 1 11  ? -10.697 -3.716  -9.747  1.00 22.91  ? 11  SER A CB  1 
ATOM   90   O OG  . SER A 1 11  ? -9.541  -3.257  -10.400 1.00 22.91  ? 11  SER A OG  1 
ATOM   91   N N   . SER A 1 12  ? -9.686  -4.806  -6.984  1.00 21.61  ? 12  SER A N   1 
ATOM   92   C CA  . SER A 1 12  ? -8.627  -5.421  -6.206  1.00 21.61  ? 12  SER A CA  1 
ATOM   93   C C   . SER A 1 12  ? -8.395  -6.785  -6.851  1.00 21.61  ? 12  SER A C   1 
ATOM   94   O O   . SER A 1 12  ? -9.288  -7.339  -7.484  1.00 21.61  ? 12  SER A O   1 
ATOM   95   C CB  . SER A 1 12  ? -9.073  -5.574  -4.748  1.00 14.87  ? 12  SER A CB  1 
ATOM   96   O OG  . SER A 1 12  ? -8.052  -6.128  -3.947  1.00 14.87  ? 12  SER A OG  1 
ATOM   97   N N   . GLU A 1 13  ? -7.192  -7.317  -6.709  1.00 29.03  ? 13  GLU A N   1 
ATOM   98   C CA  . GLU A 1 13  ? -6.885  -8.606  -7.293  1.00 29.03  ? 13  GLU A CA  1 
ATOM   99   C C   . GLU A 1 13  ? -5.825  -9.297  -6.435  1.00 29.03  ? 13  GLU A C   1 
ATOM   100  O O   . GLU A 1 13  ? -4.726  -8.784  -6.256  1.00 29.03  ? 13  GLU A O   1 
ATOM   101  C CB  . GLU A 1 13  ? -6.409  -8.388  -8.724  1.00 86.69  ? 13  GLU A CB  1 
ATOM   102  C CG  . GLU A 1 13  ? -6.375  -9.622  -9.577  1.00 86.69  ? 13  GLU A CG  1 
ATOM   103  C CD  . GLU A 1 13  ? -6.159  -9.279  -11.033 1.00 86.69  ? 13  GLU A CD  1 
ATOM   104  O OE1 . GLU A 1 13  ? -6.990  -8.515  -11.573 1.00 86.69  ? 13  GLU A OE1 1 
ATOM   105  O OE2 . GLU A 1 13  ? -5.171  -9.767  -11.632 1.00 86.69  ? 13  GLU A OE2 1 
ATOM   106  N N   . ASN A 1 14  ? -6.188  -10.451 -5.880  1.00 19.76  ? 14  ASN A N   1 
ATOM   107  C CA  . ASN A 1 14  ? -5.302  -11.245 -5.026  1.00 19.76  ? 14  ASN A CA  1 
ATOM   108  C C   . ASN A 1 14  ? -5.016  -10.674 -3.662  1.00 19.76  ? 14  ASN A C   1 
ATOM   109  O O   . ASN A 1 14  ? -3.978  -10.981 -3.085  1.00 19.76  ? 14  ASN A O   1 
ATOM   110  C CB  . ASN A 1 14  ? -3.954  -11.525 -5.689  1.00 34.29  ? 14  ASN A CB  1 
ATOM   111  C CG  . ASN A 1 14  ? -4.059  -12.509 -6.805  1.00 34.29  ? 14  ASN A CG  1 
ATOM   112  O OD1 . ASN A 1 14  ? -4.694  -13.552 -6.665  1.00 34.29  ? 14  ASN A OD1 1 
ATOM   113  N ND2 . ASN A 1 14  ? -3.420  -12.203 -7.921  1.00 34.29  ? 14  ASN A ND2 1 
ATOM   114  N N   . PHE A 1 15  ? -5.912  -9.855  -3.128  1.00 27.61  ? 15  PHE A N   1 
ATOM   115  C CA  . PHE A 1 15  ? -5.649  -9.317  -1.806  1.00 27.61  ? 15  PHE A CA  1 
ATOM   116  C C   . PHE A 1 15  ? -5.652  -10.459 -0.790  1.00 27.61  ? 15  PHE A C   1 
ATOM   117  O O   . PHE A 1 15  ? -4.859  -10.467 0.155   1.00 27.61  ? 15  PHE A O   1 
ATOM   118  C CB  . PHE A 1 15  ? -6.688  -8.272  -1.407  1.00 23.56  ? 15  PHE A CB  1 
ATOM   119  C CG  . PHE A 1 15  ? -6.350  -7.565  -0.130  1.00 23.56  ? 15  PHE A CG  1 
ATOM   120  C CD1 . PHE A 1 15  ? -5.173  -6.834  -0.027  1.00 23.56  ? 15  PHE A CD1 1 
ATOM   121  C CD2 . PHE A 1 15  ? -7.181  -7.652  0.979   1.00 23.56  ? 15  PHE A CD2 1 
ATOM   122  C CE1 . PHE A 1 15  ? -4.825  -6.201  1.159   1.00 23.56  ? 15  PHE A CE1 1 
ATOM   123  C CE2 . PHE A 1 15  ? -6.840  -7.020  2.173   1.00 23.56  ? 15  PHE A CE2 1 
ATOM   124  C CZ  . PHE A 1 15  ? -5.659  -6.291  2.262   1.00 23.56  ? 15  PHE A CZ  1 
ATOM   125  N N   . ASP A 1 16  ? -6.529  -11.437 -0.994  1.00 30.63  ? 16  ASP A N   1 
ATOM   126  C CA  . ASP A 1 16  ? -6.601  -12.555 -0.069  1.00 30.63  ? 16  ASP A CA  1 
ATOM   127  C C   . ASP A 1 16  ? -5.359  -13.432 -0.203  1.00 30.63  ? 16  ASP A C   1 
ATOM   128  O O   . ASP A 1 16  ? -4.778  -13.835 0.803   1.00 30.63  ? 16  ASP A O   1 
ATOM   129  C CB  . ASP A 1 16  ? -7.884  -13.363 -0.302  1.00 65.03  ? 16  ASP A CB  1 
ATOM   130  C CG  . ASP A 1 16  ? -8.085  -14.465 0.734   1.00 65.03  ? 16  ASP A CG  1 
ATOM   131  O OD1 . ASP A 1 16  ? -7.404  -15.507 0.646   1.00 65.03  ? 16  ASP A OD1 1 
ATOM   132  O OD2 . ASP A 1 16  ? -8.911  -14.283 1.650   1.00 65.03  ? 16  ASP A OD2 1 
ATOM   133  N N   . GLU A 1 17  ? -4.942  -13.717 -1.434  1.00 29.16  ? 17  GLU A N   1 
ATOM   134  C CA  . GLU A 1 17  ? -3.745  -14.528 -1.649  1.00 29.16  ? 17  GLU A CA  1 
ATOM   135  C C   . GLU A 1 17  ? -2.534  -13.845 -1.020  1.00 29.16  ? 17  GLU A C   1 
ATOM   136  O O   . GLU A 1 17  ? -1.616  -14.506 -0.533  1.00 29.16  ? 17  GLU A O   1 
ATOM   137  C CB  . GLU A 1 17  ? -3.491  -14.730 -3.141  1.00 46.63  ? 17  GLU A CB  1 
ATOM   138  C CG  . GLU A 1 17  ? -4.596  -15.482 -3.844  1.00 46.63  ? 17  GLU A CG  1 
ATOM   139  C CD  . GLU A 1 17  ? -4.914  -16.800 -3.160  1.00 46.63  ? 17  GLU A CD  1 
ATOM   140  O OE1 . GLU A 1 17  ? -3.980  -17.613 -2.970  1.00 46.63  ? 17  GLU A OE1 1 
ATOM   141  O OE2 . GLU A 1 17  ? -6.097  -17.019 -2.812  1.00 46.63  ? 17  GLU A OE2 1 
ATOM   142  N N   . LEU A 1 18  ? -2.536  -12.515 -1.038  1.00 29.00  ? 18  LEU A N   1 
ATOM   143  C CA  . LEU A 1 18  ? -1.449  -11.744 -0.462  1.00 29.00  ? 18  LEU A CA  1 
ATOM   144  C C   . LEU A 1 18  ? -1.419  -12.024 1.028   1.00 29.00  ? 18  LEU A C   1 
ATOM   145  O O   . LEU A 1 18  ? -0.370  -12.341 1.593   1.00 29.00  ? 18  LEU A O   1 
ATOM   146  C CB  . LEU A 1 18  ? -1.680  -10.251 -0.675  1.00 13.45  ? 18  LEU A CB  1 
ATOM   147  C CG  . LEU A 1 18  ? -0.560  -9.345  -0.145  1.00 13.45  ? 18  LEU A CG  1 
ATOM   148  C CD1 . LEU A 1 18  ? 0.643   -9.466  -1.063  1.00 13.45  ? 18  LEU A CD1 1 
ATOM   149  C CD2 . LEU A 1 18  ? -1.034  -7.902  -0.081  1.00 13.45  ? 18  LEU A CD2 1 
ATOM   150  N N   . LEU A 1 19  ? -2.575  -11.884 1.666   1.00 30.76  ? 19  LEU A N   1 
ATOM   151  C CA  . LEU A 1 19  ? -2.674  -12.133 3.100   1.00 30.76  ? 19  LEU A CA  1 
ATOM   152  C C   . LEU A 1 19  ? -2.319  -13.587 3.435   1.00 30.76  ? 19  LEU A C   1 
ATOM   153  O O   . LEU A 1 19  ? -1.829  -13.866 4.527   1.00 30.76  ? 19  LEU A O   1 
ATOM   154  C CB  . LEU A 1 19  ? -4.079  -11.791 3.608   1.00 27.26  ? 19  LEU A CB  1 
ATOM   155  C CG  . LEU A 1 19  ? -4.489  -10.326 3.476   1.00 27.26  ? 19  LEU A CG  1 
ATOM   156  C CD1 . LEU A 1 19  ? -5.922  -10.174 3.948   1.00 27.26  ? 19  LEU A CD1 1 
ATOM   157  C CD2 . LEU A 1 19  ? -3.554  -9.443  4.292   1.00 27.26  ? 19  LEU A CD2 1 
ATOM   158  N N   . LYS A 1 20  ? -2.573  -14.507 2.501   1.00 36.83  ? 20  LYS A N   1 
ATOM   159  C CA  . LYS A 1 20  ? -2.224  -15.913 2.697   1.00 36.83  ? 20  LYS A CA  1 
ATOM   160  C C   . LYS A 1 20  ? -0.716  -15.964 2.782   1.00 36.83  ? 20  LYS A C   1 
ATOM   161  O O   . LYS A 1 20  ? -0.147  -16.419 3.772   1.00 36.83  ? 20  LYS A O   1 
ATOM   162  C CB  . LYS A 1 20  ? -2.620  -16.786 1.507   1.00 83.46  ? 20  LYS A CB  1 
ATOM   163  C CG  . LYS A 1 20  ? -4.052  -17.211 1.428   1.00 83.46  ? 20  LYS A CG  1 
ATOM   164  C CD  . LYS A 1 20  ? -4.208  -18.223 0.308   1.00 83.46  ? 20  LYS A CD  1 
ATOM   165  C CE  . LYS A 1 20  ? -5.625  -18.751 0.215   1.00 83.46  ? 20  LYS A CE  1 
ATOM   166  N NZ  . LYS A 1 20  ? -5.754  -19.749 -0.887  1.00 83.46  ? 20  LYS A NZ  1 
ATOM   167  N N   . ALA A 1 21  ? -0.079  -15.495 1.716   1.00 42.77  ? 21  ALA A N   1 
ATOM   168  C CA  . ALA A 1 21  ? 1.372   -15.476 1.616   1.00 42.77  ? 21  ALA A CA  1 
ATOM   169  C C   . ALA A 1 21  ? 2.054   -14.868 2.839   1.00 42.77  ? 21  ALA A C   1 
ATOM   170  O O   . ALA A 1 21  ? 3.178   -15.238 3.168   1.00 42.77  ? 21  ALA A O   1 
ATOM   171  C CB  . ALA A 1 21  ? 1.784   -14.728 0.362   1.00 42.33  ? 21  ALA A CB  1 
ATOM   172  N N   . LEU A 1 22  ? 1.383   -13.943 3.514   1.00 36.47  ? 22  LEU A N   1 
ATOM   173  C CA  . LEU A 1 22  ? 1.958   -13.311 4.696   1.00 36.47  ? 22  LEU A CA  1 
ATOM   174  C C   . LEU A 1 22  ? 1.586   -14.045 5.985   1.00 36.47  ? 22  LEU A C   1 
ATOM   175  O O   . LEU A 1 22  ? 1.921   -13.596 7.085   1.00 36.47  ? 22  LEU A O   1 
ATOM   176  C CB  . LEU A 1 22  ? 1.508   -11.852 4.782   1.00 29.56  ? 22  LEU A CB  1 
ATOM   177  C CG  . LEU A 1 22  ? 1.903   -11.023 3.563   1.00 29.56  ? 22  LEU A CG  1 
ATOM   178  C CD1 . LEU A 1 22  ? 1.406   -9.602  3.731   1.00 29.56  ? 22  LEU A CD1 1 
ATOM   179  C CD2 . LEU A 1 22  ? 3.413   -11.060 3.393   1.00 29.56  ? 22  LEU A CD2 1 
ATOM   180  N N   . GLY A 1 23  ? 0.878   -15.162 5.832   1.00 48.98  ? 23  GLY A N   1 
ATOM   181  C CA  . GLY A 1 23  ? 0.467   -15.973 6.967   1.00 48.98  ? 23  GLY A CA  1 
ATOM   182  C C   . GLY A 1 23  ? -0.595  -15.421 7.904   1.00 48.98  ? 23  GLY A C   1 
ATOM   183  O O   . GLY A 1 23  ? -0.519  -15.639 9.114   1.00 48.98  ? 23  GLY A O   1 
ATOM   184  N N   . VAL A 1 24  ? -1.591  -14.723 7.373   1.00 42.45  ? 24  VAL A N   1 
ATOM   185  C CA  . VAL A 1 24  ? -2.639  -14.175 8.225   1.00 42.45  ? 24  VAL A CA  1 
ATOM   186  C C   . VAL A 1 24  ? -3.750  -15.197 8.458   1.00 42.45  ? 24  VAL A C   1 
ATOM   187  O O   . VAL A 1 24  ? -4.153  -15.918 7.542   1.00 42.45  ? 24  VAL A O   1 
ATOM   188  C CB  . VAL A 1 24  ? -3.246  -12.898 7.614   1.00 23.97  ? 24  VAL A CB  1 
ATOM   189  C CG1 . VAL A 1 24  ? -4.303  -12.316 8.542   1.00 23.97  ? 24  VAL A CG1 1 
ATOM   190  C CG2 . VAL A 1 24  ? -2.148  -11.887 7.371   1.00 23.97  ? 24  VAL A CG2 1 
ATOM   191  N N   . ASN A 1 25  ? -4.229  -15.252 9.699   1.00 93.03  ? 25  ASN A N   1 
ATOM   192  C CA  . ASN A 1 25  ? -5.291  -16.171 10.088  1.00 93.03  ? 25  ASN A CA  1 
ATOM   193  C C   . ASN A 1 25  ? -6.538  -16.022 9.233   1.00 93.03  ? 25  ASN A C   1 
ATOM   194  O O   . ASN A 1 25  ? -7.058  -14.919 9.069   1.00 93.03  ? 25  ASN A O   1 
ATOM   195  C CB  . ASN A 1 25  ? -5.655  -15.957 11.557  1.00 101.16 ? 25  ASN A CB  1 
ATOM   196  C CG  . ASN A 1 25  ? -6.990  -16.570 11.917  1.00 101.16 ? 25  ASN A CG  1 
ATOM   197  O OD1 . ASN A 1 25  ? -7.243  -17.740 11.638  1.00 101.16 ? 25  ASN A OD1 1 
ATOM   198  N ND2 . ASN A 1 25  ? -7.851  -15.780 12.545  1.00 101.16 ? 25  ASN A ND2 1 
ATOM   199  N N   . ALA A 1 26  ? -7.018  -17.144 8.701   1.00 55.46  ? 26  ALA A N   1 
ATOM   200  C CA  . ALA A 1 26  ? -8.209  -17.161 7.859   1.00 55.46  ? 26  ALA A CA  1 
ATOM   201  C C   . ALA A 1 26  ? -9.344  -16.280 8.397   1.00 55.46  ? 26  ALA A C   1 
ATOM   202  O O   . ALA A 1 26  ? -10.071 -15.659 7.616   1.00 55.46  ? 26  ALA A O   1 
ATOM   203  C CB  . ALA A 1 26  ? -8.698  -18.596 7.678   1.00 19.19  ? 26  ALA A CB  1 
ATOM   204  N N   . MET A 1 27  ? -9.508  -16.219 9.718   1.00 50.57  ? 27  MET A N   1 
ATOM   205  C CA  . MET A 1 27  ? -10.569 -15.383 10.269  1.00 50.57  ? 27  MET A CA  1 
ATOM   206  C C   . MET A 1 27  ? -10.222 -13.908 10.210  1.00 50.57  ? 27  MET A C   1 
ATOM   207  O O   . MET A 1 27  ? -11.114 -13.057 10.126  1.00 50.57  ? 27  MET A O   1 
ATOM   208  C CB  . MET A 1 27  ? -10.910 -15.771 11.705  1.00 100.96 ? 27  MET A CB  1 
ATOM   209  C CG  . MET A 1 27  ? -11.745 -17.025 11.798  1.00 100.96 ? 27  MET A CG  1 
ATOM   210  S SD  . MET A 1 27  ? -12.480 -17.192 13.415  1.00 100.96 ? 27  MET A SD  1 
ATOM   211  C CE  . MET A 1 27  ? -11.022 -17.253 14.451  1.00 100.96 ? 27  MET A CE  1 
ATOM   212  N N   . LEU A 1 28  ? -8.930  -13.600 10.265  1.00 41.17  ? 28  LEU A N   1 
ATOM   213  C CA  . LEU A 1 28  ? -8.497  -12.214 10.172  1.00 41.17  ? 28  LEU A CA  1 
ATOM   214  C C   . LEU A 1 28  ? -8.641  -11.762 8.719   1.00 41.17  ? 28  LEU A C   1 
ATOM   215  O O   . LEU A 1 28  ? -9.118  -10.659 8.445   1.00 41.17  ? 28  LEU A O   1 
ATOM   216  C CB  . LEU A 1 28  ? -7.050  -12.071 10.649  1.00 43.09  ? 28  LEU A CB  1 
ATOM   217  C CG  . LEU A 1 28  ? -6.837  -12.184 12.160  1.00 43.09  ? 28  LEU A CG  1 
ATOM   218  C CD1 . LEU A 1 28  ? -5.353  -12.093 12.460  1.00 43.09  ? 28  LEU A CD1 1 
ATOM   219  C CD2 . LEU A 1 28  ? -7.606  -11.074 12.877  1.00 43.09  ? 28  LEU A CD2 1 
ATOM   220  N N   . ARG A 1 29  ? -8.238  -12.632 7.793   1.00 38.38  ? 29  ARG A N   1 
ATOM   221  C CA  . ARG A 1 29  ? -8.349  -12.351 6.366   1.00 38.38  ? 29  ARG A CA  1 
ATOM   222  C C   . ARG A 1 29  ? -9.805  -12.056 6.017   1.00 38.38  ? 29  ARG A C   1 
ATOM   223  O O   . ARG A 1 29  ? -10.100 -11.144 5.243   1.00 38.38  ? 29  ARG A O   1 
ATOM   224  C CB  . ARG A 1 29  ? -7.862  -13.543 5.541   1.00 46.69  ? 29  ARG A CB  1 
ATOM   225  C CG  . ARG A 1 29  ? -6.377  -13.813 5.651   1.00 46.69  ? 29  ARG A CG  1 
ATOM   226  C CD  . ARG A 1 29  ? -5.983  -14.866 4.652   1.00 46.69  ? 29  ARG A CD  1 
ATOM   227  N NE  . ARG A 1 29  ? -6.527  -16.167 5.002   1.00 46.69  ? 29  ARG A NE  1 
ATOM   228  C CZ  . ARG A 1 29  ? -6.681  -17.157 4.132   1.00 46.69  ? 29  ARG A CZ  1 
ATOM   229  N NH1 . ARG A 1 29  ? -6.330  -16.978 2.872   1.00 46.69  ? 29  ARG A NH1 1 
ATOM   230  N NH2 . ARG A 1 29  ? -7.170  -18.325 4.517   1.00 46.69  ? 29  ARG A NH2 1 
ATOM   231  N N   . LYS A 1 30  ? -10.712 -12.839 6.595   1.00 37.49  ? 30  LYS A N   1 
ATOM   232  C CA  . LYS A 1 30  ? -12.141 -12.668 6.372   1.00 37.49  ? 30  LYS A CA  1 
ATOM   233  C C   . LYS A 1 30  ? -12.510 -11.221 6.722   1.00 37.49  ? 30  LYS A C   1 
ATOM   234  O O   . LYS A 1 30  ? -13.216 -10.549 5.967   1.00 37.49  ? 30  LYS A O   1 
ATOM   235  C CB  . LYS A 1 30  ? -12.916 -13.655 7.252   1.00 83.12  ? 30  LYS A CB  1 
ATOM   236  C CG  . LYS A 1 30  ? -14.419 -13.680 7.034   1.00 83.12  ? 30  LYS A CG  1 
ATOM   237  C CD  . LYS A 1 30  ? -15.074 -14.714 7.945   1.00 83.12  ? 30  LYS A CD  1 
ATOM   238  C CE  . LYS A 1 30  ? -16.587 -14.768 7.762   1.00 83.12  ? 30  LYS A CE  1 
ATOM   239  N NZ  . LYS A 1 30  ? -17.231 -15.761 8.676   1.00 83.12  ? 30  LYS A NZ  1 
ATOM   240  N N   . VAL A 1 31  ? -12.004 -10.740 7.856   1.00 33.96  ? 31  VAL A N   1 
ATOM   241  C CA  . VAL A 1 31  ? -12.269 -9.374  8.317   1.00 33.96  ? 31  VAL A CA  1 
ATOM   242  C C   . VAL A 1 31  ? -11.575 -8.351  7.414   1.00 33.96  ? 31  VAL A C   1 
ATOM   243  O O   . VAL A 1 31  ? -12.190 -7.387  6.949   1.00 33.96  ? 31  VAL A O   1 
ATOM   244  C CB  . VAL A 1 31  ? -11.755 -9.170  9.758   1.00 36.11  ? 31  VAL A CB  1 
ATOM   245  C CG1 . VAL A 1 31  ? -12.188 -7.814  10.285  1.00 36.11  ? 31  VAL A CG1 1 
ATOM   246  C CG2 . VAL A 1 31  ? -12.260 -10.276 10.645  1.00 36.11  ? 31  VAL A CG2 1 
ATOM   247  N N   . ALA A 1 32  ? -10.284 -8.576  7.178   1.00 29.22  ? 32  ALA A N   1 
ATOM   248  C CA  . ALA A 1 32  ? -9.472  -7.693  6.343   1.00 29.22  ? 32  ALA A CA  1 
ATOM   249  C C   . ALA A 1 32  ? -10.043 -7.549  4.935   1.00 29.22  ? 32  ALA A C   1 
ATOM   250  O O   . ALA A 1 32  ? -10.326 -6.439  4.476   1.00 29.22  ? 32  ALA A O   1 
ATOM   251  C CB  . ALA A 1 32  ? -8.046  -8.219  6.277   1.00 23.12  ? 32  ALA A CB  1 
ATOM   252  N N   . VAL A 1 33  ? -10.210 -8.675  4.249   1.00 30.14  ? 33  VAL A N   1 
ATOM   253  C CA  . VAL A 1 33  ? -10.750 -8.654  2.899   1.00 30.14  ? 33  VAL A CA  1 
ATOM   254  C C   . VAL A 1 33  ? -12.040 -7.863  2.858   1.00 30.14  ? 33  VAL A C   1 
ATOM   255  O O   . VAL A 1 33  ? -12.284 -7.094  1.928   1.00 30.14  ? 33  VAL A O   1 
ATOM   256  C CB  . VAL A 1 33  ? -11.040 -10.070 2.383   1.00 10.95  ? 33  VAL A CB  1 
ATOM   257  C CG1 . VAL A 1 33  ? -11.689 -9.986  1.011   1.00 10.95  ? 33  VAL A CG1 1 
ATOM   258  C CG2 . VAL A 1 33  ? -9.744  -10.879 2.311   1.00 10.95  ? 33  VAL A CG2 1 
ATOM   259  N N   . ALA A 1 34  ? -12.863 -8.062  3.877   1.00 24.93  ? 34  ALA A N   1 
ATOM   260  C CA  . ALA A 1 34  ? -14.137 -7.365  3.979   1.00 24.93  ? 34  ALA A CA  1 
ATOM   261  C C   . ALA A 1 34  ? -13.909 -5.868  4.059   1.00 24.93  ? 34  ALA A C   1 
ATOM   262  O O   . ALA A 1 34  ? -14.439 -5.106  3.250   1.00 24.93  ? 34  ALA A O   1 
ATOM   263  C CB  . ALA A 1 34  ? -14.893 -7.838  5.209   1.00 38.59  ? 34  ALA A CB  1 
ATOM   264  N N   . ALA A 1 35  ? -13.113 -5.447  5.036   1.00 31.22  ? 35  ALA A N   1 
ATOM   265  C CA  . ALA A 1 35  ? -12.836 -4.028  5.220   1.00 31.22  ? 35  ALA A CA  1 
ATOM   266  C C   . ALA A 1 35  ? -12.166 -3.413  4.002   1.00 31.22  ? 35  ALA A C   1 
ATOM   267  O O   . ALA A 1 35  ? -12.528 -2.314  3.573   1.00 31.22  ? 35  ALA A O   1 
ATOM   268  C CB  . ALA A 1 35  ? -11.963 -3.823  6.447   1.00 33.39  ? 35  ALA A CB  1 
ATOM   269  N N   . ALA A 1 36  ? -11.198 -4.134  3.443   1.00 33.22  ? 36  ALA A N   1 
ATOM   270  C CA  . ALA A 1 36  ? -10.445 -3.653  2.291   1.00 33.22  ? 36  ALA A CA  1 
ATOM   271  C C   . ALA A 1 36  ? -11.277 -3.420  1.031   1.00 33.22  ? 36  ALA A C   1 
ATOM   272  O O   . ALA A 1 36  ? -10.817 -2.759  0.109   1.00 33.22  ? 36  ALA A O   1 
ATOM   273  C CB  . ALA A 1 36  ? -9.288  -4.609  1.997   1.00 24.10  ? 36  ALA A CB  1 
ATOM   274  N N   . SER A 1 37  ? -12.496 -3.948  0.994   1.00 28.26  ? 37  SER A N   1 
ATOM   275  C CA  . SER A 1 37  ? -13.364 -3.770  -0.176  1.00 28.26  ? 37  SER A CA  1 
ATOM   276  C C   . SER A 1 37  ? -13.817 -2.327  -0.376  1.00 28.26  ? 37  SER A C   1 
ATOM   277  O O   . SER A 1 37  ? -13.928 -1.867  -1.511  1.00 28.26  ? 37  SER A O   1 
ATOM   278  C CB  . SER A 1 37  ? -14.601 -4.651  -0.061  1.00 31.53  ? 37  SER A CB  1 
ATOM   279  O OG  . SER A 1 37  ? -14.229 -6.005  0.041   1.00 31.53  ? 37  SER A OG  1 
ATOM   280  N N   . LYS A 1 38  ? -14.100 -1.629  0.724   1.00 35.32  ? 38  LYS A N   1 
ATOM   281  C CA  . LYS A 1 38  ? -14.542 -0.236  0.655   1.00 35.32  ? 38  LYS A CA  1 
ATOM   282  C C   . LYS A 1 38  ? -13.549 0.707   1.339   1.00 35.32  ? 38  LYS A C   1 
ATOM   283  O O   . LYS A 1 38  ? -13.879 1.358   2.334   1.00 35.32  ? 38  LYS A O   1 
ATOM   284  C CB  . LYS A 1 38  ? -15.916 -0.046  1.317   1.00 81.71  ? 38  LYS A CB  1 
ATOM   285  C CG  . LYS A 1 38  ? -17.108 -0.744  0.658   1.00 81.71  ? 38  LYS A CG  1 
ATOM   286  C CD  . LYS A 1 38  ? -17.160 -2.239  0.948   1.00 81.71  ? 38  LYS A CD  1 
ATOM   287  C CE  . LYS A 1 38  ? -18.459 -2.849  0.421   1.00 81.71  ? 38  LYS A CE  1 
ATOM   288  N NZ  . LYS A 1 38  ? -18.595 -4.291  0.768   1.00 81.71  ? 38  LYS A NZ  1 
ATOM   289  N N   . PRO A 1 39  ? -12.316 0.785   0.826   1.00 31.24  ? 39  PRO A N   1 
ATOM   290  C CA  . PRO A 1 39  ? -11.325 1.672   1.441   1.00 31.24  ? 39  PRO A CA  1 
ATOM   291  C C   . PRO A 1 39  ? -11.435 3.106   0.924   1.00 31.24  ? 39  PRO A C   1 
ATOM   292  O O   . PRO A 1 39  ? -11.799 3.329   -0.232  1.00 31.24  ? 39  PRO A O   1 
ATOM   293  C CB  . PRO A 1 39  ? -10.020 1.028   1.015   1.00 25.87  ? 39  PRO A CB  1 
ATOM   294  C CG  . PRO A 1 39  ? -10.336 0.724   -0.436  1.00 25.87  ? 39  PRO A CG  1 
ATOM   295  C CD  . PRO A 1 39  ? -11.701 0.034   -0.286  1.00 25.87  ? 39  PRO A CD  1 
ATOM   296  N N   . HIS A 1 40  ? -11.136 4.074   1.785   1.00 21.82  ? 40  HIS A N   1 
ATOM   297  C CA  . HIS A 1 40  ? -11.141 5.473   1.380   1.00 21.82  ? 40  HIS A CA  1 
ATOM   298  C C   . HIS A 1 40  ? -9.679  5.938   1.421   1.00 21.82  ? 40  HIS A C   1 
ATOM   299  O O   . HIS A 1 40  ? -8.982  5.741   2.420   1.00 21.82  ? 40  HIS A O   1 
ATOM   300  C CB  . HIS A 1 40  ? -11.956 6.337   2.334   1.00 55.95  ? 40  HIS A CB  1 
ATOM   301  C CG  . HIS A 1 40  ? -12.089 7.749   1.873   1.00 55.95  ? 40  HIS A CG  1 
ATOM   302  N ND1 . HIS A 1 40  ? -12.151 8.821   2.736   1.00 55.95  ? 40  HIS A ND1 1 
ATOM   303  C CD2 . HIS A 1 40  ? -12.149 8.273   0.620   1.00 55.95  ? 40  HIS A CD2 1 
ATOM   304  C CE1 . HIS A 1 40  ? -12.240 9.942   2.039   1.00 55.95  ? 40  HIS A CE1 1 
ATOM   305  N NE2 . HIS A 1 40  ? -12.241 9.637   0.756   1.00 55.95  ? 40  HIS A NE2 1 
ATOM   306  N N   . VAL A 1 41  ? -9.204  6.553   0.348   1.00 20.46  ? 41  VAL A N   1 
ATOM   307  C CA  . VAL A 1 41  ? -7.815  6.981   0.332   1.00 20.46  ? 41  VAL A CA  1 
ATOM   308  C C   . VAL A 1 41  ? -7.608  8.466   0.122   1.00 20.46  ? 41  VAL A C   1 
ATOM   309  O O   . VAL A 1 41  ? -8.093  9.043   -0.851  1.00 20.46  ? 41  VAL A O   1 
ATOM   310  C CB  . VAL A 1 41  ? -7.010  6.209   -0.747  1.00 21.43  ? 41  VAL A CB  1 
ATOM   311  C CG1 . VAL A 1 41  ? -5.576  6.719   -0.789  1.00 21.43  ? 41  VAL A CG1 1 
ATOM   312  C CG2 . VAL A 1 41  ? -7.019  4.710   -0.426  1.00 21.43  ? 41  VAL A CG2 1 
ATOM   313  N N   . GLU A 1 42  ? -6.871  9.076   1.044   1.00 24.39  ? 42  GLU A N   1 
ATOM   314  C CA  . GLU A 1 42  ? -6.565  10.497  0.966   1.00 24.39  ? 42  GLU A CA  1 
ATOM   315  C C   . GLU A 1 42  ? -5.062  10.665  0.731   1.00 24.39  ? 42  GLU A C   1 
ATOM   316  O O   . GLU A 1 42  ? -4.236  10.092  1.446   1.00 24.39  ? 42  GLU A O   1 
ATOM   317  C CB  . GLU A 1 42  ? -6.957  11.196  2.268   1.00 92.59  ? 42  GLU A CB  1 
ATOM   318  C CG  . GLU A 1 42  ? -6.720  12.700  2.266   1.00 92.59  ? 42  GLU A CG  1 
ATOM   319  C CD  . GLU A 1 42  ? -6.924  13.322  3.638   1.00 92.59  ? 42  GLU A CD  1 
ATOM   320  O OE1 . GLU A 1 42  ? -8.014  13.136  4.218   1.00 92.59  ? 42  GLU A OE1 1 
ATOM   321  O OE2 . GLU A 1 42  ? -5.998  14.001  4.134   1.00 92.59  ? 42  GLU A OE2 1 
ATOM   322  N N   . ILE A 1 43  ? -4.711  11.441  -0.287  1.00 22.44  ? 43  ILE A N   1 
ATOM   323  C CA  . ILE A 1 43  ? -3.312  11.692  -0.584  1.00 22.44  ? 43  ILE A CA  1 
ATOM   324  C C   . ILE A 1 43  ? -3.012  13.181  -0.739  1.00 22.44  ? 43  ILE A C   1 
ATOM   325  O O   . ILE A 1 43  ? -3.609  13.867  -1.573  1.00 22.44  ? 43  ILE A O   1 
ATOM   326  C CB  . ILE A 1 43  ? -2.846  10.987  -1.888  1.00 9.95   ? 43  ILE A CB  1 
ATOM   327  C CG1 . ILE A 1 43  ? -3.003  9.470   -1.763  1.00 9.95   ? 43  ILE A CG1 1 
ATOM   328  C CG2 . ILE A 1 43  ? -1.379  11.351  -2.167  1.00 9.95   ? 43  ILE A CG2 1 
ATOM   329  C CD1 . ILE A 1 43  ? -2.512  8.687   -2.993  1.00 9.95   ? 43  ILE A CD1 1 
ATOM   330  N N   . ARG A 1 44  ? -2.094  13.680  0.082   1.00 37.19  ? 44  ARG A N   1 
ATOM   331  C CA  . ARG A 1 44  ? -1.671  15.070  -0.009  1.00 37.19  ? 44  ARG A CA  1 
ATOM   332  C C   . ARG A 1 44  ? -0.224  14.973  -0.461  1.00 37.19  ? 44  ARG A C   1 
ATOM   333  O O   . ARG A 1 44  ? 0.549   14.195  0.089   1.00 37.19  ? 44  ARG A O   1 
ATOM   334  C CB  . ARG A 1 44  ? -1.770  15.780  1.347   1.00 61.24  ? 44  ARG A CB  1 
ATOM   335  C CG  . ARG A 1 44  ? -3.172  15.807  1.908   1.00 61.24  ? 44  ARG A CG  1 
ATOM   336  C CD  . ARG A 1 44  ? -4.141  16.434  0.921   1.00 61.24  ? 44  ARG A CD  1 
ATOM   337  N NE  . ARG A 1 44  ? -5.522  16.102  1.253   1.00 61.24  ? 44  ARG A NE  1 
ATOM   338  C CZ  . ARG A 1 44  ? -6.564  16.368  0.473   1.00 61.24  ? 44  ARG A CZ  1 
ATOM   339  N NH1 . ARG A 1 44  ? -6.390  16.981  -0.692  1.00 61.24  ? 44  ARG A NH1 1 
ATOM   340  N NH2 . ARG A 1 44  ? -7.781  15.998  0.849   1.00 61.24  ? 44  ARG A NH2 1 
ATOM   341  N N   . GLN A 1 45  ? 0.127   15.737  -1.483  1.00 40.54  ? 45  GLN A N   1 
ATOM   342  C CA  . GLN A 1 45  ? 1.475   15.712  -2.018  1.00 40.54  ? 45  GLN A CA  1 
ATOM   343  C C   . GLN A 1 45  ? 2.063   17.105  -2.213  1.00 40.54  ? 45  GLN A C   1 
ATOM   344  O O   . GLN A 1 45  ? 1.347   18.078  -2.458  1.00 40.54  ? 45  GLN A O   1 
ATOM   345  C CB  . GLN A 1 45  ? 1.482   14.945  -3.343  1.00 31.48  ? 45  GLN A CB  1 
ATOM   346  C CG  . GLN A 1 45  ? 2.705   15.179  -4.211  1.00 31.48  ? 45  GLN A CG  1 
ATOM   347  C CD  . GLN A 1 45  ? 2.633   14.412  -5.519  1.00 31.48  ? 45  GLN A CD  1 
ATOM   348  O OE1 . GLN A 1 45  ? 1.558   14.275  -6.104  1.00 31.48  ? 45  GLN A OE1 1 
ATOM   349  N NE2 . GLN A 1 45  ? 3.778   13.933  -6.002  1.00 31.48  ? 45  GLN A NE2 1 
ATOM   350  N N   . ASP A 1 46  ? 3.382   17.178  -2.085  1.00 31.12  ? 46  ASP A N   1 
ATOM   351  C CA  . ASP A 1 46  ? 4.137   18.410  -2.237  1.00 31.12  ? 46  ASP A CA  1 
ATOM   352  C C   . ASP A 1 46  ? 5.488   17.955  -2.767  1.00 31.12  ? 46  ASP A C   1 
ATOM   353  O O   . ASP A 1 46  ? 6.418   17.730  -1.992  1.00 31.12  ? 46  ASP A O   1 
ATOM   354  C CB  . ASP A 1 46  ? 4.314   19.088  -0.876  1.00 39.50  ? 46  ASP A CB  1 
ATOM   355  C CG  . ASP A 1 46  ? 4.939   20.468  -0.985  1.00 39.50  ? 46  ASP A CG  1 
ATOM   356  O OD1 . ASP A 1 46  ? 5.156   21.102  0.069   1.00 39.50  ? 46  ASP A OD1 1 
ATOM   357  O OD2 . ASP A 1 46  ? 5.208   20.926  -2.116  1.00 39.50  ? 46  ASP A OD2 1 
ATOM   358  N N   . GLY A 1 47  ? 5.597   17.799  -4.082  1.00 31.95  ? 47  GLY A N   1 
ATOM   359  C CA  . GLY A 1 47  ? 6.851   17.333  -4.641  1.00 31.95  ? 47  GLY A CA  1 
ATOM   360  C C   . GLY A 1 47  ? 7.082   15.918  -4.146  1.00 31.95  ? 47  GLY A C   1 
ATOM   361  O O   . GLY A 1 47  ? 6.174   15.096  -4.224  1.00 31.95  ? 47  GLY A O   1 
ATOM   362  N N   . ASP A 1 48  ? 8.270   15.625  -3.622  1.00 31.34  ? 48  ASP A N   1 
ATOM   363  C CA  . ASP A 1 48  ? 8.553   14.286  -3.122  1.00 31.34  ? 48  ASP A CA  1 
ATOM   364  C C   . ASP A 1 48  ? 7.952   14.058  -1.748  1.00 31.34  ? 48  ASP A C   1 
ATOM   365  O O   . ASP A 1 48  ? 8.107   12.984  -1.182  1.00 31.34  ? 48  ASP A O   1 
ATOM   366  C CB  . ASP A 1 48  ? 10.057  14.025  -3.033  1.00 46.64  ? 48  ASP A CB  1 
ATOM   367  C CG  . ASP A 1 48  ? 10.759  14.164  -4.363  1.00 46.64  ? 48  ASP A CG  1 
ATOM   368  O OD1 . ASP A 1 48  ? 10.116  13.956  -5.417  1.00 46.64  ? 48  ASP A OD1 1 
ATOM   369  O OD2 . ASP A 1 48  ? 11.972  14.453  -4.348  1.00 46.64  ? 48  ASP A OD2 1 
ATOM   370  N N   . GLN A 1 49  ? 7.279   15.061  -1.199  1.00 26.30  ? 49  GLN A N   1 
ATOM   371  C CA  . GLN A 1 49  ? 6.676   14.922  0.124   1.00 26.30  ? 49  GLN A CA  1 
ATOM   372  C C   . GLN A 1 49  ? 5.279   14.298  -0.044  1.00 26.30  ? 49  GLN A C   1 
ATOM   373  O O   . GLN A 1 49  ? 4.451   14.812  -0.802  1.00 26.30  ? 49  GLN A O   1 
ATOM   374  C CB  . GLN A 1 49  ? 6.574   16.297  0.796   1.00 71.28  ? 49  GLN A CB  1 
ATOM   375  C CG  . GLN A 1 49  ? 6.170   16.275  2.262   1.00 71.28  ? 49  GLN A CG  1 
ATOM   376  C CD  . GLN A 1 49  ? 7.242   15.695  3.155   1.00 71.28  ? 49  GLN A CD  1 
ATOM   377  O OE1 . GLN A 1 49  ? 8.371   16.189  3.185   1.00 71.28  ? 49  GLN A OE1 1 
ATOM   378  N NE2 . GLN A 1 49  ? 6.897   14.648  3.897   1.00 71.28  ? 49  GLN A NE2 1 
ATOM   379  N N   . PHE A 1 50  ? 5.029   13.185  0.650   1.00 25.16  ? 50  PHE A N   1 
ATOM   380  C CA  . PHE A 1 50  ? 3.745   12.488  0.562   1.00 25.16  ? 50  PHE A CA  1 
ATOM   381  C C   . PHE A 1 50  ? 3.046   12.187  1.878   1.00 25.16  ? 50  PHE A C   1 
ATOM   382  O O   . PHE A 1 50  ? 3.677   11.815  2.875   1.00 25.16  ? 50  PHE A O   1 
ATOM   383  C CB  . PHE A 1 50  ? 3.877   11.137  -0.154  1.00 14.02  ? 50  PHE A CB  1 
ATOM   384  C CG  . PHE A 1 50  ? 4.003   11.226  -1.643  1.00 14.02  ? 50  PHE A CG  1 
ATOM   385  C CD1 . PHE A 1 50  ? 5.218   11.525  -2.242  1.00 14.02  ? 50  PHE A CD1 1 
ATOM   386  C CD2 . PHE A 1 50  ? 2.899   10.983  -2.452  1.00 14.02  ? 50  PHE A CD2 1 
ATOM   387  C CE1 . PHE A 1 50  ? 5.328   11.571  -3.630  1.00 14.02  ? 50  PHE A CE1 1 
ATOM   388  C CE2 . PHE A 1 50  ? 3.002   11.029  -3.839  1.00 14.02  ? 50  PHE A CE2 1 
ATOM   389  C CZ  . PHE A 1 50  ? 4.213   11.322  -4.430  1.00 14.02  ? 50  PHE A CZ  1 
ATOM   390  N N   . TYR A 1 51  ? 1.724   12.329  1.849   1.00 26.77  ? 51  TYR A N   1 
ATOM   391  C CA  . TYR A 1 51  ? 0.867   12.005  2.982   1.00 26.77  ? 51  TYR A CA  1 
ATOM   392  C C   . TYR A 1 51  ? -0.195  11.087  2.403   1.00 26.77  ? 51  TYR A C   1 
ATOM   393  O O   . TYR A 1 51  ? -0.874  11.457  1.443   1.00 26.77  ? 51  TYR A O   1 
ATOM   394  C CB  . TYR A 1 51  ? 0.166   13.231  3.553   1.00 28.93  ? 51  TYR A CB  1 
ATOM   395  C CG  . TYR A 1 51  ? -0.873  12.859  4.594   1.00 28.93  ? 51  TYR A CG  1 
ATOM   396  C CD1 . TYR A 1 51  ? -0.497  12.458  5.880   1.00 28.93  ? 51  TYR A CD1 1 
ATOM   397  C CD2 . TYR A 1 51  ? -2.235  12.852  4.272   1.00 28.93  ? 51  TYR A CD2 1 
ATOM   398  C CE1 . TYR A 1 51  ? -1.457  12.055  6.823   1.00 28.93  ? 51  TYR A CE1 1 
ATOM   399  C CE2 . TYR A 1 51  ? -3.198  12.451  5.200   1.00 28.93  ? 51  TYR A CE2 1 
ATOM   400  C CZ  . TYR A 1 51  ? -2.803  12.056  6.472   1.00 28.93  ? 51  TYR A CZ  1 
ATOM   401  O OH  . TYR A 1 51  ? -3.758  11.676  7.386   1.00 28.93  ? 51  TYR A OH  1 
ATOM   402  N N   . ILE A 1 52  ? -0.330  9.893   2.968   1.00 11.13  ? 52  ILE A N   1 
ATOM   403  C CA  . ILE A 1 52  ? -1.330  8.952   2.480   1.00 11.13  ? 52  ILE A CA  1 
ATOM   404  C C   . ILE A 1 52  ? -2.127  8.332   3.611   1.00 11.13  ? 52  ILE A C   1 
ATOM   405  O O   . ILE A 1 52  ? -1.576  7.608   4.441   1.00 11.13  ? 52  ILE A O   1 
ATOM   406  C CB  . ILE A 1 52  ? -0.705  7.787   1.678   1.00 17.67  ? 52  ILE A CB  1 
ATOM   407  C CG1 . ILE A 1 52  ? 0.022   8.316   0.440   1.00 17.67  ? 52  ILE A CG1 1 
ATOM   408  C CG2 . ILE A 1 52  ? -1.808  6.804   1.269   1.00 17.67  ? 52  ILE A CG2 1 
ATOM   409  C CD1 . ILE A 1 52  ? 0.598   7.202   -0.432  1.00 17.67  ? 52  ILE A CD1 1 
ATOM   410  N N   . LYS A 1 53  ? -3.425  8.618   3.641   1.00 23.74  ? 53  LYS A N   1 
ATOM   411  C CA  . LYS A 1 53  ? -4.293  8.058   4.669   1.00 23.74  ? 53  LYS A CA  1 
ATOM   412  C C   . LYS A 1 53  ? -5.207  7.039   4.013   1.00 23.74  ? 53  LYS A C   1 
ATOM   413  O O   . LYS A 1 53  ? -5.884  7.328   3.022   1.00 23.74  ? 53  LYS A O   1 
ATOM   414  C CB  . LYS A 1 53  ? -5.129  9.148   5.335   1.00 47.04  ? 53  LYS A CB  1 
ATOM   415  C CG  . LYS A 1 53  ? -5.994  8.639   6.470   1.00 47.04  ? 53  LYS A CG  1 
ATOM   416  C CD  . LYS A 1 53  ? -6.667  9.790   7.186   1.00 47.04  ? 53  LYS A CD  1 
ATOM   417  C CE  . LYS A 1 53  ? -7.410  9.315   8.425   1.00 47.04  ? 53  LYS A CE  1 
ATOM   418  N NZ  . LYS A 1 53  ? -8.010  10.458  9.181   1.00 47.04  ? 53  LYS A NZ  1 
ATOM   419  N N   . THR A 1 54  ? -5.200  5.833   4.555   1.00 19.81  ? 54  THR A N   1 
ATOM   420  C CA  . THR A 1 54  ? -6.031  4.772   4.022   1.00 19.81  ? 54  THR A CA  1 
ATOM   421  C C   . THR A 1 54  ? -7.001  4.349   5.116   1.00 19.81  ? 54  THR A C   1 
ATOM   422  O O   . THR A 1 54  ? -6.591  3.853   6.176   1.00 19.81  ? 54  THR A O   1 
ATOM   423  C CB  . THR A 1 54  ? -5.156  3.582   3.576   1.00 16.30  ? 54  THR A CB  1 
ATOM   424  O OG1 . THR A 1 54  ? -4.275  4.023   2.537   1.00 16.30  ? 54  THR A OG1 1 
ATOM   425  C CG2 . THR A 1 54  ? -6.012  2.433   3.061   1.00 16.30  ? 54  THR A CG2 1 
ATOM   426  N N   . SER A 1 55  ? -8.289  4.540   4.866   1.00 49.62  ? 55  SER A N   1 
ATOM   427  C CA  . SER A 1 55  ? -9.277  4.189   5.868   1.00 49.62  ? 55  SER A CA  1 
ATOM   428  C C   . SER A 1 55  ? -10.293 3.130   5.495   1.00 49.62  ? 55  SER A C   1 
ATOM   429  O O   . SER A 1 55  ? -10.768 3.056   4.362   1.00 49.62  ? 55  SER A O   1 
ATOM   430  C CB  . SER A 1 55  ? -10.020 5.444   6.316   1.00 48.30  ? 55  SER A CB  1 
ATOM   431  O OG  . SER A 1 55  ? -9.130  6.346   6.942   1.00 48.30  ? 55  SER A OG  1 
ATOM   432  N N   . THR A 1 56  ? -10.601 2.300   6.483   1.00 45.77  ? 56  THR A N   1 
ATOM   433  C CA  . THR A 1 56  ? -11.599 1.249   6.370   1.00 45.77  ? 56  THR A CA  1 
ATOM   434  C C   . THR A 1 56  ? -12.281 1.349   7.720   1.00 45.77  ? 56  THR A C   1 
ATOM   435  O O   . THR A 1 56  ? -11.896 2.179   8.550   1.00 45.77  ? 56  THR A O   1 
ATOM   436  C CB  . THR A 1 56  ? -10.998 -0.159  6.252   1.00 26.26  ? 56  THR A CB  1 
ATOM   437  O OG1 . THR A 1 56  ? -10.346 -0.501  7.481   1.00 26.26  ? 56  THR A OG1 1 
ATOM   438  C CG2 . THR A 1 56  ? -10.012 -0.231  5.099   1.00 26.26  ? 56  THR A CG2 1 
ATOM   439  N N   . THR A 1 57  ? -13.267 0.497   7.956   1.00 49.36  ? 57  THR A N   1 
ATOM   440  C CA  . THR A 1 57  ? -13.993 0.526   9.213   1.00 49.36  ? 57  THR A CA  1 
ATOM   441  C C   . THR A 1 57  ? -13.192 -0.002  10.398  1.00 49.36  ? 57  THR A C   1 
ATOM   442  O O   . THR A 1 57  ? -13.256 0.544   11.493  1.00 49.36  ? 57  THR A O   1 
ATOM   443  C CB  . THR A 1 57  ? -15.280 -0.309  9.112   1.00 63.36  ? 57  THR A CB  1 
ATOM   444  O OG1 . THR A 1 57  ? -16.124 0.227   8.083   1.00 63.36  ? 57  THR A OG1 1 
ATOM   445  C CG2 . THR A 1 57  ? -16.038 -0.293  10.430  1.00 63.36  ? 57  THR A CG2 1 
ATOM   446  N N   . VAL A 1 58  ? -12.417 -1.055  10.165  1.00 39.96  ? 58  VAL A N   1 
ATOM   447  C CA  . VAL A 1 58  ? -11.649 -1.701  11.225  1.00 39.96  ? 58  VAL A CA  1 
ATOM   448  C C   . VAL A 1 58  ? -10.189 -1.288  11.391  1.00 39.96  ? 58  VAL A C   1 
ATOM   449  O O   . VAL A 1 58  ? -9.545  -1.683  12.369  1.00 39.96  ? 58  VAL A O   1 
ATOM   450  C CB  . VAL A 1 58  ? -11.680 -3.222  11.014  1.00 44.71  ? 58  VAL A CB  1 
ATOM   451  C CG1 . VAL A 1 58  ? -13.114 -3.709  10.920  1.00 44.71  ? 58  VAL A CG1 1 
ATOM   452  C CG2 . VAL A 1 58  ? -10.931 -3.572  9.761   1.00 44.71  ? 58  VAL A CG2 1 
ATOM   453  N N   . ARG A 1 59  ? -9.662  -0.503  10.453  1.00 48.49  ? 59  ARG A N   1 
ATOM   454  C CA  . ARG A 1 59  ? -8.252  -0.101  10.516  1.00 48.49  ? 59  ARG A CA  1 
ATOM   455  C C   . ARG A 1 59  ? -7.946  1.067   9.585   1.00 48.49  ? 59  ARG A C   1 
ATOM   456  O O   . ARG A 1 59  ? -8.378  1.081   8.436   1.00 48.49  ? 59  ARG A O   1 
ATOM   457  C CB  . ARG A 1 59  ? -7.367  -1.303  10.136  1.00 42.64  ? 59  ARG A CB  1 
ATOM   458  C CG  . ARG A 1 59  ? -5.877  -1.037  9.927   1.00 42.64  ? 59  ARG A CG  1 
ATOM   459  C CD  . ARG A 1 59  ? -5.183  -2.385  9.563   1.00 42.64  ? 59  ARG A CD  1 
ATOM   460  N NE  . ARG A 1 59  ? -3.786  -2.252  9.128   1.00 42.64  ? 59  ARG A NE  1 
ATOM   461  C CZ  . ARG A 1 59  ? -2.758  -1.895  9.910   1.00 42.64  ? 59  ARG A CZ  1 
ATOM   462  N NH1 . ARG A 1 59  ? -2.953  -1.629  11.200  1.00 42.64  ? 59  ARG A NH1 1 
ATOM   463  N NH2 . ARG A 1 59  ? -1.534  -1.774  9.397   1.00 42.64  ? 59  ARG A NH2 1 
ATOM   464  N N   . THR A 1 60  ? -7.203  2.050   10.088  1.00 39.87  ? 60  THR A N   1 
ATOM   465  C CA  . THR A 1 60  ? -6.803  3.198   9.287   1.00 39.87  ? 60  THR A CA  1 
ATOM   466  C C   . THR A 1 60  ? -5.319  3.412   9.491   1.00 39.87  ? 60  THR A C   1 
ATOM   467  O O   . THR A 1 60  ? -4.848  3.436   10.632  1.00 39.87  ? 60  THR A O   1 
ATOM   468  C CB  . THR A 1 60  ? -7.530  4.466   9.714   1.00 40.08  ? 60  THR A CB  1 
ATOM   469  O OG1 . THR A 1 60  ? -8.921  4.338   9.400   1.00 40.08  ? 60  THR A OG1 1 
ATOM   470  C CG2 . THR A 1 60  ? -6.963  5.668   9.005   1.00 40.08  ? 60  THR A CG2 1 
ATOM   471  N N   . THR A 1 61  ? -4.592  3.564   8.384   1.00 17.68  ? 61  THR A N   1 
ATOM   472  C CA  . THR A 1 61  ? -3.155  3.797   8.433   1.00 17.68  ? 61  THR A CA  1 
ATOM   473  C C   . THR A 1 61  ? -2.827  5.162   7.825   1.00 17.68  ? 61  THR A C   1 
ATOM   474  O O   . THR A 1 61  ? -3.408  5.573   6.811   1.00 17.68  ? 61  THR A O   1 
ATOM   475  C CB  . THR A 1 61  ? -2.351  2.694   7.668   1.00 14.21  ? 61  THR A CB  1 
ATOM   476  O OG1 . THR A 1 61  ? -2.636  2.754   6.265   1.00 14.21  ? 61  THR A OG1 1 
ATOM   477  C CG2 . THR A 1 61  ? -2.720  1.310   8.196   1.00 14.21  ? 61  THR A CG2 1 
ATOM   478  N N   . GLU A 1 62  ? -1.908  5.870   8.472   1.00 34.99  ? 62  GLU A N   1 
ATOM   479  C CA  . GLU A 1 62  ? -1.463  7.179   8.007   1.00 34.99  ? 62  GLU A CA  1 
ATOM   480  C C   . GLU A 1 62  ? 0.044   7.156   7.841   1.00 34.99  ? 62  GLU A C   1 
ATOM   481  O O   . GLU A 1 62  ? 0.775   7.074   8.823   1.00 34.99  ? 62  GLU A O   1 
ATOM   482  C CB  . GLU A 1 62  ? -1.819  8.277   9.009   1.00 51.99  ? 62  GLU A CB  1 
ATOM   483  C CG  . GLU A 1 62  ? -3.155  8.954   8.799   1.00 51.99  ? 62  GLU A CG  1 
ATOM   484  C CD  . GLU A 1 62  ? -3.458  9.945   9.902   1.00 51.99  ? 62  GLU A CD  1 
ATOM   485  O OE1 . GLU A 1 62  ? -3.629  9.491   11.054  1.00 51.99  ? 62  GLU A OE1 1 
ATOM   486  O OE2 . GLU A 1 62  ? -3.509  11.167  9.634   1.00 51.99  ? 62  GLU A OE2 1 
ATOM   487  N N   . ILE A 1 63  ? 0.520   7.212   6.607   1.00 18.43  ? 63  ILE A N   1 
ATOM   488  C CA  . ILE A 1 63  ? 1.951   7.226   6.405   1.00 18.43  ? 63  ILE A CA  1 
ATOM   489  C C   . ILE A 1 63  ? 2.361   8.558   5.832   1.00 18.43  ? 63  ILE A C   1 
ATOM   490  O O   . ILE A 1 63  ? 1.584   9.240   5.162   1.00 18.43  ? 63  ILE A O   1 
ATOM   491  C CB  . ILE A 1 63  ? 2.446   6.065   5.501   1.00 14.73  ? 63  ILE A CB  1 
ATOM   492  C CG1 . ILE A 1 63  ? 1.779   6.116   4.127   1.00 14.73  ? 63  ILE A CG1 1 
ATOM   493  C CG2 . ILE A 1 63  ? 2.204   4.748   6.200   1.00 14.73  ? 63  ILE A CG2 1 
ATOM   494  C CD1 . ILE A 1 63  ? 2.306   5.052   3.158   1.00 14.73  ? 63  ILE A CD1 1 
ATOM   495  N N   . ASN A 1 64  ? 3.597   8.927   6.129   1.00 30.58  ? 64  ASN A N   1 
ATOM   496  C CA  . ASN A 1 64  ? 4.164   10.189  5.699   1.00 30.58  ? 64  ASN A CA  1 
ATOM   497  C C   . ASN A 1 64  ? 5.598   9.894   5.282   1.00 30.58  ? 64  ASN A C   1 
ATOM   498  O O   . ASN A 1 64  ? 6.320   9.202   5.999   1.00 30.58  ? 64  ASN A O   1 
ATOM   499  C CB  . ASN A 1 64  ? 4.113   11.165  6.881   1.00 64.14  ? 64  ASN A CB  1 
ATOM   500  C CG  . ASN A 1 64  ? 4.799   12.471  6.588   1.00 64.14  ? 64  ASN A CG  1 
ATOM   501  O OD1 . ASN A 1 64  ? 4.474   13.153  5.616   1.00 64.14  ? 64  ASN A OD1 1 
ATOM   502  N ND2 . ASN A 1 64  ? 5.752   12.841  7.438   1.00 64.14  ? 64  ASN A ND2 1 
ATOM   503  N N   . PHE A 1 65  ? 6.010   10.381  4.118   1.00 17.57  ? 65  PHE A N   1 
ATOM   504  C CA  . PHE A 1 65  ? 7.381   10.126  3.681   1.00 17.57  ? 65  PHE A CA  1 
ATOM   505  C C   . PHE A 1 65  ? 7.857   11.084  2.614   1.00 17.57  ? 65  PHE A C   1 
ATOM   506  O O   . PHE A 1 65  ? 7.073   11.845  2.047   1.00 17.57  ? 65  PHE A O   1 
ATOM   507  C CB  . PHE A 1 65  ? 7.547   8.696   3.151   1.00 11.01  ? 65  PHE A CB  1 
ATOM   508  C CG  . PHE A 1 65  ? 6.678   8.381   1.972   1.00 11.01  ? 65  PHE A CG  1 
ATOM   509  C CD1 . PHE A 1 65  ? 5.409   7.834   2.144   1.00 11.01  ? 65  PHE A CD1 1 
ATOM   510  C CD2 . PHE A 1 65  ? 7.114   8.651   0.682   1.00 11.01  ? 65  PHE A CD2 1 
ATOM   511  C CE1 . PHE A 1 65  ? 4.593   7.559   1.043   1.00 11.01  ? 65  PHE A CE1 1 
ATOM   512  C CE2 . PHE A 1 65  ? 6.312   8.383   -0.417  1.00 11.01  ? 65  PHE A CE2 1 
ATOM   513  C CZ  . PHE A 1 65  ? 5.051   7.835   -0.241  1.00 11.01  ? 65  PHE A CZ  1 
ATOM   514  N N   . LYS A 1 66  ? 9.156   11.032  2.343   1.00 14.10  ? 66  LYS A N   1 
ATOM   515  C CA  . LYS A 1 66  ? 9.772   11.884  1.334   1.00 14.10  ? 66  LYS A CA  1 
ATOM   516  C C   . LYS A 1 66  ? 10.477  10.894  0.403   1.00 14.10  ? 66  LYS A C   1 
ATOM   517  O O   . LYS A 1 66  ? 11.328  10.133  0.853   1.00 14.10  ? 66  LYS A O   1 
ATOM   518  C CB  . LYS A 1 66  ? 10.779  12.816  2.017   1.00 55.17  ? 66  LYS A CB  1 
ATOM   519  C CG  . LYS A 1 66  ? 11.097  14.110  1.285   1.00 55.17  ? 66  LYS A CG  1 
ATOM   520  C CD  . LYS A 1 66  ? 11.831  13.896  -0.024  1.00 55.17  ? 66  LYS A CD  1 
ATOM   521  C CE  . LYS A 1 66  ? 12.184  15.240  -0.659  1.00 55.17  ? 66  LYS A CE  1 
ATOM   522  N NZ  . LYS A 1 66  ? 13.021  16.068  0.258   1.00 55.17  ? 66  LYS A NZ  1 
ATOM   523  N N   . VAL A 1 67  ? 10.109  10.866  -0.874  1.00 25.37  ? 67  VAL A N   1 
ATOM   524  C CA  . VAL A 1 67  ? 10.758  9.924   -1.780  1.00 25.37  ? 67  VAL A CA  1 
ATOM   525  C C   . VAL A 1 67  ? 12.259  10.146  -1.750  1.00 25.37  ? 67  VAL A C   1 
ATOM   526  O O   . VAL A 1 67  ? 12.742  11.265  -1.945  1.00 25.37  ? 67  VAL A O   1 
ATOM   527  C CB  . VAL A 1 67  ? 10.265  10.055  -3.227  1.00 16.74  ? 67  VAL A CB  1 
ATOM   528  C CG1 . VAL A 1 67  ? 10.968  9.016   -4.093  1.00 16.74  ? 67  VAL A CG1 1 
ATOM   529  C CG2 . VAL A 1 67  ? 8.760   9.843   -3.281  1.00 16.74  ? 67  VAL A CG2 1 
ATOM   530  N N   . GLY A 1 68  ? 12.991  9.068   -1.497  1.00 25.75  ? 68  GLY A N   1 
ATOM   531  C CA  . GLY A 1 68  ? 14.434  9.157   -1.417  1.00 25.75  ? 68  GLY A CA  1 
ATOM   532  C C   . GLY A 1 68  ? 14.881  9.052   0.029   1.00 25.75  ? 68  GLY A C   1 
ATOM   533  O O   . GLY A 1 68  ? 16.066  8.909   0.296   1.00 25.75  ? 68  GLY A O   1 
ATOM   534  N N   . GLU A 1 69  ? 13.939  9.126   0.963   1.00 22.34  ? 69  GLU A N   1 
ATOM   535  C CA  . GLU A 1 69  ? 14.256  9.030   2.387   1.00 22.34  ? 69  GLU A CA  1 
ATOM   536  C C   . GLU A 1 69  ? 13.468  7.921   3.056   1.00 22.34  ? 69  GLU A C   1 
ATOM   537  O O   . GLU A 1 69  ? 12.246  7.872   2.950   1.00 22.34  ? 69  GLU A O   1 
ATOM   538  C CB  . GLU A 1 69  ? 13.944  10.342  3.101   1.00 53.82  ? 69  GLU A CB  1 
ATOM   539  C CG  . GLU A 1 69  ? 14.916  11.463  2.818   1.00 53.82  ? 69  GLU A CG  1 
ATOM   540  C CD  . GLU A 1 69  ? 14.513  12.755  3.502   1.00 53.82  ? 69  GLU A CD  1 
ATOM   541  O OE1 . GLU A 1 69  ? 14.209  12.722  4.717   1.00 53.82  ? 69  GLU A OE1 1 
ATOM   542  O OE2 . GLU A 1 69  ? 14.512  13.807  2.824   1.00 53.82  ? 69  GLU A OE2 1 
ATOM   543  N N   . GLY A 1 70  ? 14.163  7.038   3.761   1.00 18.72  ? 70  GLY A N   1 
ATOM   544  C CA  . GLY A 1 70  ? 13.483  5.952   4.434   1.00 18.72  ? 70  GLY A CA  1 
ATOM   545  C C   . GLY A 1 70  ? 12.568  6.433   5.543   1.00 18.72  ? 70  GLY A C   1 
ATOM   546  O O   . GLY A 1 70  ? 12.775  7.511   6.100   1.00 18.72  ? 70  GLY A O   1 
ATOM   547  N N   . PHE A 1 71  ? 11.546  5.637   5.857   1.00 32.57  ? 71  PHE A N   1 
ATOM   548  C CA  . PHE A 1 71  ? 10.593  5.971   6.918   1.00 32.57  ? 71  PHE A CA  1 
ATOM   549  C C   . PHE A 1 71  ? 10.052  4.685   7.529   1.00 32.57  ? 71  PHE A C   1 
ATOM   550  O O   . PHE A 1 71  ? 10.315  3.592   7.026   1.00 32.57  ? 71  PHE A O   1 
ATOM   551  C CB  . PHE A 1 71  ? 9.423   6.821   6.378   1.00 19.77  ? 71  PHE A CB  1 
ATOM   552  C CG  . PHE A 1 71  ? 8.574   6.126   5.335   1.00 19.77  ? 71  PHE A CG  1 
ATOM   553  C CD1 . PHE A 1 71  ? 9.070   5.875   4.054   1.00 19.77  ? 71  PHE A CD1 1 
ATOM   554  C CD2 . PHE A 1 71  ? 7.282   5.695   5.646   1.00 19.77  ? 71  PHE A CD2 1 
ATOM   555  C CE1 . PHE A 1 71  ? 8.292   5.211   3.102   1.00 19.77  ? 71  PHE A CE1 1 
ATOM   556  C CE2 . PHE A 1 71  ? 6.502   5.029   4.698   1.00 19.77  ? 71  PHE A CE2 1 
ATOM   557  C CZ  . PHE A 1 71  ? 7.008   4.786   3.427   1.00 19.77  ? 71  PHE A CZ  1 
ATOM   558  N N   . GLU A 1 72  ? 9.303   4.810   8.620   1.00 31.88  ? 72  GLU A N   1 
ATOM   559  C CA  . GLU A 1 72  ? 8.732   3.635   9.260   1.00 31.88  ? 72  GLU A CA  1 
ATOM   560  C C   . GLU A 1 72  ? 7.237   3.581   9.042   1.00 31.88  ? 72  GLU A C   1 
ATOM   561  O O   . GLU A 1 72  ? 6.542   4.582   9.183   1.00 31.88  ? 72  GLU A O   1 
ATOM   562  C CB  . GLU A 1 72  ? 9.012   3.627   10.756  1.00 86.75  ? 72  GLU A CB  1 
ATOM   563  C CG  . GLU A 1 72  ? 10.471  3.596   11.093  1.00 86.75  ? 72  GLU A CG  1 
ATOM   564  C CD  . GLU A 1 72  ? 10.705  3.246   12.541  1.00 86.75  ? 72  GLU A CD  1 
ATOM   565  O OE1 . GLU A 1 72  ? 10.135  3.927   13.422  1.00 86.75  ? 72  GLU A OE1 1 
ATOM   566  O OE2 . GLU A 1 72  ? 11.463  2.284   12.796  1.00 86.75  ? 72  GLU A OE2 1 
ATOM   567  N N   . GLU A 1 73  ? 6.749   2.405   8.675   1.00 18.70  ? 73  GLU A N   1 
ATOM   568  C CA  . GLU A 1 73  ? 5.325   2.199   8.458   1.00 18.70  ? 73  GLU A CA  1 
ATOM   569  C C   . GLU A 1 73  ? 5.060   0.745   8.839   1.00 18.70  ? 73  GLU A C   1 
ATOM   570  O O   . GLU A 1 73  ? 5.891   0.106   9.485   1.00 18.70  ? 73  GLU A O   1 
ATOM   571  C CB  . GLU A 1 73  ? 4.956   2.446   6.988   1.00 29.36  ? 73  GLU A CB  1 
ATOM   572  C CG  . GLU A 1 73  ? 5.457   1.393   6.010   1.00 29.36  ? 73  GLU A CG  1 
ATOM   573  C CD  . GLU A 1 73  ? 4.951   1.631   4.597   1.00 29.36  ? 73  GLU A CD  1 
ATOM   574  O OE1 . GLU A 1 73  ? 3.754   1.973   4.446   1.00 29.36  ? 73  GLU A OE1 1 
ATOM   575  O OE2 . GLU A 1 73  ? 5.735   1.456   3.636   1.00 29.36  ? 73  GLU A OE2 1 
ATOM   576  N N   . GLU A 1 74  ? 3.907   0.219   8.452   1.00 35.46  ? 74  GLU A N   1 
ATOM   577  C CA  . GLU A 1 74  ? 3.599   -1.168  8.745   1.00 35.46  ? 74  GLU A CA  1 
ATOM   578  C C   . GLU A 1 74  ? 3.408   -1.915  7.442   1.00 35.46  ? 74  GLU A C   1 
ATOM   579  O O   . GLU A 1 74  ? 3.093   -1.319  6.405   1.00 35.46  ? 74  GLU A O   1 
ATOM   580  C CB  . GLU A 1 74  ? 2.322   -1.285  9.568   1.00 52.98  ? 74  GLU A CB  1 
ATOM   581  C CG  . GLU A 1 74  ? 2.406   -0.666  10.929  1.00 52.98  ? 74  GLU A CG  1 
ATOM   582  C CD  . GLU A 1 74  ? 1.078   -0.696  11.636  1.00 52.98  ? 74  GLU A CD  1 
ATOM   583  O OE1 . GLU A 1 74  ? 0.104   -0.133  11.091  1.00 52.98  ? 74  GLU A OE1 1 
ATOM   584  O OE2 . GLU A 1 74  ? 1.004   -1.281  12.735  1.00 52.98  ? 74  GLU A OE2 1 
ATOM   585  N N   . THR A 1 75  ? 3.612   -3.224  7.498   1.00 26.96  ? 75  THR A N   1 
ATOM   586  C CA  . THR A 1 75  ? 3.420   -4.062  6.331   1.00 26.96  ? 75  THR A CA  1 
ATOM   587  C C   . THR A 1 75  ? 1.905   -4.247  6.184   1.00 26.96  ? 75  THR A C   1 
ATOM   588  O O   . THR A 1 75  ? 1.129   -3.714  6.981   1.00 26.96  ? 75  THR A O   1 
ATOM   589  C CB  . THR A 1 75  ? 4.121   -5.414  6.516   1.00 27.14  ? 75  THR A CB  1 
ATOM   590  O OG1 . THR A 1 75  ? 3.724   -5.976  7.770   1.00 27.14  ? 75  THR A OG1 1 
ATOM   591  C CG2 . THR A 1 75  ? 5.637   -5.244  6.488   1.00 27.14  ? 75  THR A CG2 1 
ATOM   592  N N   . VAL A 1 76  ? 1.478   -4.976  5.161   1.00 27.06  ? 76  VAL A N   1 
ATOM   593  C CA  . VAL A 1 76  ? 0.051   -5.177  4.946   1.00 27.06  ? 76  VAL A CA  1 
ATOM   594  C C   . VAL A 1 76  ? -0.565  -5.965  6.097   1.00 27.06  ? 76  VAL A C   1 
ATOM   595  O O   . VAL A 1 76  ? -1.722  -5.744  6.457   1.00 27.06  ? 76  VAL A O   1 
ATOM   596  C CB  . VAL A 1 76  ? -0.221  -5.915  3.613   1.00 35.00  ? 76  VAL A CB  1 
ATOM   597  C CG1 . VAL A 1 76  ? -1.704  -6.071  3.408   1.00 35.00  ? 76  VAL A CG1 1 
ATOM   598  C CG2 . VAL A 1 76  ? 0.361   -5.136  2.458   1.00 35.00  ? 76  VAL A CG2 1 
ATOM   599  N N   . ASP A 1 77  ? 0.217   -6.879  6.670   1.00 31.61  ? 77  ASP A N   1 
ATOM   600  C CA  . ASP A 1 77  ? -0.237  -7.698  7.787   1.00 31.61  ? 77  ASP A CA  1 
ATOM   601  C C   . ASP A 1 77  ? 0.091   -7.115  9.161   1.00 31.61  ? 77  ASP A C   1 
ATOM   602  O O   . ASP A 1 77  ? 0.205   -7.853  10.136  1.00 31.61  ? 77  ASP A O   1 
ATOM   603  C CB  . ASP A 1 77  ? 0.332   -9.120  7.691   1.00 45.63  ? 77  ASP A CB  1 
ATOM   604  C CG  . ASP A 1 77  ? 1.840   -9.146  7.520   1.00 45.63  ? 77  ASP A CG  1 
ATOM   605  O OD1 . ASP A 1 77  ? 2.442   -10.217 7.737   1.00 45.63  ? 77  ASP A OD1 1 
ATOM   606  O OD2 . ASP A 1 77  ? 2.428   -8.112  7.145   1.00 45.63  ? 77  ASP A OD2 1 
ATOM   607  N N   . GLY A 1 78  ? 0.263   -5.798  9.239   1.00 40.85  ? 78  GLY A N   1 
ATOM   608  C CA  . GLY A 1 78  ? 0.524   -5.167  10.521  1.00 40.85  ? 78  GLY A CA  1 
ATOM   609  C C   . GLY A 1 78  ? 1.921   -5.159  11.116  1.00 40.85  ? 78  GLY A C   1 
ATOM   610  O O   . GLY A 1 78  ? 2.157   -4.429  12.074  1.00 40.85  ? 78  GLY A O   1 
ATOM   611  N N   . ARG A 1 79  ? 2.837   -5.962  10.583  1.00 35.57  ? 79  ARG A N   1 
ATOM   612  C CA  . ARG A 1 79  ? 4.215   -5.994  11.089  1.00 35.57  ? 79  ARG A CA  1 
ATOM   613  C C   . ARG A 1 79  ? 4.869   -4.616  10.888  1.00 35.57  ? 79  ARG A C   1 
ATOM   614  O O   . ARG A 1 79  ? 4.709   -3.993  9.836   1.00 35.57  ? 79  ARG A O   1 
ATOM   615  C CB  . ARG A 1 79  ? 5.013   -7.058  10.336  1.00 75.30  ? 79  ARG A CB  1 
ATOM   616  C CG  . ARG A 1 79  ? 4.499   -8.479  10.502  1.00 75.30  ? 79  ARG A CG  1 
ATOM   617  C CD  . ARG A 1 79  ? 5.137   -9.390  9.461   1.00 75.30  ? 79  ARG A CD  1 
ATOM   618  N NE  . ARG A 1 79  ? 5.803   -10.555 10.036  1.00 75.30  ? 79  ARG A NE  1 
ATOM   619  C CZ  . ARG A 1 79  ? 6.840   -10.498 10.867  1.00 75.30  ? 79  ARG A CZ  1 
ATOM   620  N NH1 . ARG A 1 79  ? 7.345   -9.326  11.234  1.00 75.30  ? 79  ARG A NH1 1 
ATOM   621  N NH2 . ARG A 1 79  ? 7.385   -11.615 11.325  1.00 75.30  ? 79  ARG A NH2 1 
ATOM   622  N N   . LYS A 1 80  ? 5.593   -4.126  11.888  1.00 40.05  ? 80  LYS A N   1 
ATOM   623  C CA  . LYS A 1 80  ? 6.234   -2.823  11.752  1.00 40.05  ? 80  LYS A CA  1 
ATOM   624  C C   . LYS A 1 80  ? 7.500   -2.999  10.907  1.00 40.05  ? 80  LYS A C   1 
ATOM   625  O O   . LYS A 1 80  ? 8.271   -3.940  11.118  1.00 40.05  ? 80  LYS A O   1 
ATOM   626  C CB  . LYS A 1 80  ? 6.558   -2.250  13.129  1.00 100.39 ? 80  LYS A CB  1 
ATOM   627  C CG  . LYS A 1 80  ? 6.861   -0.769  13.099  1.00 100.39 ? 80  LYS A CG  1 
ATOM   628  C CD  . LYS A 1 80  ? 6.922   -0.185  14.496  1.00 100.39 ? 80  LYS A CD  1 
ATOM   629  C CE  . LYS A 1 80  ? 7.117   1.322   14.439  1.00 100.39 ? 80  LYS A CE  1 
ATOM   630  N NZ  . LYS A 1 80  ? 7.125   1.932   15.797  1.00 100.39 ? 80  LYS A NZ  1 
ATOM   631  N N   . CYS A 1 81  ? 7.710   -2.101  9.947   1.00 34.84  ? 81  CYS A N   1 
ATOM   632  C CA  . CYS A 1 81  ? 8.863   -2.208  9.052   1.00 34.84  ? 81  CYS A CA  1 
ATOM   633  C C   . CYS A 1 81  ? 9.582   -0.901  8.718   1.00 34.84  ? 81  CYS A C   1 
ATOM   634  O O   . CYS A 1 81  ? 9.130   0.200   9.036   1.00 34.84  ? 81  CYS A O   1 
ATOM   635  C CB  . CYS A 1 81  ? 8.430   -2.834  7.722   1.00 30.03  ? 81  CYS A CB  1 
ATOM   636  S SG  . CYS A 1 81  ? 7.344   -1.732  6.735   1.00 30.03  ? 81  CYS A SG  1 
ATOM   637  N N   . ARG A 1 82  ? 10.701  -1.062  8.026   1.00 30.61  ? 82  ARG A N   1 
ATOM   638  C CA  . ARG A 1 82  ? 11.535  0.037   7.574   1.00 30.61  ? 82  ARG A CA  1 
ATOM   639  C C   . ARG A 1 82  ? 11.240  0.147   6.083   1.00 30.61  ? 82  ARG A C   1 
ATOM   640  O O   . ARG A 1 82  ? 11.353  -0.843  5.358   1.00 30.61  ? 82  ARG A O   1 
ATOM   641  C CB  . ARG A 1 82  ? 13.006  -0.325  7.788   1.00 88.48  ? 82  ARG A CB  1 
ATOM   642  C CG  . ARG A 1 82  ? 13.973  0.765   7.439   1.00 88.48  ? 82  ARG A CG  1 
ATOM   643  C CD  . ARG A 1 82  ? 13.704  1.956   8.310   1.00 88.48  ? 82  ARG A CD  1 
ATOM   644  N NE  . ARG A 1 82  ? 14.603  3.062   8.019   1.00 88.48  ? 82  ARG A NE  1 
ATOM   645  C CZ  . ARG A 1 82  ? 14.531  4.245   8.618   1.00 88.48  ? 82  ARG A CZ  1 
ATOM   646  N NH1 . ARG A 1 82  ? 13.599  4.465   9.538   1.00 88.48  ? 82  ARG A NH1 1 
ATOM   647  N NH2 . ARG A 1 82  ? 15.386  5.207   8.299   1.00 88.48  ? 82  ARG A NH2 1 
ATOM   648  N N   . SER A 1 83  ? 10.855  1.332   5.621   1.00 19.41  ? 83  SER A N   1 
ATOM   649  C CA  . SER A 1 83  ? 10.533  1.510   4.202   1.00 19.41  ? 83  SER A CA  1 
ATOM   650  C C   . SER A 1 83  ? 11.472  2.441   3.431   1.00 19.41  ? 83  SER A C   1 
ATOM   651  O O   . SER A 1 83  ? 11.976  3.416   3.979   1.00 19.41  ? 83  SER A O   1 
ATOM   652  C CB  . SER A 1 83  ? 9.082   1.978   4.066   1.00 32.47  ? 83  SER A CB  1 
ATOM   653  O OG  . SER A 1 83  ? 8.197   0.964   4.517   1.00 32.47  ? 83  SER A OG  1 
ATOM   654  N N   . LEU A 1 84  ? 11.691  2.113   2.156   1.00 22.10  ? 84  LEU A N   1 
ATOM   655  C CA  . LEU A 1 84  ? 12.575  2.856   1.251   1.00 22.10  ? 84  LEU A CA  1 
ATOM   656  C C   . LEU A 1 84  ? 11.894  3.249   -0.060  1.00 22.10  ? 84  LEU A C   1 
ATOM   657  O O   . LEU A 1 84  ? 11.965  2.516   -1.056  1.00 22.10  ? 84  LEU A O   1 
ATOM   658  C CB  . LEU A 1 84  ? 13.802  2.012   0.909   1.00 45.34  ? 84  LEU A CB  1 
ATOM   659  C CG  . LEU A 1 84  ? 14.843  1.792   1.999   1.00 45.34  ? 84  LEU A CG  1 
ATOM   660  C CD1 . LEU A 1 84  ? 15.769  0.651   1.616   1.00 45.34  ? 84  LEU A CD1 1 
ATOM   661  C CD2 . LEU A 1 84  ? 15.610  3.090   2.217   1.00 45.34  ? 84  LEU A CD2 1 
ATOM   662  N N   . PRO A 1 85  ? 11.219  4.403   -0.077  1.00 18.01  ? 85  PRO A N   1 
ATOM   663  C CA  . PRO A 1 85  ? 10.517  4.911   -1.265  1.00 18.01  ? 85  PRO A CA  1 
ATOM   664  C C   . PRO A 1 85  ? 11.495  5.414   -2.333  1.00 18.01  ? 85  PRO A C   1 
ATOM   665  O O   . PRO A 1 85  ? 12.477  6.076   -2.015  1.00 18.01  ? 85  PRO A O   1 
ATOM   666  C CB  . PRO A 1 85  ? 9.672   6.038   -0.686  1.00 29.75  ? 85  PRO A CB  1 
ATOM   667  C CG  . PRO A 1 85  ? 10.621  6.602   0.363   1.00 29.75  ? 85  PRO A CG  1 
ATOM   668  C CD  . PRO A 1 85  ? 11.015  5.311   1.065   1.00 29.75  ? 85  PRO A CD  1 
ATOM   669  N N   . THR A 1 86  ? 11.209  5.122   -3.597  1.00 25.35  ? 86  THR A N   1 
ATOM   670  C CA  . THR A 1 86  ? 12.074  5.534   -4.700  1.00 25.35  ? 86  THR A CA  1 
ATOM   671  C C   . THR A 1 86  ? 11.259  5.759   -5.961  1.00 25.35  ? 86  THR A C   1 
ATOM   672  O O   . THR A 1 86  ? 10.258  5.083   -6.168  1.00 25.35  ? 86  THR A O   1 
ATOM   673  C CB  . THR A 1 86  ? 13.084  4.434   -5.044  1.00 27.22  ? 86  THR A CB  1 
ATOM   674  O OG1 . THR A 1 86  ? 13.896  4.158   -3.905  1.00 27.22  ? 86  THR A OG1 1 
ATOM   675  C CG2 . THR A 1 86  ? 13.964  4.855   -6.191  1.00 27.22  ? 86  THR A CG2 1 
ATOM   676  N N   . TRP A 1 87  ? 11.676  6.691   -6.811  1.00 19.79  ? 87  TRP A N   1 
ATOM   677  C CA  . TRP A 1 87  ? 10.962  6.891   -8.065  1.00 19.79  ? 87  TRP A CA  1 
ATOM   678  C C   . TRP A 1 87  ? 11.441  5.824   -9.036  1.00 19.79  ? 87  TRP A C   1 
ATOM   679  O O   . TRP A 1 87  ? 12.558  5.918   -9.547  1.00 19.79  ? 87  TRP A O   1 
ATOM   680  C CB  . TRP A 1 87  ? 11.249  8.258   -8.681  1.00 25.64  ? 87  TRP A CB  1 
ATOM   681  C CG  . TRP A 1 87  ? 10.631  9.377   -7.967  1.00 25.64  ? 87  TRP A CG  1 
ATOM   682  C CD1 . TRP A 1 87  ? 11.253  10.297  -7.185  1.00 25.64  ? 87  TRP A CD1 1 
ATOM   683  C CD2 . TRP A 1 87  ? 9.237   9.685   -7.926  1.00 25.64  ? 87  TRP A CD2 1 
ATOM   684  N NE1 . TRP A 1 87  ? 10.331  11.170  -6.653  1.00 25.64  ? 87  TRP A NE1 1 
ATOM   685  C CE2 . TRP A 1 87  ? 9.084   10.814  -7.095  1.00 25.64  ? 87  TRP A CE2 1 
ATOM   686  C CE3 . TRP A 1 87  ? 8.101   9.116   -8.514  1.00 25.64  ? 87  TRP A CE3 1 
ATOM   687  C CZ2 . TRP A 1 87  ? 7.837   11.387  -6.833  1.00 25.64  ? 87  TRP A CZ2 1 
ATOM   688  C CZ3 . TRP A 1 87  ? 6.864   9.683   -8.255  1.00 25.64  ? 87  TRP A CZ3 1 
ATOM   689  C CH2 . TRP A 1 87  ? 6.742   10.807  -7.419  1.00 25.64  ? 87  TRP A CH2 1 
ATOM   690  N N   . GLU A 1 88  ? 10.625  4.803   -9.283  1.00 28.04  ? 88  GLU A N   1 
ATOM   691  C CA  . GLU A 1 88  ? 11.029  3.764   -10.223 1.00 28.04  ? 88  GLU A CA  1 
ATOM   692  C C   . GLU A 1 88  ? 11.104  4.437   -11.594 1.00 28.04  ? 88  GLU A C   1 
ATOM   693  O O   . GLU A 1 88  ? 11.995  4.152   -12.397 1.00 28.04  ? 88  GLU A O   1 
ATOM   694  C CB  . GLU A 1 88  ? 10.022  2.610   -10.234 1.00 48.11  ? 88  GLU A CB  1 
ATOM   695  C CG  . GLU A 1 88  ? 10.434  1.446   -11.127 1.00 48.11  ? 88  GLU A CG  1 
ATOM   696  C CD  . GLU A 1 88  ? 9.513   0.245   -10.996 1.00 48.11  ? 88  GLU A CD  1 
ATOM   697  O OE1 . GLU A 1 88  ? 9.439   -0.332  -9.891  1.00 48.11  ? 88  GLU A OE1 1 
ATOM   698  O OE2 . GLU A 1 88  ? 8.858   -0.122  -11.995 1.00 48.11  ? 88  GLU A OE2 1 
ATOM   699  N N   . ASN A 1 89  ? 10.156  5.335   -11.841 1.00 18.18  ? 89  ASN A N   1 
ATOM   700  C CA  . ASN A 1 89  ? 10.093  6.116   -13.071 1.00 18.18  ? 89  ASN A CA  1 
ATOM   701  C C   . ASN A 1 89  ? 9.379   7.416   -12.715 1.00 18.18  ? 89  ASN A C   1 
ATOM   702  O O   . ASN A 1 89  ? 9.045   7.640   -11.550 1.00 18.18  ? 89  ASN A O   1 
ATOM   703  C CB  . ASN A 1 89  ? 9.345   5.381   -14.193 1.00 38.35  ? 89  ASN A CB  1 
ATOM   704  C CG  . ASN A 1 89  ? 7.872   5.201   -13.900 1.00 38.35  ? 89  ASN A CG  1 
ATOM   705  O OD1 . ASN A 1 89  ? 7.155   6.170   -13.624 1.00 38.35  ? 89  ASN A OD1 1 
ATOM   706  N ND2 . ASN A 1 89  ? 7.403   3.956   -13.974 1.00 38.35  ? 89  ASN A ND2 1 
ATOM   707  N N   . GLU A 1 90  ? 9.132   8.266   -13.705 1.00 31.36  ? 90  GLU A N   1 
ATOM   708  C CA  . GLU A 1 90  ? 8.503   9.554   -13.451 1.00 31.36  ? 90  GLU A CA  1 
ATOM   709  C C   . GLU A 1 90  ? 7.168   9.526   -12.701 1.00 31.36  ? 90  GLU A C   1 
ATOM   710  O O   . GLU A 1 90  ? 6.928   10.380  -11.848 1.00 31.36  ? 90  GLU A O   1 
ATOM   711  C CB  . GLU A 1 90  ? 8.352   10.307  -14.771 1.00 98.96  ? 90  GLU A CB  1 
ATOM   712  C CG  . GLU A 1 90  ? 7.873   11.730  -14.616 1.00 98.96  ? 90  GLU A CG  1 
ATOM   713  C CD  . GLU A 1 90  ? 7.939   12.491  -15.919 1.00 98.96  ? 90  GLU A CD  1 
ATOM   714  O OE1 . GLU A 1 90  ? 7.290   12.054  -16.893 1.00 98.96  ? 90  GLU A OE1 1 
ATOM   715  O OE2 . GLU A 1 90  ? 8.644   13.522  -15.970 1.00 98.96  ? 90  GLU A OE2 1 
ATOM   716  N N   . ASN A 1 91  ? 6.309   8.548   -12.992 1.00 33.02  ? 91  ASN A N   1 
ATOM   717  C CA  . ASN A 1 91  ? 4.994   8.469   -12.344 1.00 33.02  ? 91  ASN A CA  1 
ATOM   718  C C   . ASN A 1 91  ? 4.810   7.279   -11.406 1.00 33.02  ? 91  ASN A C   1 
ATOM   719  O O   . ASN A 1 91  ? 3.683   6.967   -11.013 1.00 33.02  ? 91  ASN A O   1 
ATOM   720  C CB  . ASN A 1 91  ? 3.899   8.388   -13.408 1.00 63.82  ? 91  ASN A CB  1 
ATOM   721  C CG  . ASN A 1 91  ? 4.011   9.479   -14.440 1.00 63.82  ? 91  ASN A CG  1 
ATOM   722  O OD1 . ASN A 1 91  ? 4.018   10.664  -14.108 1.00 63.82  ? 91  ASN A OD1 1 
ATOM   723  N ND2 . ASN A 1 91  ? 4.091   9.087   -15.707 1.00 63.82  ? 91  ASN A ND2 1 
ATOM   724  N N   . LYS A 1 92  ? 5.903   6.621   -11.034 1.00 26.21  ? 92  LYS A N   1 
ATOM   725  C CA  . LYS A 1 92  ? 5.804   5.441   -10.194 1.00 26.21  ? 92  LYS A CA  1 
ATOM   726  C C   . LYS A 1 92  ? 6.758   5.437   -9.009  1.00 26.21  ? 92  LYS A C   1 
ATOM   727  O O   . LYS A 1 92  ? 7.948   5.704   -9.144  1.00 26.21  ? 92  LYS A O   1 
ATOM   728  C CB  . LYS A 1 92  ? 6.043   4.211   -11.068 1.00 19.83  ? 92  LYS A CB  1 
ATOM   729  C CG  . LYS A 1 92  ? 5.769   2.884   -10.411 1.00 19.83  ? 92  LYS A CG  1 
ATOM   730  C CD  . LYS A 1 92  ? 5.969   1.783   -11.428 1.00 19.83  ? 92  LYS A CD  1 
ATOM   731  C CE  . LYS A 1 92  ? 5.690   0.417   -10.851 1.00 19.83  ? 92  LYS A CE  1 
ATOM   732  N NZ  . LYS A 1 92  ? 5.922   -0.597  -11.912 1.00 19.83  ? 92  LYS A NZ  1 
ATOM   733  N N   . ILE A 1 93  ? 6.218   5.136   -7.838  1.00 19.39  ? 93  ILE A N   1 
ATOM   734  C CA  . ILE A 1 93  ? 7.017   5.079   -6.633  1.00 19.39  ? 93  ILE A CA  1 
ATOM   735  C C   . ILE A 1 93  ? 7.176   3.615   -6.263  1.00 19.39  ? 93  ILE A C   1 
ATOM   736  O O   . ILE A 1 93  ? 6.196   2.879   -6.232  1.00 19.39  ? 93  ILE A O   1 
ATOM   737  C CB  . ILE A 1 93  ? 6.320   5.780   -5.450  1.00 6.16   ? 93  ILE A CB  1 
ATOM   738  C CG1 . ILE A 1 93  ? 6.019   7.235   -5.798  1.00 6.16   ? 93  ILE A CG1 1 
ATOM   739  C CG2 . ILE A 1 93  ? 7.193   5.674   -4.199  1.00 6.16   ? 93  ILE A CG2 1 
ATOM   740  C CD1 . ILE A 1 93  ? 5.355   7.993   -4.664  1.00 6.16   ? 93  ILE A CD1 1 
ATOM   741  N N   . HIS A 1 94  ? 8.404   3.194   -5.995  1.00 21.09  ? 94  HIS A N   1 
ATOM   742  C CA  . HIS A 1 94  ? 8.660   1.821   -5.598  1.00 21.09  ? 94  HIS A CA  1 
ATOM   743  C C   . HIS A 1 94  ? 9.064   1.884   -4.143  1.00 21.09  ? 94  HIS A C   1 
ATOM   744  O O   . HIS A 1 94  ? 9.835   2.759   -3.761  1.00 21.09  ? 94  HIS A O   1 
ATOM   745  C CB  . HIS A 1 94  ? 9.807   1.217   -6.384  1.00 30.96  ? 94  HIS A CB  1 
ATOM   746  C CG  . HIS A 1 94  ? 10.103  -0.192  -5.995  1.00 30.96  ? 94  HIS A CG  1 
ATOM   747  N ND1 . HIS A 1 94  ? 9.429   -1.269  -6.532  1.00 30.96  ? 94  HIS A ND1 1 
ATOM   748  C CD2 . HIS A 1 94  ? 10.925  -0.698  -5.046  1.00 30.96  ? 94  HIS A CD2 1 
ATOM   749  C CE1 . HIS A 1 94  ? 9.823   -2.376  -5.929  1.00 30.96  ? 94  HIS A CE1 1 
ATOM   750  N NE2 . HIS A 1 94  ? 10.729  -2.061  -5.023  1.00 30.96  ? 94  HIS A NE2 1 
ATOM   751  N N   . CYS A 1 95  ? 8.571   0.971   -3.321  1.00 19.96  ? 95  CYS A N   1 
ATOM   752  C CA  . CYS A 1 95  ? 8.944   1.024   -1.920  1.00 19.96  ? 95  CYS A CA  1 
ATOM   753  C C   . CYS A 1 95  ? 9.318   -0.335  -1.357  1.00 19.96  ? 95  CYS A C   1 
ATOM   754  O O   . CYS A 1 95  ? 8.492   -1.240  -1.311  1.00 19.96  ? 95  CYS A O   1 
ATOM   755  C CB  . CYS A 1 95  ? 7.808   1.627   -1.098  1.00 17.85  ? 95  CYS A CB  1 
ATOM   756  S SG  . CYS A 1 95  ? 8.262   1.943   0.623   1.00 17.85  ? 95  CYS A SG  1 
ATOM   757  N N   . THR A 1 96  ? 10.569  -0.464  -0.925  1.00 20.16  ? 96  THR A N   1 
ATOM   758  C CA  . THR A 1 96  ? 11.082  -1.702  -0.351  1.00 20.16  ? 96  THR A CA  1 
ATOM   759  C C   . THR A 1 96  ? 10.871  -1.677  1.150   1.00 20.16  ? 96  THR A C   1 
ATOM   760  O O   . THR A 1 96  ? 11.015  -0.633  1.786   1.00 20.16  ? 96  THR A O   1 
ATOM   761  C CB  . THR A 1 96  ? 12.597  -1.860  -0.613  1.00 28.30  ? 96  THR A CB  1 
ATOM   762  O OG1 . THR A 1 96  ? 12.824  -2.115  -2.002  1.00 28.30  ? 96  THR A OG1 1 
ATOM   763  C CG2 . THR A 1 96  ? 13.164  -2.995  0.207   1.00 28.30  ? 96  THR A CG2 1 
ATOM   764  N N   . GLN A 1 97  ? 10.536  -2.826  1.722   1.00 23.09  ? 97  GLN A N   1 
ATOM   765  C CA  . GLN A 1 97  ? 10.326  -2.912  3.158   1.00 23.09  ? 97  GLN A CA  1 
ATOM   766  C C   . GLN A 1 97  ? 11.201  -3.996  3.782   1.00 23.09  ? 97  GLN A C   1 
ATOM   767  O O   . GLN A 1 97  ? 11.343  -5.089  3.235   1.00 23.09  ? 97  GLN A O   1 
ATOM   768  C CB  . GLN A 1 97  ? 8.865   -3.234  3.469   1.00 30.89  ? 97  GLN A CB  1 
ATOM   769  C CG  . GLN A 1 97  ? 7.856   -2.282  2.864   1.00 30.89  ? 97  GLN A CG  1 
ATOM   770  C CD  . GLN A 1 97  ? 6.438   -2.692  3.182   1.00 30.89  ? 97  GLN A CD  1 
ATOM   771  O OE1 . GLN A 1 97  ? 6.054   -3.840  2.961   1.00 30.89  ? 97  GLN A OE1 1 
ATOM   772  N NE2 . GLN A 1 97  ? 5.647   -1.758  3.693   1.00 30.89  ? 97  GLN A NE2 1 
ATOM   773  N N   . THR A 1 98  ? 11.799  -3.683  4.923   1.00 30.89  ? 98  THR A N   1 
ATOM   774  C CA  . THR A 1 98  ? 12.602  -4.656  5.646   1.00 30.89  ? 98  THR A CA  1 
ATOM   775  C C   . THR A 1 98  ? 11.995  -4.645  7.040   1.00 30.89  ? 98  THR A C   1 
ATOM   776  O O   . THR A 1 98  ? 11.872  -3.585  7.645   1.00 30.89  ? 98  THR A O   1 
ATOM   777  C CB  . THR A 1 98  ? 14.107  -4.261  5.688   1.00 46.93  ? 98  THR A CB  1 
ATOM   778  O OG1 . THR A 1 98  ? 14.236  -2.903  6.113   1.00 46.93  ? 98  THR A OG1 1 
ATOM   779  C CG2 . THR A 1 98  ? 14.746  -4.423  4.315   1.00 46.93  ? 98  THR A CG2 1 
ATOM   780  N N   . LEU A 1 99  ? 11.568  -5.811  7.523   1.00 43.29  ? 99  LEU A N   1 
ATOM   781  C CA  . LEU A 1 99  ? 10.947  -5.916  8.844   1.00 43.29  ? 99  LEU A CA  1 
ATOM   782  C C   . LEU A 1 99  ? 11.887  -5.449  9.940   1.00 43.29  ? 99  LEU A C   1 
ATOM   783  O O   . LEU A 1 99  ? 13.074  -5.771  9.901   1.00 43.29  ? 99  LEU A O   1 
ATOM   784  C CB  . LEU A 1 99  ? 10.541  -7.364  9.123   1.00 47.97  ? 99  LEU A CB  1 
ATOM   785  C CG  . LEU A 1 99  ? 9.391   -7.962  8.317   1.00 47.97  ? 99  LEU A CG  1 
ATOM   786  C CD1 . LEU A 1 99  ? 9.280   -9.446  8.602   1.00 47.97  ? 99  LEU A CD1 1 
ATOM   787  C CD2 . LEU A 1 99  ? 8.098   -7.250  8.674   1.00 47.97  ? 99  LEU A CD2 1 
ATOM   788  N N   . LEU A 1 100 ? 11.375  -4.691  10.912  1.00 53.63  ? 100 LEU A N   1 
ATOM   789  C CA  . LEU A 1 100 ? 12.224  -4.229  12.013  1.00 53.63  ? 100 LEU A CA  1 
ATOM   790  C C   . LEU A 1 100 ? 12.561  -5.420  12.899  1.00 53.63  ? 100 LEU A C   1 
ATOM   791  O O   . LEU A 1 100 ? 13.732  -5.727  13.129  1.00 53.63  ? 100 LEU A O   1 
ATOM   792  C CB  . LEU A 1 100 ? 11.535  -3.153  12.863  1.00 33.65  ? 100 LEU A CB  1 
ATOM   793  C CG  . LEU A 1 100 ? 11.298  -1.753  12.289  1.00 33.65  ? 100 LEU A CG  1 
ATOM   794  C CD1 . LEU A 1 100 ? 10.740  -0.855  13.379  1.00 33.65  ? 100 LEU A CD1 1 
ATOM   795  C CD2 . LEU A 1 100 ? 12.594  -1.175  11.769  1.00 33.65  ? 100 LEU A CD2 1 
ATOM   796  N N   . GLU A 1 101 ? 11.524  -6.082  13.399  1.00 94.75  ? 101 GLU A N   1 
ATOM   797  C CA  . GLU A 1 101 ? 11.709  -7.253  14.241  1.00 94.75  ? 101 GLU A CA  1 
ATOM   798  C C   . GLU A 1 101 ? 11.187  -8.521  13.587  1.00 94.75  ? 101 GLU A C   1 
ATOM   799  O O   . GLU A 1 101 ? 10.118  -8.534  12.971  1.00 94.75  ? 101 GLU A O   1 
ATOM   800  C CB  . GLU A 1 101 ? 11.034  -7.064  15.602  1.00 101.16 ? 101 GLU A CB  1 
ATOM   801  C CG  . GLU A 1 101 ? 11.915  -6.405  16.650  1.00 101.16 ? 101 GLU A CG  1 
ATOM   802  C CD  . GLU A 1 101 ? 11.248  -6.344  18.015  1.00 101.16 ? 101 GLU A CD  1 
ATOM   803  O OE1 . GLU A 1 101 ? 10.747  -7.396  18.478  1.00 101.16 ? 101 GLU A OE1 1 
ATOM   804  O OE2 . GLU A 1 101 ? 11.238  -5.253  18.629  1.00 101.16 ? 101 GLU A OE2 1 
ATOM   805  N N   . GLY A 1 102 ? 11.962  -9.589  13.731  1.00 69.44  ? 102 GLY A N   1 
ATOM   806  C CA  . GLY A 1 102 ? 11.582  -10.862 13.159  1.00 69.44  ? 102 GLY A CA  1 
ATOM   807  C C   . GLY A 1 102 ? 12.011  -10.986 11.712  1.00 69.44  ? 102 GLY A C   1 
ATOM   808  O O   . GLY A 1 102 ? 12.815  -10.197 11.208  1.00 69.44  ? 102 GLY A O   1 
ATOM   809  N N   . ASP A 1 103 ? 11.470  -11.998 11.049  1.00 77.43  ? 103 ASP A N   1 
ATOM   810  C CA  . ASP A 1 103 ? 11.765  -12.262 9.650   1.00 77.43  ? 103 ASP A CA  1 
ATOM   811  C C   . ASP A 1 103 ? 10.480  -12.719 8.976   1.00 77.43  ? 103 ASP A C   1 
ATOM   812  O O   . ASP A 1 103 ? 9.552   -13.180 9.642   1.00 77.43  ? 103 ASP A O   1 
ATOM   813  C CB  . ASP A 1 103 ? 12.850  -13.339 9.534   1.00 101.16 ? 103 ASP A CB  1 
ATOM   814  C CG  . ASP A 1 103 ? 12.562  -14.554 10.399  1.00 101.16 ? 103 ASP A CG  1 
ATOM   815  O OD1 . ASP A 1 103 ? 11.516  -15.208 10.190  1.00 101.16 ? 103 ASP A OD1 1 
ATOM   816  O OD2 . ASP A 1 103 ? 13.386  -14.853 11.295  1.00 101.16 ? 103 ASP A OD2 1 
ATOM   817  N N   . GLY A 1 104 ? 10.421  -12.574 7.659   1.00 55.61  ? 104 GLY A N   1 
ATOM   818  C CA  . GLY A 1 104 ? 9.229   -12.977 6.939   1.00 55.61  ? 104 GLY A CA  1 
ATOM   819  C C   . GLY A 1 104 ? 9.411   -12.886 5.440   1.00 55.61  ? 104 GLY A C   1 
ATOM   820  O O   . GLY A 1 104 ? 10.538  -12.862 4.943   1.00 55.61  ? 104 GLY A O   1 
ATOM   821  N N   . PRO A 1 105 ? 8.307   -12.844 4.687   1.00 49.79  ? 105 PRO A N   1 
ATOM   822  C CA  . PRO A 1 105 ? 8.352   -12.753 3.226   1.00 49.79  ? 105 PRO A CA  1 
ATOM   823  C C   . PRO A 1 105 ? 8.889   -11.392 2.798   1.00 49.79  ? 105 PRO A C   1 
ATOM   824  O O   . PRO A 1 105 ? 8.636   -10.389 3.467   1.00 49.79  ? 105 PRO A O   1 
ATOM   825  C CB  . PRO A 1 105 ? 6.881   -12.927 2.835   1.00 55.21  ? 105 PRO A CB  1 
ATOM   826  C CG  . PRO A 1 105 ? 6.288   -13.694 4.021   1.00 55.21  ? 105 PRO A CG  1 
ATOM   827  C CD  . PRO A 1 105 ? 6.907   -12.898 5.137   1.00 55.21  ? 105 PRO A CD  1 
ATOM   828  N N   . LYS A 1 106 ? 9.639   -11.350 1.700   1.00 37.04  ? 106 LYS A N   1 
ATOM   829  C CA  . LYS A 1 106 ? 10.145  -10.072 1.210   1.00 37.04  ? 106 LYS A CA  1 
ATOM   830  C C   . LYS A 1 106 ? 8.966   -9.293  0.637   1.00 37.04  ? 106 LYS A C   1 
ATOM   831  O O   . LYS A 1 106 ? 8.355   -9.711  -0.348  1.00 37.04  ? 106 LYS A O   1 
ATOM   832  C CB  . LYS A 1 106 ? 11.223  -10.275 0.141   1.00 81.66  ? 106 LYS A CB  1 
ATOM   833  C CG  . LYS A 1 106 ? 12.635  -10.337 0.705   1.00 81.66  ? 106 LYS A CG  1 
ATOM   834  C CD  . LYS A 1 106 ? 12.977  -9.015  1.395   1.00 81.66  ? 106 LYS A CD  1 
ATOM   835  C CE  . LYS A 1 106 ? 14.371  -9.018  2.010   1.00 81.66  ? 106 LYS A CE  1 
ATOM   836  N NZ  . LYS A 1 106 ? 14.681  -7.719  2.690   1.00 81.66  ? 106 LYS A NZ  1 
ATOM   837  N N   . THR A 1 107 ? 8.640   -8.167  1.268   1.00 30.37  ? 107 THR A N   1 
ATOM   838  C CA  . THR A 1 107 ? 7.523   -7.347  0.826   1.00 30.37  ? 107 THR A CA  1 
ATOM   839  C C   . THR A 1 107 ? 7.916   -5.964  0.334   1.00 30.37  ? 107 THR A C   1 
ATOM   840  O O   . THR A 1 107 ? 8.959   -5.430  0.693   1.00 30.37  ? 107 THR A O   1 
ATOM   841  C CB  . THR A 1 107 ? 6.509   -7.146  1.946   1.00 13.73  ? 107 THR A CB  1 
ATOM   842  O OG1 . THR A 1 107 ? 7.106   -6.391  3.004   1.00 13.73  ? 107 THR A OG1 1 
ATOM   843  C CG2 . THR A 1 107 ? 6.059   -8.477  2.479   1.00 13.73  ? 107 THR A CG2 1 
ATOM   844  N N   . TYR A 1 108 ? 7.046   -5.395  -0.491  1.00 21.78  ? 108 TYR A N   1 
ATOM   845  C CA  . TYR A 1 108 ? 7.232   -4.064  -1.045  1.00 21.78  ? 108 TYR A CA  1 
ATOM   846  C C   . TYR A 1 108 ? 5.881   -3.638  -1.608  1.00 21.78  ? 108 TYR A C   1 
ATOM   847  O O   . TYR A 1 108 ? 4.964   -4.445  -1.743  1.00 21.78  ? 108 TYR A O   1 
ATOM   848  C CB  . TYR A 1 108 ? 8.235   -4.082  -2.195  1.00 21.22  ? 108 TYR A CB  1 
ATOM   849  C CG  . TYR A 1 108 ? 7.723   -4.865  -3.378  1.00 21.22  ? 108 TYR A CG  1 
ATOM   850  C CD1 . TYR A 1 108 ? 7.753   -6.260  -3.381  1.00 21.22  ? 108 TYR A CD1 1 
ATOM   851  C CD2 . TYR A 1 108 ? 7.112   -4.220  -4.456  1.00 21.22  ? 108 TYR A CD2 1 
ATOM   852  C CE1 . TYR A 1 108 ? 7.189   -6.992  -4.415  1.00 21.22  ? 108 TYR A CE1 1 
ATOM   853  C CE2 . TYR A 1 108 ? 6.541   -4.949  -5.497  1.00 21.22  ? 108 TYR A CE2 1 
ATOM   854  C CZ  . TYR A 1 108 ? 6.584   -6.335  -5.463  1.00 21.22  ? 108 TYR A CZ  1 
ATOM   855  O OH  . TYR A 1 108 ? 6.008   -7.073  -6.466  1.00 21.22  ? 108 TYR A OH  1 
ATOM   856  N N   . TRP A 1 109 ? 5.755   -2.363  -1.929  1.00 14.06  ? 109 TRP A N   1 
ATOM   857  C CA  . TRP A 1 109 ? 4.533   -1.877  -2.533  1.00 14.06  ? 109 TRP A CA  1 
ATOM   858  C C   . TRP A 1 109 ? 4.978   -0.872  -3.559  1.00 14.06  ? 109 TRP A C   1 
ATOM   859  O O   . TRP A 1 109 ? 6.111   -0.404  -3.509  1.00 14.06  ? 109 TRP A O   1 
ATOM   860  C CB  . TRP A 1 109 ? 3.588   -1.237  -1.501  1.00 10.94  ? 109 TRP A CB  1 
ATOM   861  C CG  . TRP A 1 109 ? 4.124   -0.075  -0.709  1.00 10.94  ? 109 TRP A CG  1 
ATOM   862  C CD1 . TRP A 1 109 ? 4.484   -0.077  0.618   1.00 10.94  ? 109 TRP A CD1 1 
ATOM   863  C CD2 . TRP A 1 109 ? 4.271   1.277   -1.158  1.00 10.94  ? 109 TRP A CD2 1 
ATOM   864  N NE1 . TRP A 1 109 ? 4.838   1.193   1.020   1.00 10.94  ? 109 TRP A NE1 1 
ATOM   865  C CE2 . TRP A 1 109 ? 4.715   2.043   -0.049  1.00 10.94  ? 109 TRP A CE2 1 
ATOM   866  C CE3 . TRP A 1 109 ? 4.067   1.921   -2.389  1.00 10.94  ? 109 TRP A CE3 1 
ATOM   867  C CZ2 . TRP A 1 109 ? 4.958   3.419   -0.136  1.00 10.94  ? 109 TRP A CZ2 1 
ATOM   868  C CZ3 . TRP A 1 109 ? 4.307   3.289   -2.475  1.00 10.94  ? 109 TRP A CZ3 1 
ATOM   869  C CH2 . TRP A 1 109 ? 4.749   4.023   -1.349  1.00 10.94  ? 109 TRP A CH2 1 
ATOM   870  N N   . THR A 1 110 ? 4.118   -0.574  -4.521  1.00 17.77  ? 110 THR A N   1 
ATOM   871  C CA  . THR A 1 110 ? 4.452   0.410   -5.540  1.00 17.77  ? 110 THR A CA  1 
ATOM   872  C C   . THR A 1 110 ? 3.187   1.150   -5.899  1.00 17.77  ? 110 THR A C   1 
ATOM   873  O O   . THR A 1 110 ? 2.151   0.541   -6.111  1.00 17.77  ? 110 THR A O   1 
ATOM   874  C CB  . THR A 1 110 ? 5.044   -0.234  -6.834  1.00 9.60   ? 110 THR A CB  1 
ATOM   875  O OG1 . THR A 1 110 ? 4.066   -1.077  -7.465  1.00 9.60   ? 110 THR A OG1 1 
ATOM   876  C CG2 . THR A 1 110 ? 6.278   -1.048  -6.497  1.00 9.60   ? 110 THR A CG2 1 
ATOM   877  N N   . ARG A 1 111 ? 3.258   2.470   -5.922  1.00 20.49  ? 111 ARG A N   1 
ATOM   878  C CA  . ARG A 1 111 ? 2.095   3.242   -6.295  1.00 20.49  ? 111 ARG A CA  1 
ATOM   879  C C   . ARG A 1 111 ? 2.432   3.929   -7.605  1.00 20.49  ? 111 ARG A C   1 
ATOM   880  O O   . ARG A 1 111 ? 3.468   4.579   -7.738  1.00 20.49  ? 111 ARG A O   1 
ATOM   881  C CB  . ARG A 1 111 ? 1.706   4.236   -5.190  1.00 17.53  ? 111 ARG A CB  1 
ATOM   882  C CG  . ARG A 1 111 ? 1.018   3.588   -3.983  1.00 17.53  ? 111 ARG A CG  1 
ATOM   883  C CD  . ARG A 1 111 ? 0.415   4.646   -3.075  1.00 17.53  ? 111 ARG A CD  1 
ATOM   884  N NE  . ARG A 1 111 ? -0.377  4.093   -1.969  1.00 17.53  ? 111 ARG A NE  1 
ATOM   885  C CZ  . ARG A 1 111 ? 0.128   3.472   -0.903  1.00 17.53  ? 111 ARG A CZ  1 
ATOM   886  N NH1 . ARG A 1 111 ? 1.442   3.306   -0.770  1.00 17.53  ? 111 ARG A NH1 1 
ATOM   887  N NH2 . ARG A 1 111 ? -0.686  3.017   0.039   1.00 17.53  ? 111 ARG A NH2 1 
ATOM   888  N N   . GLU A 1 112 ? 1.555   3.746   -8.580  1.00 33.17  ? 112 GLU A N   1 
ATOM   889  C CA  . GLU A 1 112 ? 1.752   4.289   -9.914  1.00 33.17  ? 112 GLU A CA  1 
ATOM   890  C C   . GLU A 1 112 ? 0.570   5.107   -10.418 1.00 33.17  ? 112 GLU A C   1 
ATOM   891  O O   . GLU A 1 112 ? -0.584  4.705   -10.294 1.00 33.17  ? 112 GLU A O   1 
ATOM   892  C CB  . GLU A 1 112 ? 2.011   3.131   -10.861 1.00 38.75  ? 112 GLU A CB  1 
ATOM   893  C CG  . GLU A 1 112 ? 2.202   3.514   -12.283 1.00 38.75  ? 112 GLU A CG  1 
ATOM   894  C CD  . GLU A 1 112 ? 2.501   2.306   -13.130 1.00 38.75  ? 112 GLU A CD  1 
ATOM   895  O OE1 . GLU A 1 112 ? 2.781   2.498   -14.333 1.00 38.75  ? 112 GLU A OE1 1 
ATOM   896  O OE2 . GLU A 1 112 ? 2.453   1.168   -12.593 1.00 38.75  ? 112 GLU A OE2 1 
ATOM   897  N N   . LEU A 1 113 ? 0.861   6.259   -10.999 1.00 26.11  ? 113 LEU A N   1 
ATOM   898  C CA  . LEU A 1 113 ? -0.202  7.101   -11.509 1.00 26.11  ? 113 LEU A CA  1 
ATOM   899  C C   . LEU A 1 113 ? -0.257  6.894   -13.018 1.00 26.11  ? 113 LEU A C   1 
ATOM   900  O O   . LEU A 1 113 ? 0.664   7.262   -13.736 1.00 26.11  ? 113 LEU A O   1 
ATOM   901  C CB  . LEU A 1 113 ? 0.081   8.559   -11.158 1.00 43.15  ? 113 LEU A CB  1 
ATOM   902  C CG  . LEU A 1 113 ? -1.083  9.517   -11.382 1.00 43.15  ? 113 LEU A CG  1 
ATOM   903  C CD1 . LEU A 1 113 ? -2.275  9.075   -10.541 1.00 43.15  ? 113 LEU A CD1 1 
ATOM   904  C CD2 . LEU A 1 113 ? -0.661  10.923  -11.001 1.00 43.15  ? 113 LEU A CD2 1 
ATOM   905  N N   . ALA A 1 114 ? -1.332  6.283   -13.496 1.00 46.92  ? 114 ALA A N   1 
ATOM   906  C CA  . ALA A 1 114 ? -1.466  6.021   -14.919 1.00 46.92  ? 114 ALA A CA  1 
ATOM   907  C C   . ALA A 1 114 ? -2.853  6.322   -15.458 1.00 46.92  ? 114 ALA A C   1 
ATOM   908  O O   . ALA A 1 114 ? -3.825  5.654   -15.102 1.00 46.92  ? 114 ALA A O   1 
ATOM   909  C CB  . ALA A 1 114 ? -1.117  4.582   -15.201 1.00 21.06  ? 114 ALA A CB  1 
ATOM   910  N N   . ASN A 1 115 ? -2.942  7.323   -16.322 1.00 62.04  ? 115 ASN A N   1 
ATOM   911  C CA  . ASN A 1 115 ? -4.212  7.697   -16.933 1.00 62.04  ? 115 ASN A CA  1 
ATOM   912  C C   . ASN A 1 115 ? -5.238  8.102   -15.890 1.00 62.04  ? 115 ASN A C   1 
ATOM   913  O O   . ASN A 1 115 ? -6.391  7.669   -15.932 1.00 62.04  ? 115 ASN A O   1 
ATOM   914  C CB  . ASN A 1 115 ? -4.758  6.530   -17.756 1.00 99.62  ? 115 ASN A CB  1 
ATOM   915  C CG  . ASN A 1 115 ? -3.732  5.970   -18.714 1.00 99.62  ? 115 ASN A CG  1 
ATOM   916  O OD1 . ASN A 1 115 ? -3.181  6.693   -19.542 1.00 99.62  ? 115 ASN A OD1 1 
ATOM   917  N ND2 . ASN A 1 115 ? -3.470  4.674   -18.608 1.00 99.62  ? 115 ASN A ND2 1 
ATOM   918  N N   . ASP A 1 116 ? -4.805  8.934   -14.954 1.00 66.80  ? 116 ASP A N   1 
ATOM   919  C CA  . ASP A 1 116 ? -5.660  9.428   -13.882 1.00 66.80  ? 116 ASP A CA  1 
ATOM   920  C C   . ASP A 1 116 ? -6.167  8.295   -12.976 1.00 66.80  ? 116 ASP A C   1 
ATOM   921  O O   . ASP A 1 116 ? -7.108  8.473   -12.198 1.00 66.80  ? 116 ASP A O   1 
ATOM   922  C CB  . ASP A 1 116 ? -6.835  10.222  -14.467 1.00 100.91 ? 116 ASP A CB  1 
ATOM   923  C CG  . ASP A 1 116 ? -7.444  11.193  -13.465 1.00 100.91 ? 116 ASP A CG  1 
ATOM   924  O OD1 . ASP A 1 116 ? -7.952  10.745  -12.416 1.00 100.91 ? 116 ASP A OD1 1 
ATOM   925  O OD2 . ASP A 1 116 ? -7.406  12.414  -13.727 1.00 100.91 ? 116 ASP A OD2 1 
ATOM   926  N N   . GLU A 1 117 ? -5.550  7.121   -13.095 1.00 30.67  ? 117 GLU A N   1 
ATOM   927  C CA  . GLU A 1 117 ? -5.900  5.993   -12.239 1.00 30.67  ? 117 GLU A CA  1 
ATOM   928  C C   . GLU A 1 117 ? -4.692  5.671   -11.368 1.00 30.67  ? 117 GLU A C   1 
ATOM   929  O O   . GLU A 1 117 ? -3.560  5.683   -11.833 1.00 30.67  ? 117 GLU A O   1 
ATOM   930  C CB  . GLU A 1 117 ? -6.258  4.742   -13.035 1.00 46.29  ? 117 GLU A CB  1 
ATOM   931  C CG  . GLU A 1 117 ? -7.528  4.817   -13.827 1.00 46.29  ? 117 GLU A CG  1 
ATOM   932  C CD  . GLU A 1 117 ? -7.961  3.441   -14.284 1.00 46.29  ? 117 GLU A CD  1 
ATOM   933  O OE1 . GLU A 1 117 ? -7.119  2.722   -14.867 1.00 46.29  ? 117 GLU A OE1 1 
ATOM   934  O OE2 . GLU A 1 117 ? -9.139  3.079   -14.056 1.00 46.29  ? 117 GLU A OE2 1 
ATOM   935  N N   . LEU A 1 118 ? -4.937  5.384   -10.100 1.00 22.81  ? 118 LEU A N   1 
ATOM   936  C CA  . LEU A 1 118 ? -3.860  5.057   -9.188  1.00 22.81  ? 118 LEU A CA  1 
ATOM   937  C C   . LEU A 1 118 ? -3.733  3.540   -9.036  1.00 22.81  ? 118 LEU A C   1 
ATOM   938  O O   . LEU A 1 118 ? -4.589  2.909   -8.423  1.00 22.81  ? 118 LEU A O   1 
ATOM   939  C CB  . LEU A 1 118 ? -4.130  5.708   -7.832  1.00 28.18  ? 118 LEU A CB  1 
ATOM   940  C CG  . LEU A 1 118 ? -3.077  5.533   -6.742  1.00 28.18  ? 118 LEU A CG  1 
ATOM   941  C CD1 . LEU A 1 118 ? -1.738  6.030   -7.258  1.00 28.18  ? 118 LEU A CD1 1 
ATOM   942  C CD2 . LEU A 1 118 ? -3.485  6.315   -5.503  1.00 28.18  ? 118 LEU A CD2 1 
ATOM   943  N N   . ILE A 1 119 ? -2.679  2.962   -9.613  1.00 15.32  ? 119 ILE A N   1 
ATOM   944  C CA  . ILE A 1 119 ? -2.424  1.524   -9.516  1.00 15.32  ? 119 ILE A CA  1 
ATOM   945  C C   . ILE A 1 119 ? -1.534  1.211   -8.292  1.00 15.32  ? 119 ILE A C   1 
ATOM   946  O O   . ILE A 1 119 ? -0.364  1.604   -8.243  1.00 15.32  ? 119 ILE A O   1 
ATOM   947  C CB  . ILE A 1 119 ? -1.702  0.954   -10.790 1.00 23.93  ? 119 ILE A CB  1 
ATOM   948  C CG1 . ILE A 1 119 ? -2.600  1.025   -12.031 1.00 23.93  ? 119 ILE A CG1 1 
ATOM   949  C CG2 . ILE A 1 119 ? -1.336  -0.498  -10.567 1.00 23.93  ? 119 ILE A CG2 1 
ATOM   950  C CD1 . ILE A 1 119 ? -2.877  2.414   -12.534 1.00 23.93  ? 119 ILE A CD1 1 
ATOM   951  N N   . LEU A 1 120 ? -2.092  0.507   -7.309  1.00 21.69  ? 120 LEU A N   1 
ATOM   952  C CA  . LEU A 1 120 ? -1.351  0.130   -6.106  1.00 21.69  ? 120 LEU A CA  1 
ATOM   953  C C   . LEU A 1 120 ? -0.974  -1.338  -6.218  1.00 21.69  ? 120 LEU A C   1 
ATOM   954  O O   . LEU A 1 120 ? -1.794  -2.161  -6.616  1.00 21.69  ? 120 LEU A O   1 
ATOM   955  C CB  . LEU A 1 120 ? -2.203  0.340   -4.846  1.00 7.48   ? 120 LEU A CB  1 
ATOM   956  C CG  . LEU A 1 120 ? -1.627  -0.156  -3.513  1.00 7.48   ? 120 LEU A CG  1 
ATOM   957  C CD1 . LEU A 1 120 ? -0.260  0.462   -3.241  1.00 7.48   ? 120 LEU A CD1 1 
ATOM   958  C CD2 . LEU A 1 120 ? -2.593  0.182   -2.397  1.00 7.48   ? 120 LEU A CD2 1 
ATOM   959  N N   . THR A 1 121 ? 0.268   -1.660  -5.870  1.00 20.26  ? 121 THR A N   1 
ATOM   960  C CA  . THR A 1 121 ? 0.747   -3.030  -5.939  1.00 20.26  ? 121 THR A CA  1 
ATOM   961  C C   . THR A 1 121 ? 1.395   -3.483  -4.645  1.00 20.26  ? 121 THR A C   1 
ATOM   962  O O   . THR A 1 121 ? 2.236   -2.785  -4.094  1.00 20.26  ? 121 THR A O   1 
ATOM   963  C CB  . THR A 1 121 ? 1.787   -3.206  -7.072  1.00 10.16  ? 121 THR A CB  1 
ATOM   964  O OG1 . THR A 1 121 ? 1.149   -3.015  -8.339  1.00 10.16  ? 121 THR A OG1 1 
ATOM   965  C CG2 . THR A 1 121 ? 2.400   -4.600  -7.029  1.00 10.16  ? 121 THR A CG2 1 
ATOM   966  N N   . PHE A 1 122 ? 0.999   -4.650  -4.163  1.00 22.23  ? 122 PHE A N   1 
ATOM   967  C CA  . PHE A 1 122 ? 1.580   -5.212  -2.956  1.00 22.23  ? 122 PHE A CA  1 
ATOM   968  C C   . PHE A 1 122 ? 2.244   -6.518  -3.332  1.00 22.23  ? 122 PHE A C   1 
ATOM   969  O O   . PHE A 1 122 ? 1.618   -7.388  -3.936  1.00 22.23  ? 122 PHE A O   1 
ATOM   970  C CB  . PHE A 1 122 ? 0.514   -5.492  -1.903  1.00 12.15  ? 122 PHE A CB  1 
ATOM   971  C CG  . PHE A 1 122 ? -0.024  -4.266  -1.241  1.00 12.15  ? 122 PHE A CG  1 
ATOM   972  C CD1 . PHE A 1 122 ? 0.822   -3.422  -0.536  1.00 12.15  ? 122 PHE A CD1 1 
ATOM   973  C CD2 . PHE A 1 122 ? -1.384  -3.984  -1.270  1.00 12.15  ? 122 PHE A CD2 1 
ATOM   974  C CE1 . PHE A 1 122 ? 0.330   -2.321  0.137   1.00 12.15  ? 122 PHE A CE1 1 
ATOM   975  C CE2 . PHE A 1 122 ? -1.890  -2.874  -0.596  1.00 12.15  ? 122 PHE A CE2 1 
ATOM   976  C CZ  . PHE A 1 122 ? -1.025  -2.041  0.113   1.00 12.15  ? 122 PHE A CZ  1 
ATOM   977  N N   . GLY A 1 123 ? 3.519   -6.649  -2.991  1.00 17.78  ? 123 GLY A N   1 
ATOM   978  C CA  . GLY A 1 123 ? 4.233   -7.872  -3.284  1.00 17.78  ? 123 GLY A CA  1 
ATOM   979  C C   . GLY A 1 123 ? 4.630   -8.568  -1.997  1.00 17.78  ? 123 GLY A C   1 
ATOM   980  O O   . GLY A 1 123 ? 5.056   -7.923  -1.040  1.00 17.78  ? 123 GLY A O   1 
ATOM   981  N N   . ALA A 1 124 ? 4.449   -9.880  -1.960  1.00 35.90  ? 124 ALA A N   1 
ATOM   982  C CA  . ALA A 1 124 ? 4.826   -10.696 -0.811  1.00 35.90  ? 124 ALA A CA  1 
ATOM   983  C C   . ALA A 1 124 ? 5.492   -11.876 -1.504  1.00 35.90  ? 124 ALA A C   1 
ATOM   984  O O   . ALA A 1 124 ? 4.829   -12.843 -1.880  1.00 35.90  ? 124 ALA A O   1 
ATOM   985  C CB  . ALA A 1 124 ? 3.593   -11.138 -0.041  1.00 24.80  ? 124 ALA A CB  1 
ATOM   986  N N   . ASP A 1 125 ? 6.805   -11.771 -1.696  1.00 46.41  ? 125 ASP A N   1 
ATOM   987  C CA  . ASP A 1 125 ? 7.563   -12.786 -2.413  1.00 46.41  ? 125 ASP A CA  1 
ATOM   988  C C   . ASP A 1 125 ? 6.978   -12.930 -3.816  1.00 46.41  ? 125 ASP A C   1 
ATOM   989  O O   . ASP A 1 125 ? 6.840   -11.941 -4.535  1.00 46.41  ? 125 ASP A O   1 
ATOM   990  C CB  . ASP A 1 125 ? 7.539   -14.128 -1.679  1.00 60.98  ? 125 ASP A CB  1 
ATOM   991  C CG  . ASP A 1 125 ? 8.365   -14.109 -0.411  1.00 60.98  ? 125 ASP A CG  1 
ATOM   992  O OD1 . ASP A 1 125 ? 9.540   -13.692 -0.478  1.00 60.98  ? 125 ASP A OD1 1 
ATOM   993  O OD2 . ASP A 1 125 ? 7.850   -14.524 0.645   1.00 60.98  ? 125 ASP A OD2 1 
ATOM   994  N N   . ASP A 1 126 ? 6.612   -14.147 -4.205  1.00 68.26  ? 126 ASP A N   1 
ATOM   995  C CA  . ASP A 1 126 ? 6.065   -14.381 -5.537  1.00 68.26  ? 126 ASP A CA  1 
ATOM   996  C C   . ASP A 1 126 ? 4.666   -13.825 -5.772  1.00 68.26  ? 126 ASP A C   1 
ATOM   997  O O   . ASP A 1 126 ? 4.284   -13.569 -6.913  1.00 68.26  ? 126 ASP A O   1 
ATOM   998  C CB  . ASP A 1 126 ? 6.064   -15.878 -5.843  1.00 100.97 ? 126 ASP A CB  1 
ATOM   999  C CG  . ASP A 1 126 ? 7.452   -16.470 -5.832  1.00 100.97 ? 126 ASP A CG  1 
ATOM   1000 O OD1 . ASP A 1 126 ? 8.309   -15.988 -6.604  1.00 100.97 ? 126 ASP A OD1 1 
ATOM   1001 O OD2 . ASP A 1 126 ? 7.687   -17.415 -5.051  1.00 100.97 ? 126 ASP A OD2 1 
ATOM   1002 N N   . VAL A 1 127 ? 3.908   -13.634 -4.699  1.00 34.77  ? 127 VAL A N   1 
ATOM   1003 C CA  . VAL A 1 127 ? 2.540   -13.132 -4.803  1.00 34.77  ? 127 VAL A CA  1 
ATOM   1004 C C   . VAL A 1 127 ? 2.457   -11.623 -5.069  1.00 34.77  ? 127 VAL A C   1 
ATOM   1005 O O   . VAL A 1 127 ? 3.160   -10.826 -4.449  1.00 34.77  ? 127 VAL A O   1 
ATOM   1006 C CB  . VAL A 1 127 ? 1.743   -13.469 -3.517  1.00 31.42  ? 127 VAL A CB  1 
ATOM   1007 C CG1 . VAL A 1 127 ? 0.260   -13.143 -3.704  1.00 31.42  ? 127 VAL A CG1 1 
ATOM   1008 C CG2 . VAL A 1 127 ? 1.935   -14.936 -3.168  1.00 31.42  ? 127 VAL A CG2 1 
ATOM   1009 N N   . VAL A 1 128 ? 1.589   -11.247 -6.005  1.00 26.53  ? 128 VAL A N   1 
ATOM   1010 C CA  . VAL A 1 128 ? 1.395   -9.849  -6.365  1.00 26.53  ? 128 VAL A CA  1 
ATOM   1011 C C   . VAL A 1 128 ? -0.087  -9.465  -6.291  1.00 26.53  ? 128 VAL A C   1 
ATOM   1012 O O   . VAL A 1 128 ? -0.939  -10.101 -6.902  1.00 26.53  ? 128 VAL A O   1 
ATOM   1013 C CB  . VAL A 1 128 ? 1.899   -9.552  -7.809  1.00 18.55  ? 128 VAL A CB  1 
ATOM   1014 C CG1 . VAL A 1 128 ? 1.769   -8.070  -8.115  1.00 18.55  ? 128 VAL A CG1 1 
ATOM   1015 C CG2 . VAL A 1 128 ? 3.333   -9.985  -7.966  1.00 18.55  ? 128 VAL A CG2 1 
ATOM   1016 N N   . CYS A 1 129 ? -0.378  -8.418  -5.537  1.00 18.50  ? 129 CYS A N   1 
ATOM   1017 C CA  . CYS A 1 129 ? -1.734  -7.930  -5.388  1.00 18.50  ? 129 CYS A CA  1 
ATOM   1018 C C   . CYS A 1 129 ? -1.846  -6.592  -6.117  1.00 18.50  ? 129 CYS A C   1 
ATOM   1019 O O   . CYS A 1 129 ? -1.024  -5.701  -5.912  1.00 18.50  ? 129 CYS A O   1 
ATOM   1020 C CB  . CYS A 1 129 ? -2.056  -7.752  -3.906  1.00 22.32  ? 129 CYS A CB  1 
ATOM   1021 S SG  . CYS A 1 129 ? -3.586  -6.851  -3.583  1.00 22.32  ? 129 CYS A SG  1 
ATOM   1022 N N   . THR A 1 130 ? -2.851  -6.449  -6.974  1.00 13.93  ? 130 THR A N   1 
ATOM   1023 C CA  . THR A 1 130 ? -3.033  -5.203  -7.709  1.00 13.93  ? 130 THR A CA  1 
ATOM   1024 C C   . THR A 1 130 ? -4.355  -4.524  -7.370  1.00 13.93  ? 130 THR A C   1 
ATOM   1025 O O   . THR A 1 130 ? -5.417  -5.117  -7.540  1.00 13.93  ? 130 THR A O   1 
ATOM   1026 C CB  . THR A 1 130 ? -3.015  -5.438  -9.219  1.00 18.05  ? 130 THR A CB  1 
ATOM   1027 O OG1 . THR A 1 130 ? -1.807  -6.097  -9.582  1.00 18.05  ? 130 THR A OG1 1 
ATOM   1028 C CG2 . THR A 1 130 ? -3.089  -4.118  -9.961  1.00 18.05  ? 130 THR A CG2 1 
ATOM   1029 N N   . ARG A 1 131 ? -4.286  -3.280  -6.898  1.00 14.29  ? 131 ARG A N   1 
ATOM   1030 C CA  . ARG A 1 131 ? -5.489  -2.525  -6.561  1.00 14.29  ? 131 ARG A CA  1 
ATOM   1031 C C   . ARG A 1 131 ? -5.543  -1.228  -7.373  1.00 14.29  ? 131 ARG A C   1 
ATOM   1032 O O   . ARG A 1 131 ? -4.637  -0.399  -7.294  1.00 14.29  ? 131 ARG A O   1 
ATOM   1033 C CB  . ARG A 1 131 ? -5.522  -2.251  -5.055  1.00 20.73  ? 131 ARG A CB  1 
ATOM   1034 C CG  . ARG A 1 131 ? -5.657  -3.537  -4.248  1.00 20.73  ? 131 ARG A CG  1 
ATOM   1035 C CD  . ARG A 1 131 ? -5.261  -3.365  -2.796  1.00 20.73  ? 131 ARG A CD  1 
ATOM   1036 N NE  . ARG A 1 131 ? -6.225  -2.624  -1.993  1.00 20.73  ? 131 ARG A NE  1 
ATOM   1037 C CZ  . ARG A 1 131 ? -7.383  -3.113  -1.560  1.00 20.73  ? 131 ARG A CZ  1 
ATOM   1038 N NH1 . ARG A 1 131 ? -7.740  -4.358  -1.852  1.00 20.73  ? 131 ARG A NH1 1 
ATOM   1039 N NH2 . ARG A 1 131 ? -8.177  -2.356  -0.816  1.00 20.73  ? 131 ARG A NH2 1 
ATOM   1040 N N   . ILE A 1 132 ? -6.596  -1.071  -8.177  1.00 18.32  ? 132 ILE A N   1 
ATOM   1041 C CA  . ILE A 1 132 ? -6.764  0.120   -9.016  1.00 18.32  ? 132 ILE A CA  1 
ATOM   1042 C C   . ILE A 1 132 ? -7.671  1.153   -8.328  1.00 18.32  ? 132 ILE A C   1 
ATOM   1043 O O   . ILE A 1 132 ? -8.741  0.812   -7.824  1.00 18.32  ? 132 ILE A O   1 
ATOM   1044 C CB  . ILE A 1 132 ? -7.422  -0.230  -10.372 1.00 24.08  ? 132 ILE A CB  1 
ATOM   1045 C CG1 . ILE A 1 132 ? -6.758  -1.456  -11.003 1.00 24.08  ? 132 ILE A CG1 1 
ATOM   1046 C CG2 . ILE A 1 132 ? -7.292  0.959   -11.324 1.00 24.08  ? 132 ILE A CG2 1 
ATOM   1047 C CD1 . ILE A 1 132 ? -5.363  -1.222  -11.504 1.00 24.08  ? 132 ILE A CD1 1 
ATOM   1048 N N   . TYR A 1 133 ? -7.247  2.411   -8.298  1.00 28.60  ? 133 TYR A N   1 
ATOM   1049 C CA  . TYR A 1 133 ? -8.065  3.452   -7.689  1.00 28.60  ? 133 TYR A CA  1 
ATOM   1050 C C   . TYR A 1 133 ? -8.383  4.541   -8.692  1.00 28.60  ? 133 TYR A C   1 
ATOM   1051 O O   . TYR A 1 133 ? -7.617  4.789   -9.620  1.00 28.60  ? 133 TYR A O   1 
ATOM   1052 C CB  . TYR A 1 133 ? -7.371  4.098   -6.485  1.00 13.86  ? 133 TYR A CB  1 
ATOM   1053 C CG  . TYR A 1 133 ? -7.273  3.237   -5.252  1.00 13.86  ? 133 TYR A CG  1 
ATOM   1054 C CD1 . TYR A 1 133 ? -6.321  2.211   -5.148  1.00 13.86  ? 133 TYR A CD1 1 
ATOM   1055 C CD2 . TYR A 1 133 ? -8.114  3.474   -4.165  1.00 13.86  ? 133 TYR A CD2 1 
ATOM   1056 C CE1 . TYR A 1 133 ? -6.211  1.454   -3.976  1.00 13.86  ? 133 TYR A CE1 1 
ATOM   1057 C CE2 . TYR A 1 133 ? -8.017  2.736   -3.007  1.00 13.86  ? 133 TYR A CE2 1 
ATOM   1058 C CZ  . TYR A 1 133 ? -7.067  1.737   -2.913  1.00 13.86  ? 133 TYR A CZ  1 
ATOM   1059 O OH  . TYR A 1 133 ? -6.972  1.054   -1.728  1.00 13.86  ? 133 TYR A OH  1 
ATOM   1060 N N   . VAL A 1 134 ? -9.520  5.190   -8.493  1.00 23.42  ? 134 VAL A N   1 
ATOM   1061 C CA  . VAL A 1 134 ? -9.951  6.271   -9.365  1.00 23.42  ? 134 VAL A CA  1 
ATOM   1062 C C   . VAL A 1 134 ? -10.220 7.485   -8.489  1.00 23.42  ? 134 VAL A C   1 
ATOM   1063 O O   . VAL A 1 134 ? -10.513 7.332   -7.299  1.00 23.42  ? 134 VAL A O   1 
ATOM   1064 C CB  . VAL A 1 134 ? -11.235 5.870   -10.133 1.00 34.69  ? 134 VAL A CB  1 
ATOM   1065 C CG1 . VAL A 1 134 ? -11.856 7.087   -10.804 1.00 34.69  ? 134 VAL A CG1 1 
ATOM   1066 C CG2 . VAL A 1 134 ? -10.891 4.833   -11.182 1.00 34.69  ? 134 VAL A CG2 1 
ATOM   1067 N N   . ARG A 1 135 ? -10.107 8.682   -9.062  1.00 39.06  ? 135 ARG A N   1 
ATOM   1068 C CA  . ARG A 1 135 ? -10.359 9.893   -8.291  1.00 39.06  ? 135 ARG A CA  1 
ATOM   1069 C C   . ARG A 1 135 ? -11.820 10.069  -7.968  1.00 39.06  ? 135 ARG A C   1 
ATOM   1070 O O   . ARG A 1 135 ? -12.639 10.279  -8.856  1.00 39.06  ? 135 ARG A O   1 
ATOM   1071 C CB  . ARG A 1 135 ? -9.871  11.147  -9.013  1.00 38.00  ? 135 ARG A CB  1 
ATOM   1072 C CG  . ARG A 1 135 ? -8.385  11.381  -8.897  1.00 38.00  ? 135 ARG A CG  1 
ATOM   1073 C CD  . ARG A 1 135 ? -8.084  12.866  -8.881  1.00 38.00  ? 135 ARG A CD  1 
ATOM   1074 N NE  . ARG A 1 135 ? -6.675  13.141  -8.629  1.00 38.00  ? 135 ARG A NE  1 
ATOM   1075 C CZ  . ARG A 1 135 ? -5.695  12.855  -9.479  1.00 38.00  ? 135 ARG A CZ  1 
ATOM   1076 N NH1 . ARG A 1 135 ? -5.960  12.282  -10.647 1.00 38.00  ? 135 ARG A NH1 1 
ATOM   1077 N NH2 . ARG A 1 135 ? -4.443  13.140  -9.154  1.00 38.00  ? 135 ARG A NH2 1 
ATOM   1078 N N   . GLU A 1 136 ? -12.135 9.979   -6.684  1.00 101.16 ? 136 GLU A N   1 
ATOM   1079 C CA  . GLU A 1 136 ? -13.498 10.142  -6.219  1.00 101.16 ? 136 GLU A CA  1 
ATOM   1080 C C   . GLU A 1 136 ? -13.921 11.580  -6.490  1.00 101.16 ? 136 GLU A C   1 
ATOM   1081 O O   . GLU A 1 136 ? -14.958 11.776  -7.160  1.00 58.05  ? 136 GLU A O   1 
ATOM   1082 C CB  . GLU A 1 136 ? -13.571 9.831   -4.725  1.00 101.16 ? 136 GLU A CB  1 
ATOM   1083 C CG  . GLU A 1 136 ? -14.950 9.949   -4.111  1.00 101.16 ? 136 GLU A CG  1 
ATOM   1084 C CD  . GLU A 1 136 ? -14.972 9.504   -2.659  1.00 101.16 ? 136 GLU A CD  1 
ATOM   1085 O OE1 . GLU A 1 136 ? -14.705 8.307   -2.399  1.00 101.16 ? 136 GLU A OE1 1 
ATOM   1086 O OE2 . GLU A 1 136 ? -15.251 10.348  -1.778  1.00 101.16 ? 136 GLU A OE2 1 
ATOM   1087 O OXT . GLU A 1 136 ? -13.203 12.494  -6.038  1.00 65.30  ? 136 GLU A OXT 1 
HETATM 1088 C C1  . A80 B 2 .   ? -4.421  -7.064  9.395   1.00 24.12  ? 201 A80 A C1  1 
HETATM 1089 C C2  . A80 B 2 .   ? -4.657  -7.413  10.877  1.00 24.12  ? 201 A80 A C2  1 
HETATM 1090 C C3  . A80 B 2 .   ? -6.137  -7.829  11.143  1.00 24.12  ? 201 A80 A C3  1 
HETATM 1091 C C4  . A80 B 2 .   ? -7.098  -6.648  10.938  1.00 24.12  ? 201 A80 A C4  1 
HETATM 1092 C C5  . A80 B 2 .   ? -6.814  -5.887  9.585   1.00 24.12  ? 201 A80 A C5  1 
HETATM 1093 C C6  . A80 B 2 .   ? -7.782  -5.027  9.011   1.00 24.12  ? 201 A80 A C6  1 
HETATM 1094 C C7  . A80 B 2 .   ? -7.544  -4.370  7.796   1.00 24.12  ? 201 A80 A C7  1 
HETATM 1095 C C8  . A80 B 2 .   ? -6.317  -4.548  7.086   1.00 24.12  ? 201 A80 A C8  1 
HETATM 1096 C C9  . A80 B 2 .   ? -5.335  -5.422  7.605   1.00 24.12  ? 201 A80 A C9  1 
HETATM 1097 C C10 . A80 B 2 .   ? -5.537  -6.110  8.837   1.00 24.12  ? 201 A80 A C10 1 
HETATM 1098 N N11 . A80 B 2 .   ? -6.022  -3.859  5.860   1.00 24.12  ? 201 A80 A N11 1 
HETATM 1099 C C12 . A80 B 2 .   ? -6.855  -3.007  5.192   1.00 24.12  ? 201 A80 A C12 1 
HETATM 1100 C C13 . A80 B 2 .   ? -6.386  -2.332  3.944   1.00 24.12  ? 201 A80 A C13 1 
HETATM 1101 C C14 . A80 B 2 .   ? -5.092  -2.594  3.428   1.00 24.12  ? 201 A80 A C14 1 
HETATM 1102 C C15 . A80 B 2 .   ? -4.647  -1.915  2.275   1.00 24.12  ? 201 A80 A C15 1 
HETATM 1103 C C16 . A80 B 2 .   ? -5.491  -0.974  1.630   1.00 24.12  ? 201 A80 A C16 1 
HETATM 1104 C C17 . A80 B 2 .   ? -6.787  -0.720  2.138   1.00 24.12  ? 201 A80 A C17 1 
HETATM 1105 C C18 . A80 B 2 .   ? -7.233  -1.389  3.288   1.00 24.12  ? 201 A80 A C18 1 
HETATM 1106 C C19 . A80 B 2 .   ? -5.029  -0.264  0.461   1.00 24.12  ? 201 A80 A C19 1 
HETATM 1107 C C20 . A80 B 2 .   ? -4.383  -8.377  8.604   1.00 24.12  ? 201 A80 A C20 1 
HETATM 1108 C C21 . A80 B 2 .   ? -3.054  -6.399  9.228   1.00 24.12  ? 201 A80 A C21 1 
HETATM 1109 C C22 . A80 B 2 .   ? -8.546  -7.158  10.975  1.00 24.12  ? 201 A80 A C22 1 
HETATM 1110 C C23 . A80 B 2 .   ? -6.918  -5.685  12.119  1.00 24.12  ? 201 A80 A C23 1 
HETATM 1111 O O24 . A80 B 2 .   ? -7.999  -2.763  5.608   1.00 24.12  ? 201 A80 A O24 1 
HETATM 1112 O O25 . A80 B 2 .   ? -4.154  0.634   0.578   1.00 24.12  ? 201 A80 A O25 1 
HETATM 1113 O O26 . A80 B 2 .   ? -5.666  -0.353  -0.597  1.00 24.12  ? 201 A80 A O26 1 
HETATM 1114 O O   . HOH C 3 .   ? -0.766  2.671   2.992   1.00 27.91  ? 301 HOH A O   1 
HETATM 1115 O O   . HOH C 3 .   ? -2.115  4.808   4.231   1.00 16.53  ? 302 HOH A O   1 
HETATM 1116 O O   . HOH C 3 .   ? -3.576  2.924   -0.084  1.00 15.62  ? 303 HOH A O   1 
HETATM 1117 O O   . HOH C 3 .   ? -3.870  0.402   5.151   1.00 39.51  ? 304 HOH A O   1 
HETATM 1118 O O   . HOH C 3 .   ? 1.960   1.767   1.777   1.00 29.43  ? 305 HOH A O   1 
HETATM 1119 O O   . HOH C 3 .   ? -3.222  -3.218  6.094   1.00 38.34  ? 306 HOH A O   1 
HETATM 1120 O O   . HOH C 3 .   ? -7.328  -4.759  -9.524  1.00 30.94  ? 307 HOH A O   1 
HETATM 1121 O O   . HOH C 3 .   ? 1.911   -0.162  -8.928  1.00 17.44  ? 308 HOH A O   1 
# 
loop_
_pdbx_poly_seq_scheme.asym_id 
_pdbx_poly_seq_scheme.entity_id 
_pdbx_poly_seq_scheme.seq_id 
_pdbx_poly_seq_scheme.mon_id 
_pdbx_poly_seq_scheme.ndb_seq_num 
_pdbx_poly_seq_scheme.pdb_seq_num 
_pdbx_poly_seq_scheme.auth_seq_num 
_pdbx_poly_seq_scheme.pdb_mon_id 
_pdbx_poly_seq_scheme.auth_mon_id 
_pdbx_poly_seq_scheme.pdb_strand_id 
_pdbx_poly_seq_scheme.pdb_ins_code 
_pdbx_poly_seq_scheme.hetero 
A 1 1   PRO 1   1   1   PRO PRO A . n 
A 1 2   ASN 2   2   2   ASN ASN A . n 
A 1 3   PHE 3   3   3   PHE PHE A . n 
A 1 4   ALA 4   4   4   ALA ALA A . n 
A 1 5   GLY 5   5   5   GLY GLY A . n 
A 1 6   THR 6   6   6   THR THR A . n 
A 1 7   TRP 7   7   7   TRP TRP A . n 
A 1 8   LYS 8   8   8   LYS LYS A . n 
A 1 9   MET 9   9   9   MET MET A . n 
A 1 10  ARG 10  10  10  ARG ARG A . n 
A 1 11  SER 11  11  11  SER SER A . n 
A 1 12  SER 12  12  12  SER SER A . n 
A 1 13  GLU 13  13  13  GLU GLU A . n 
A 1 14  ASN 14  14  14  ASN ASN A . n 
A 1 15  PHE 15  15  15  PHE PHE A . n 
A 1 16  ASP 16  16  16  ASP ASP A . n 
A 1 17  GLU 17  17  17  GLU GLU A . n 
A 1 18  LEU 18  18  18  LEU LEU A . n 
A 1 19  LEU 19  19  19  LEU LEU A . n 
A 1 20  LYS 20  20  20  LYS LYS A . n 
A 1 21  ALA 21  21  21  ALA ALA A . n 
A 1 22  LEU 22  22  22  LEU LEU A . n 
A 1 23  GLY 23  23  23  GLY GLY A . n 
A 1 24  VAL 24  24  24  VAL VAL A . n 
A 1 25  ASN 25  25  25  ASN ASN A . n 
A 1 26  ALA 26  26  26  ALA ALA A . n 
A 1 27  MET 27  27  27  MET MET A . n 
A 1 28  LEU 28  28  28  LEU LEU A . n 
A 1 29  ARG 29  29  29  ARG ARG A . n 
A 1 30  LYS 30  30  30  LYS LYS A . n 
A 1 31  VAL 31  31  31  VAL VAL A . n 
A 1 32  ALA 32  32  32  ALA ALA A . n 
A 1 33  VAL 33  33  33  VAL VAL A . n 
A 1 34  ALA 34  34  34  ALA ALA A . n 
A 1 35  ALA 35  35  35  ALA ALA A . n 
A 1 36  ALA 36  36  36  ALA ALA A . n 
A 1 37  SER 37  37  37  SER SER A . n 
A 1 38  LYS 38  38  38  LYS LYS A . n 
A 1 39  PRO 39  39  39  PRO PRO A . n 
A 1 40  HIS 40  40  40  HIS HIS A . n 
A 1 41  VAL 41  41  41  VAL VAL A . n 
A 1 42  GLU 42  42  42  GLU GLU A . n 
A 1 43  ILE 43  43  43  ILE ILE A . n 
A 1 44  ARG 44  44  44  ARG ARG A . n 
A 1 45  GLN 45  45  45  GLN GLN A . n 
A 1 46  ASP 46  46  46  ASP ASP A . n 
A 1 47  GLY 47  47  47  GLY GLY A . n 
A 1 48  ASP 48  48  48  ASP ASP A . n 
A 1 49  GLN 49  49  49  GLN GLN A . n 
A 1 50  PHE 50  50  50  PHE PHE A . n 
A 1 51  TYR 51  51  51  TYR TYR A . n 
A 1 52  ILE 52  52  52  ILE ILE A . n 
A 1 53  LYS 53  53  53  LYS LYS A . n 
A 1 54  THR 54  54  54  THR THR A . n 
A 1 55  SER 55  55  55  SER SER A . n 
A 1 56  THR 56  56  56  THR THR A . n 
A 1 57  THR 57  57  57  THR THR A . n 
A 1 58  VAL 58  58  58  VAL VAL A . n 
A 1 59  ARG 59  59  59  ARG ARG A . n 
A 1 60  THR 60  60  60  THR THR A . n 
A 1 61  THR 61  61  61  THR THR A . n 
A 1 62  GLU 62  62  62  GLU GLU A . n 
A 1 63  ILE 63  63  63  ILE ILE A . n 
A 1 64  ASN 64  64  64  ASN ASN A . n 
A 1 65  PHE 65  65  65  PHE PHE A . n 
A 1 66  LYS 66  66  66  LYS LYS A . n 
A 1 67  VAL 67  67  67  VAL VAL A . n 
A 1 68  GLY 68  68  68  GLY GLY A . n 
A 1 69  GLU 69  69  69  GLU GLU A . n 
A 1 70  GLY 70  70  70  GLY GLY A . n 
A 1 71  PHE 71  71  71  PHE PHE A . n 
A 1 72  GLU 72  72  72  GLU GLU A . n 
A 1 73  GLU 73  73  73  GLU GLU A . n 
A 1 74  GLU 74  74  74  GLU GLU A . n 
A 1 75  THR 75  75  75  THR THR A . n 
A 1 76  VAL 76  76  76  VAL VAL A . n 
A 1 77  ASP 77  77  77  ASP ASP A . n 
A 1 78  GLY 78  78  78  GLY GLY A . n 
A 1 79  ARG 79  79  79  ARG ARG A . n 
A 1 80  LYS 80  80  80  LYS LYS A . n 
A 1 81  CYS 81  81  81  CYS CYS A . n 
A 1 82  ARG 82  82  82  ARG ARG A . n 
A 1 83  SER 83  83  83  SER SER A . n 
A 1 84  LEU 84  84  84  LEU LEU A . n 
A 1 85  PRO 85  85  85  PRO PRO A . n 
A 1 86  THR 86  86  86  THR THR A . n 
A 1 87  TRP 87  87  87  TRP TRP A . n 
A 1 88  GLU 88  88  88  GLU GLU A . n 
A 1 89  ASN 89  89  89  ASN ASN A . n 
A 1 90  GLU 90  90  90  GLU GLU A . n 
A 1 91  ASN 91  91  91  ASN ASN A . n 
A 1 92  LYS 92  92  92  LYS LYS A . n 
A 1 93  ILE 93  93  93  ILE ILE A . n 
A 1 94  HIS 94  94  94  HIS HIS A . n 
A 1 95  CYS 95  95  95  CYS CYS A . n 
A 1 96  THR 96  96  96  THR THR A . n 
A 1 97  GLN 97  97  97  GLN GLN A . n 
A 1 98  THR 98  98  98  THR THR A . n 
A 1 99  LEU 99  99  99  LEU LEU A . n 
A 1 100 LEU 100 100 100 LEU LEU A . n 
A 1 101 GLU 101 101 101 GLU GLU A . n 
A 1 102 GLY 102 102 102 GLY GLY A . n 
A 1 103 ASP 103 103 103 ASP ASP A . n 
A 1 104 GLY 104 104 104 GLY GLY A . n 
A 1 105 PRO 105 105 105 PRO PRO A . n 
A 1 106 LYS 106 106 106 LYS LYS A . n 
A 1 107 THR 107 107 107 THR THR A . n 
A 1 108 TYR 108 108 108 TYR TYR A . n 
A 1 109 TRP 109 109 109 TRP TRP A . n 
A 1 110 THR 110 110 110 THR THR A . n 
A 1 111 ARG 111 111 111 ARG ARG A . n 
A 1 112 GLU 112 112 112 GLU GLU A . n 
A 1 113 LEU 113 113 113 LEU LEU A . n 
A 1 114 ALA 114 114 114 ALA ALA A . n 
A 1 115 ASN 115 115 115 ASN ASN A . n 
A 1 116 ASP 116 116 116 ASP ASP A . n 
A 1 117 GLU 117 117 117 GLU GLU A . n 
A 1 118 LEU 118 118 118 LEU LEU A . n 
A 1 119 ILE 119 119 119 ILE ILE A . n 
A 1 120 LEU 120 120 120 LEU LEU A . n 
A 1 121 THR 121 121 121 THR THR A . n 
A 1 122 PHE 122 122 122 PHE PHE A . n 
A 1 123 GLY 123 123 123 GLY GLY A . n 
A 1 124 ALA 124 124 124 ALA ALA A . n 
A 1 125 ASP 125 125 125 ASP ASP A . n 
A 1 126 ASP 126 126 126 ASP ASP A . n 
A 1 127 VAL 127 127 127 VAL VAL A . n 
A 1 128 VAL 128 128 128 VAL VAL A . n 
A 1 129 CYS 129 129 129 CYS CYS A . n 
A 1 130 THR 130 130 130 THR THR A . n 
A 1 131 ARG 131 131 131 ARG ARG A . n 
A 1 132 ILE 132 132 132 ILE ILE A . n 
A 1 133 TYR 133 133 133 TYR TYR A . n 
A 1 134 VAL 134 134 134 VAL VAL A . n 
A 1 135 ARG 135 135 135 ARG ARG A . n 
A 1 136 GLU 136 136 136 GLU GLU A . n 
# 
loop_
_pdbx_nonpoly_scheme.asym_id 
_pdbx_nonpoly_scheme.entity_id 
_pdbx_nonpoly_scheme.mon_id 
_pdbx_nonpoly_scheme.ndb_seq_num 
_pdbx_nonpoly_scheme.pdb_seq_num 
_pdbx_nonpoly_scheme.auth_seq_num 
_pdbx_nonpoly_scheme.pdb_mon_id 
_pdbx_nonpoly_scheme.auth_mon_id 
_pdbx_nonpoly_scheme.pdb_strand_id 
_pdbx_nonpoly_scheme.pdb_ins_code 
B 2 A80 1 201 201 A80 A80 A . 
C 3 HOH 1 301 301 HOH HOH A . 
C 3 HOH 2 302 302 HOH HOH A . 
C 3 HOH 3 303 303 HOH HOH A . 
C 3 HOH 4 304 304 HOH HOH A . 
C 3 HOH 5 305 305 HOH HOH A . 
C 3 HOH 6 306 306 HOH HOH A . 
C 3 HOH 7 307 307 HOH HOH A . 
C 3 HOH 8 308 308 HOH HOH A . 
# 
_pdbx_struct_assembly.id                   1 
_pdbx_struct_assembly.details              author_defined_assembly 
_pdbx_struct_assembly.method_details       ? 
_pdbx_struct_assembly.oligomeric_details   monomeric 
_pdbx_struct_assembly.oligomeric_count     1 
# 
_pdbx_struct_assembly_gen.assembly_id       1 
_pdbx_struct_assembly_gen.oper_expression   1 
_pdbx_struct_assembly_gen.asym_id_list      A,B,C 
# 
_pdbx_struct_oper_list.id                   1 
_pdbx_struct_oper_list.type                 'identity operation' 
_pdbx_struct_oper_list.name                 1_555 
_pdbx_struct_oper_list.symmetry_operation   x,y,z 
_pdbx_struct_oper_list.matrix[1][1]         1.0000000000 
_pdbx_struct_oper_list.matrix[1][2]         0.0000000000 
_pdbx_struct_oper_list.matrix[1][3]         0.0000000000 
_pdbx_struct_oper_list.vector[1]            0.0000000000 
_pdbx_struct_oper_list.matrix[2][1]         0.0000000000 
_pdbx_struct_oper_list.matrix[2][2]         1.0000000000 
_pdbx_struct_oper_list.matrix[2][3]         0.0000000000 
_pdbx_struct_oper_list.vector[2]            0.0000000000 
_pdbx_struct_oper_list.matrix[3][1]         0.0000000000 
_pdbx_struct_oper_list.matrix[3][2]         0.0000000000 
_pdbx_struct_oper_list.matrix[3][3]         1.0000000000 
_pdbx_struct_oper_list.vector[3]            0.0000000000 
# 
loop_
_pdbx_audit_revision_history.ordinal 
_pdbx_audit_revision_history.data_content_type 
_pdbx_audit_revision_history.major_revision 
_pdbx_audit_revision_history.minor_revision 
_pdbx_audit_revision_history.revision_date 
1 'Structure model' 1 0 1999-12-21 
2 'Structure model' 1 1 2008-04-26 
3 'Structure model' 1 2 2011-07-13 
4 'Structure model' 1 3 2011-10-05 
5 'Structure model' 1 4 2019-11-06 
6 'Structure model' 1 5 2023-08-23 
# 
_pdbx_audit_revision_details.ordinal             1 
_pdbx_audit_revision_details.revision_ordinal    1 
_pdbx_audit_revision_details.data_content_type   'Structure model' 
_pdbx_audit_revision_details.provider            repository 
_pdbx_audit_revision_details.type                'Initial release' 
_pdbx_audit_revision_details.description         ? 
_pdbx_audit_revision_details.details             ? 
# 
loop_
_pdbx_audit_revision_group.ordinal 
_pdbx_audit_revision_group.revision_ordinal 
_pdbx_audit_revision_group.data_content_type 
_pdbx_audit_revision_group.group 
1 2 'Structure model' 'Version format compliance' 
2 3 'Structure model' 'Version format compliance' 
3 4 'Structure model' 'Non-polymer description'   
4 5 'Structure model' 'Data collection'           
5 5 'Structure model' 'Database references'       
6 6 'Structure model' 'Data collection'           
7 6 'Structure model' 'Database references'       
8 6 'Structure model' 'Derived calculations'      
9 6 'Structure model' 'Refinement description'    
# 
loop_
_pdbx_audit_revision_category.ordinal 
_pdbx_audit_revision_category.revision_ordinal 
_pdbx_audit_revision_category.data_content_type 
_pdbx_audit_revision_category.category 
1 5 'Structure model' citation                      
2 5 'Structure model' citation_author               
3 6 'Structure model' chem_comp_atom                
4 6 'Structure model' chem_comp_bond                
5 6 'Structure model' database_2                    
6 6 'Structure model' pdbx_initial_refinement_model 
7 6 'Structure model' struct_site                   
# 
loop_
_pdbx_audit_revision_item.ordinal 
_pdbx_audit_revision_item.revision_ordinal 
_pdbx_audit_revision_item.data_content_type 
_pdbx_audit_revision_item.item 
1 5 'Structure model' '_citation.page_last'                 
2 5 'Structure model' '_citation.pdbx_database_id_DOI'      
3 5 'Structure model' '_citation.pdbx_database_id_PubMed'   
4 5 'Structure model' '_citation.title'                     
5 6 'Structure model' '_database_2.pdbx_DOI'                
6 6 'Structure model' '_database_2.pdbx_database_accession' 
7 6 'Structure model' '_struct_site.pdbx_auth_asym_id'      
8 6 'Structure model' '_struct_site.pdbx_auth_comp_id'      
9 6 'Structure model' '_struct_site.pdbx_auth_seq_id'       
# 
loop_
_software.name 
_software.classification 
_software.version 
_software.citation_id 
_software.pdbx_ordinal 
DENZO 'data reduction' .         ? 1 
SCALA 'data scaling'   .         ? 2 
AMoRE phasing          .         ? 3 
CNS   refinement       0.3       ? 4 
CCP4  'data scaling'   '(SCALA)' ? 5 
# 
_pdbx_validate_symm_contact.id                1 
_pdbx_validate_symm_contact.PDB_model_num     1 
_pdbx_validate_symm_contact.auth_atom_id_1    OE1 
_pdbx_validate_symm_contact.auth_asym_id_1    A 
_pdbx_validate_symm_contact.auth_comp_id_1    GLU 
_pdbx_validate_symm_contact.auth_seq_id_1     101 
_pdbx_validate_symm_contact.PDB_ins_code_1    ? 
_pdbx_validate_symm_contact.label_alt_id_1    ? 
_pdbx_validate_symm_contact.site_symmetry_1   1_555 
_pdbx_validate_symm_contact.auth_atom_id_2    OE1 
_pdbx_validate_symm_contact.auth_asym_id_2    A 
_pdbx_validate_symm_contact.auth_comp_id_2    GLU 
_pdbx_validate_symm_contact.auth_seq_id_2     101 
_pdbx_validate_symm_contact.PDB_ins_code_2    ? 
_pdbx_validate_symm_contact.label_alt_id_2    ? 
_pdbx_validate_symm_contact.site_symmetry_2   4_555 
_pdbx_validate_symm_contact.dist              1.93 
# 
_pdbx_validate_rmsd_angle.id                         1 
_pdbx_validate_rmsd_angle.PDB_model_num              1 
_pdbx_validate_rmsd_angle.auth_atom_id_1             NE 
_pdbx_validate_rmsd_angle.auth_asym_id_1             A 
_pdbx_validate_rmsd_angle.auth_comp_id_1             ARG 
_pdbx_validate_rmsd_angle.auth_seq_id_1              10 
_pdbx_validate_rmsd_angle.PDB_ins_code_1             ? 
_pdbx_validate_rmsd_angle.label_alt_id_1             ? 
_pdbx_validate_rmsd_angle.auth_atom_id_2             CZ 
_pdbx_validate_rmsd_angle.auth_asym_id_2             A 
_pdbx_validate_rmsd_angle.auth_comp_id_2             ARG 
_pdbx_validate_rmsd_angle.auth_seq_id_2              10 
_pdbx_validate_rmsd_angle.PDB_ins_code_2             ? 
_pdbx_validate_rmsd_angle.label_alt_id_2             ? 
_pdbx_validate_rmsd_angle.auth_atom_id_3             NH2 
_pdbx_validate_rmsd_angle.auth_asym_id_3             A 
_pdbx_validate_rmsd_angle.auth_comp_id_3             ARG 
_pdbx_validate_rmsd_angle.auth_seq_id_3              10 
_pdbx_validate_rmsd_angle.PDB_ins_code_3             ? 
_pdbx_validate_rmsd_angle.label_alt_id_3             ? 
_pdbx_validate_rmsd_angle.angle_value                123.65 
_pdbx_validate_rmsd_angle.angle_target_value         120.30 
_pdbx_validate_rmsd_angle.angle_deviation            3.35 
_pdbx_validate_rmsd_angle.angle_standard_deviation   0.50 
_pdbx_validate_rmsd_angle.linker_flag                N 
# 
loop_
_pdbx_validate_torsion.id 
_pdbx_validate_torsion.PDB_model_num 
_pdbx_validate_torsion.auth_comp_id 
_pdbx_validate_torsion.auth_asym_id 
_pdbx_validate_torsion.auth_seq_id 
_pdbx_validate_torsion.PDB_ins_code 
_pdbx_validate_torsion.label_alt_id 
_pdbx_validate_torsion.phi 
_pdbx_validate_torsion.psi 
1 1 LYS A 38  ? ? -116.99 62.87   
2 1 ASP A 125 ? ? 58.39   -125.85 
# 
loop_
_chem_comp_atom.comp_id 
_chem_comp_atom.atom_id 
_chem_comp_atom.type_symbol 
_chem_comp_atom.pdbx_aromatic_flag 
_chem_comp_atom.pdbx_stereo_config 
_chem_comp_atom.pdbx_ordinal 
A80 C1   C N N 1   
A80 C2   C N N 2   
A80 C3   C N N 3   
A80 C4   C N N 4   
A80 C5   C Y N 5   
A80 C6   C Y N 6   
A80 C7   C Y N 7   
A80 C8   C Y N 8   
A80 C9   C Y N 9   
A80 C10  C Y N 10  
A80 N11  N N N 11  
A80 C12  C N N 12  
A80 C13  C Y N 13  
A80 C14  C Y N 14  
A80 C15  C Y N 15  
A80 C16  C Y N 16  
A80 C17  C Y N 17  
A80 C18  C Y N 18  
A80 C19  C N N 19  
A80 C20  C N N 20  
A80 C21  C N N 21  
A80 C22  C N N 22  
A80 C23  C N N 23  
A80 O24  O N N 24  
A80 O25  O N N 25  
A80 O26  O N N 26  
A80 H2   H N N 27  
A80 H21  H N N 28  
A80 H3   H N N 29  
A80 H4   H N N 30  
A80 H6   H N N 31  
A80 H7   H N N 32  
A80 H9   H N N 33  
A80 H11  H N N 34  
A80 H14  H N N 35  
A80 H15  H N N 36  
A80 H17  H N N 37  
A80 H18  H N N 38  
A80 H201 H N N 39  
A80 H202 H N N 40  
A80 H203 H N N 41  
A80 H211 H N N 42  
A80 H212 H N N 43  
A80 H213 H N N 44  
A80 H221 H N N 45  
A80 H222 H N N 46  
A80 H223 H N N 47  
A80 H231 H N N 48  
A80 H232 H N N 49  
A80 H233 H N N 50  
A80 H25  H N N 51  
ALA N    N N N 52  
ALA CA   C N S 53  
ALA C    C N N 54  
ALA O    O N N 55  
ALA CB   C N N 56  
ALA OXT  O N N 57  
ALA H    H N N 58  
ALA H2   H N N 59  
ALA HA   H N N 60  
ALA HB1  H N N 61  
ALA HB2  H N N 62  
ALA HB3  H N N 63  
ALA HXT  H N N 64  
ARG N    N N N 65  
ARG CA   C N S 66  
ARG C    C N N 67  
ARG O    O N N 68  
ARG CB   C N N 69  
ARG CG   C N N 70  
ARG CD   C N N 71  
ARG NE   N N N 72  
ARG CZ   C N N 73  
ARG NH1  N N N 74  
ARG NH2  N N N 75  
ARG OXT  O N N 76  
ARG H    H N N 77  
ARG H2   H N N 78  
ARG HA   H N N 79  
ARG HB2  H N N 80  
ARG HB3  H N N 81  
ARG HG2  H N N 82  
ARG HG3  H N N 83  
ARG HD2  H N N 84  
ARG HD3  H N N 85  
ARG HE   H N N 86  
ARG HH11 H N N 87  
ARG HH12 H N N 88  
ARG HH21 H N N 89  
ARG HH22 H N N 90  
ARG HXT  H N N 91  
ASN N    N N N 92  
ASN CA   C N S 93  
ASN C    C N N 94  
ASN O    O N N 95  
ASN CB   C N N 96  
ASN CG   C N N 97  
ASN OD1  O N N 98  
ASN ND2  N N N 99  
ASN OXT  O N N 100 
ASN H    H N N 101 
ASN H2   H N N 102 
ASN HA   H N N 103 
ASN HB2  H N N 104 
ASN HB3  H N N 105 
ASN HD21 H N N 106 
ASN HD22 H N N 107 
ASN HXT  H N N 108 
ASP N    N N N 109 
ASP CA   C N S 110 
ASP C    C N N 111 
ASP O    O N N 112 
ASP CB   C N N 113 
ASP CG   C N N 114 
ASP OD1  O N N 115 
ASP OD2  O N N 116 
ASP OXT  O N N 117 
ASP H    H N N 118 
ASP H2   H N N 119 
ASP HA   H N N 120 
ASP HB2  H N N 121 
ASP HB3  H N N 122 
ASP HD2  H N N 123 
ASP HXT  H N N 124 
CYS N    N N N 125 
CYS CA   C N R 126 
CYS C    C N N 127 
CYS O    O N N 128 
CYS CB   C N N 129 
CYS SG   S N N 130 
CYS OXT  O N N 131 
CYS H    H N N 132 
CYS H2   H N N 133 
CYS HA   H N N 134 
CYS HB2  H N N 135 
CYS HB3  H N N 136 
CYS HG   H N N 137 
CYS HXT  H N N 138 
GLN N    N N N 139 
GLN CA   C N S 140 
GLN C    C N N 141 
GLN O    O N N 142 
GLN CB   C N N 143 
GLN CG   C N N 144 
GLN CD   C N N 145 
GLN OE1  O N N 146 
GLN NE2  N N N 147 
GLN OXT  O N N 148 
GLN H    H N N 149 
GLN H2   H N N 150 
GLN HA   H N N 151 
GLN HB2  H N N 152 
GLN HB3  H N N 153 
GLN HG2  H N N 154 
GLN HG3  H N N 155 
GLN HE21 H N N 156 
GLN HE22 H N N 157 
GLN HXT  H N N 158 
GLU N    N N N 159 
GLU CA   C N S 160 
GLU C    C N N 161 
GLU O    O N N 162 
GLU CB   C N N 163 
GLU CG   C N N 164 
GLU CD   C N N 165 
GLU OE1  O N N 166 
GLU OE2  O N N 167 
GLU OXT  O N N 168 
GLU H    H N N 169 
GLU H2   H N N 170 
GLU HA   H N N 171 
GLU HB2  H N N 172 
GLU HB3  H N N 173 
GLU HG2  H N N 174 
GLU HG3  H N N 175 
GLU HE2  H N N 176 
GLU HXT  H N N 177 
GLY N    N N N 178 
GLY CA   C N N 179 
GLY C    C N N 180 
GLY O    O N N 181 
GLY OXT  O N N 182 
GLY H    H N N 183 
GLY H2   H N N 184 
GLY HA2  H N N 185 
GLY HA3  H N N 186 
GLY HXT  H N N 187 
HIS N    N N N 188 
HIS CA   C N S 189 
HIS C    C N N 190 
HIS O    O N N 191 
HIS CB   C N N 192 
HIS CG   C Y N 193 
HIS ND1  N Y N 194 
HIS CD2  C Y N 195 
HIS CE1  C Y N 196 
HIS NE2  N Y N 197 
HIS OXT  O N N 198 
HIS H    H N N 199 
HIS H2   H N N 200 
HIS HA   H N N 201 
HIS HB2  H N N 202 
HIS HB3  H N N 203 
HIS HD1  H N N 204 
HIS HD2  H N N 205 
HIS HE1  H N N 206 
HIS HE2  H N N 207 
HIS HXT  H N N 208 
HOH O    O N N 209 
HOH H1   H N N 210 
HOH H2   H N N 211 
ILE N    N N N 212 
ILE CA   C N S 213 
ILE C    C N N 214 
ILE O    O N N 215 
ILE CB   C N S 216 
ILE CG1  C N N 217 
ILE CG2  C N N 218 
ILE CD1  C N N 219 
ILE OXT  O N N 220 
ILE H    H N N 221 
ILE H2   H N N 222 
ILE HA   H N N 223 
ILE HB   H N N 224 
ILE HG12 H N N 225 
ILE HG13 H N N 226 
ILE HG21 H N N 227 
ILE HG22 H N N 228 
ILE HG23 H N N 229 
ILE HD11 H N N 230 
ILE HD12 H N N 231 
ILE HD13 H N N 232 
ILE HXT  H N N 233 
LEU N    N N N 234 
LEU CA   C N S 235 
LEU C    C N N 236 
LEU O    O N N 237 
LEU CB   C N N 238 
LEU CG   C N N 239 
LEU CD1  C N N 240 
LEU CD2  C N N 241 
LEU OXT  O N N 242 
LEU H    H N N 243 
LEU H2   H N N 244 
LEU HA   H N N 245 
LEU HB2  H N N 246 
LEU HB3  H N N 247 
LEU HG   H N N 248 
LEU HD11 H N N 249 
LEU HD12 H N N 250 
LEU HD13 H N N 251 
LEU HD21 H N N 252 
LEU HD22 H N N 253 
LEU HD23 H N N 254 
LEU HXT  H N N 255 
LYS N    N N N 256 
LYS CA   C N S 257 
LYS C    C N N 258 
LYS O    O N N 259 
LYS CB   C N N 260 
LYS CG   C N N 261 
LYS CD   C N N 262 
LYS CE   C N N 263 
LYS NZ   N N N 264 
LYS OXT  O N N 265 
LYS H    H N N 266 
LYS H2   H N N 267 
LYS HA   H N N 268 
LYS HB2  H N N 269 
LYS HB3  H N N 270 
LYS HG2  H N N 271 
LYS HG3  H N N 272 
LYS HD2  H N N 273 
LYS HD3  H N N 274 
LYS HE2  H N N 275 
LYS HE3  H N N 276 
LYS HZ1  H N N 277 
LYS HZ2  H N N 278 
LYS HZ3  H N N 279 
LYS HXT  H N N 280 
MET N    N N N 281 
MET CA   C N S 282 
MET C    C N N 283 
MET O    O N N 284 
MET CB   C N N 285 
MET CG   C N N 286 
MET SD   S N N 287 
MET CE   C N N 288 
MET OXT  O N N 289 
MET H    H N N 290 
MET H2   H N N 291 
MET HA   H N N 292 
MET HB2  H N N 293 
MET HB3  H N N 294 
MET HG2  H N N 295 
MET HG3  H N N 296 
MET HE1  H N N 297 
MET HE2  H N N 298 
MET HE3  H N N 299 
MET HXT  H N N 300 
PHE N    N N N 301 
PHE CA   C N S 302 
PHE C    C N N 303 
PHE O    O N N 304 
PHE CB   C N N 305 
PHE CG   C Y N 306 
PHE CD1  C Y N 307 
PHE CD2  C Y N 308 
PHE CE1  C Y N 309 
PHE CE2  C Y N 310 
PHE CZ   C Y N 311 
PHE OXT  O N N 312 
PHE H    H N N 313 
PHE H2   H N N 314 
PHE HA   H N N 315 
PHE HB2  H N N 316 
PHE HB3  H N N 317 
PHE HD1  H N N 318 
PHE HD2  H N N 319 
PHE HE1  H N N 320 
PHE HE2  H N N 321 
PHE HZ   H N N 322 
PHE HXT  H N N 323 
PRO N    N N N 324 
PRO CA   C N S 325 
PRO C    C N N 326 
PRO O    O N N 327 
PRO CB   C N N 328 
PRO CG   C N N 329 
PRO CD   C N N 330 
PRO OXT  O N N 331 
PRO H    H N N 332 
PRO HA   H N N 333 
PRO HB2  H N N 334 
PRO HB3  H N N 335 
PRO HG2  H N N 336 
PRO HG3  H N N 337 
PRO HD2  H N N 338 
PRO HD3  H N N 339 
PRO HXT  H N N 340 
SER N    N N N 341 
SER CA   C N S 342 
SER C    C N N 343 
SER O    O N N 344 
SER CB   C N N 345 
SER OG   O N N 346 
SER OXT  O N N 347 
SER H    H N N 348 
SER H2   H N N 349 
SER HA   H N N 350 
SER HB2  H N N 351 
SER HB3  H N N 352 
SER HG   H N N 353 
SER HXT  H N N 354 
THR N    N N N 355 
THR CA   C N S 356 
THR C    C N N 357 
THR O    O N N 358 
THR CB   C N R 359 
THR OG1  O N N 360 
THR CG2  C N N 361 
THR OXT  O N N 362 
THR H    H N N 363 
THR H2   H N N 364 
THR HA   H N N 365 
THR HB   H N N 366 
THR HG1  H N N 367 
THR HG21 H N N 368 
THR HG22 H N N 369 
THR HG23 H N N 370 
THR HXT  H N N 371 
TRP N    N N N 372 
TRP CA   C N S 373 
TRP C    C N N 374 
TRP O    O N N 375 
TRP CB   C N N 376 
TRP CG   C Y N 377 
TRP CD1  C Y N 378 
TRP CD2  C Y N 379 
TRP NE1  N Y N 380 
TRP CE2  C Y N 381 
TRP CE3  C Y N 382 
TRP CZ2  C Y N 383 
TRP CZ3  C Y N 384 
TRP CH2  C Y N 385 
TRP OXT  O N N 386 
TRP H    H N N 387 
TRP H2   H N N 388 
TRP HA   H N N 389 
TRP HB2  H N N 390 
TRP HB3  H N N 391 
TRP HD1  H N N 392 
TRP HE1  H N N 393 
TRP HE3  H N N 394 
TRP HZ2  H N N 395 
TRP HZ3  H N N 396 
TRP HH2  H N N 397 
TRP HXT  H N N 398 
TYR N    N N N 399 
TYR CA   C N S 400 
TYR C    C N N 401 
TYR O    O N N 402 
TYR CB   C N N 403 
TYR CG   C Y N 404 
TYR CD1  C Y N 405 
TYR CD2  C Y N 406 
TYR CE1  C Y N 407 
TYR CE2  C Y N 408 
TYR CZ   C Y N 409 
TYR OH   O N N 410 
TYR OXT  O N N 411 
TYR H    H N N 412 
TYR H2   H N N 413 
TYR HA   H N N 414 
TYR HB2  H N N 415 
TYR HB3  H N N 416 
TYR HD1  H N N 417 
TYR HD2  H N N 418 
TYR HE1  H N N 419 
TYR HE2  H N N 420 
TYR HH   H N N 421 
TYR HXT  H N N 422 
VAL N    N N N 423 
VAL CA   C N S 424 
VAL C    C N N 425 
VAL O    O N N 426 
VAL CB   C N N 427 
VAL CG1  C N N 428 
VAL CG2  C N N 429 
VAL OXT  O N N 430 
VAL H    H N N 431 
VAL H2   H N N 432 
VAL HA   H N N 433 
VAL HB   H N N 434 
VAL HG11 H N N 435 
VAL HG12 H N N 436 
VAL HG13 H N N 437 
VAL HG21 H N N 438 
VAL HG22 H N N 439 
VAL HG23 H N N 440 
VAL HXT  H N N 441 
# 
loop_
_chem_comp_bond.comp_id 
_chem_comp_bond.atom_id_1 
_chem_comp_bond.atom_id_2 
_chem_comp_bond.value_order 
_chem_comp_bond.pdbx_aromatic_flag 
_chem_comp_bond.pdbx_stereo_config 
_chem_comp_bond.pdbx_ordinal 
A80 C1  C2   sing N N 1   
A80 C1  C10  sing N N 2   
A80 C1  C20  sing N N 3   
A80 C1  C21  sing N N 4   
A80 C2  C3   sing N N 5   
A80 C3  C4   sing N N 6   
A80 C4  C5   sing N N 7   
A80 C4  C22  sing N N 8   
A80 C4  C23  sing N N 9   
A80 C5  C6   doub Y N 10  
A80 C5  C10  sing Y N 11  
A80 C6  C7   sing Y N 12  
A80 C7  C8   doub Y N 13  
A80 C8  C9   sing Y N 14  
A80 C8  N11  sing N N 15  
A80 C9  C10  doub Y N 16  
A80 N11 C12  sing N N 17  
A80 C12 C13  sing N N 18  
A80 C12 O24  doub N N 19  
A80 C13 C14  doub Y N 20  
A80 C13 C18  sing Y N 21  
A80 C14 C15  sing Y N 22  
A80 C15 C16  doub Y N 23  
A80 C16 C17  sing Y N 24  
A80 C16 C19  sing N N 25  
A80 C17 C18  doub Y N 26  
A80 C19 O25  sing N N 27  
A80 C19 O26  doub N N 28  
A80 C2  H2   sing N N 29  
A80 C2  H21  sing N N 30  
A80 C3  H3   sing N N 31  
A80 C3  H4   sing N N 32  
A80 C6  H6   sing N N 33  
A80 C7  H7   sing N N 34  
A80 C9  H9   sing N N 35  
A80 N11 H11  sing N N 36  
A80 C14 H14  sing N N 37  
A80 C15 H15  sing N N 38  
A80 C17 H17  sing N N 39  
A80 C18 H18  sing N N 40  
A80 C20 H201 sing N N 41  
A80 C20 H202 sing N N 42  
A80 C20 H203 sing N N 43  
A80 C21 H211 sing N N 44  
A80 C21 H212 sing N N 45  
A80 C21 H213 sing N N 46  
A80 C22 H221 sing N N 47  
A80 C22 H222 sing N N 48  
A80 C22 H223 sing N N 49  
A80 C23 H231 sing N N 50  
A80 C23 H232 sing N N 51  
A80 C23 H233 sing N N 52  
A80 O25 H25  sing N N 53  
ALA N   CA   sing N N 54  
ALA N   H    sing N N 55  
ALA N   H2   sing N N 56  
ALA CA  C    sing N N 57  
ALA CA  CB   sing N N 58  
ALA CA  HA   sing N N 59  
ALA C   O    doub N N 60  
ALA C   OXT  sing N N 61  
ALA CB  HB1  sing N N 62  
ALA CB  HB2  sing N N 63  
ALA CB  HB3  sing N N 64  
ALA OXT HXT  sing N N 65  
ARG N   CA   sing N N 66  
ARG N   H    sing N N 67  
ARG N   H2   sing N N 68  
ARG CA  C    sing N N 69  
ARG CA  CB   sing N N 70  
ARG CA  HA   sing N N 71  
ARG C   O    doub N N 72  
ARG C   OXT  sing N N 73  
ARG CB  CG   sing N N 74  
ARG CB  HB2  sing N N 75  
ARG CB  HB3  sing N N 76  
ARG CG  CD   sing N N 77  
ARG CG  HG2  sing N N 78  
ARG CG  HG3  sing N N 79  
ARG CD  NE   sing N N 80  
ARG CD  HD2  sing N N 81  
ARG CD  HD3  sing N N 82  
ARG NE  CZ   sing N N 83  
ARG NE  HE   sing N N 84  
ARG CZ  NH1  sing N N 85  
ARG CZ  NH2  doub N N 86  
ARG NH1 HH11 sing N N 87  
ARG NH1 HH12 sing N N 88  
ARG NH2 HH21 sing N N 89  
ARG NH2 HH22 sing N N 90  
ARG OXT HXT  sing N N 91  
ASN N   CA   sing N N 92  
ASN N   H    sing N N 93  
ASN N   H2   sing N N 94  
ASN CA  C    sing N N 95  
ASN CA  CB   sing N N 96  
ASN CA  HA   sing N N 97  
ASN C   O    doub N N 98  
ASN C   OXT  sing N N 99  
ASN CB  CG   sing N N 100 
ASN CB  HB2  sing N N 101 
ASN CB  HB3  sing N N 102 
ASN CG  OD1  doub N N 103 
ASN CG  ND2  sing N N 104 
ASN ND2 HD21 sing N N 105 
ASN ND2 HD22 sing N N 106 
ASN OXT HXT  sing N N 107 
ASP N   CA   sing N N 108 
ASP N   H    sing N N 109 
ASP N   H2   sing N N 110 
ASP CA  C    sing N N 111 
ASP CA  CB   sing N N 112 
ASP CA  HA   sing N N 113 
ASP C   O    doub N N 114 
ASP C   OXT  sing N N 115 
ASP CB  CG   sing N N 116 
ASP CB  HB2  sing N N 117 
ASP CB  HB3  sing N N 118 
ASP CG  OD1  doub N N 119 
ASP CG  OD2  sing N N 120 
ASP OD2 HD2  sing N N 121 
ASP OXT HXT  sing N N 122 
CYS N   CA   sing N N 123 
CYS N   H    sing N N 124 
CYS N   H2   sing N N 125 
CYS CA  C    sing N N 126 
CYS CA  CB   sing N N 127 
CYS CA  HA   sing N N 128 
CYS C   O    doub N N 129 
CYS C   OXT  sing N N 130 
CYS CB  SG   sing N N 131 
CYS CB  HB2  sing N N 132 
CYS CB  HB3  sing N N 133 
CYS SG  HG   sing N N 134 
CYS OXT HXT  sing N N 135 
GLN N   CA   sing N N 136 
GLN N   H    sing N N 137 
GLN N   H2   sing N N 138 
GLN CA  C    sing N N 139 
GLN CA  CB   sing N N 140 
GLN CA  HA   sing N N 141 
GLN C   O    doub N N 142 
GLN C   OXT  sing N N 143 
GLN CB  CG   sing N N 144 
GLN CB  HB2  sing N N 145 
GLN CB  HB3  sing N N 146 
GLN CG  CD   sing N N 147 
GLN CG  HG2  sing N N 148 
GLN CG  HG3  sing N N 149 
GLN CD  OE1  doub N N 150 
GLN CD  NE2  sing N N 151 
GLN NE2 HE21 sing N N 152 
GLN NE2 HE22 sing N N 153 
GLN OXT HXT  sing N N 154 
GLU N   CA   sing N N 155 
GLU N   H    sing N N 156 
GLU N   H2   sing N N 157 
GLU CA  C    sing N N 158 
GLU CA  CB   sing N N 159 
GLU CA  HA   sing N N 160 
GLU C   O    doub N N 161 
GLU C   OXT  sing N N 162 
GLU CB  CG   sing N N 163 
GLU CB  HB2  sing N N 164 
GLU CB  HB3  sing N N 165 
GLU CG  CD   sing N N 166 
GLU CG  HG2  sing N N 167 
GLU CG  HG3  sing N N 168 
GLU CD  OE1  doub N N 169 
GLU CD  OE2  sing N N 170 
GLU OE2 HE2  sing N N 171 
GLU OXT HXT  sing N N 172 
GLY N   CA   sing N N 173 
GLY N   H    sing N N 174 
GLY N   H2   sing N N 175 
GLY CA  C    sing N N 176 
GLY CA  HA2  sing N N 177 
GLY CA  HA3  sing N N 178 
GLY C   O    doub N N 179 
GLY C   OXT  sing N N 180 
GLY OXT HXT  sing N N 181 
HIS N   CA   sing N N 182 
HIS N   H    sing N N 183 
HIS N   H2   sing N N 184 
HIS CA  C    sing N N 185 
HIS CA  CB   sing N N 186 
HIS CA  HA   sing N N 187 
HIS C   O    doub N N 188 
HIS C   OXT  sing N N 189 
HIS CB  CG   sing N N 190 
HIS CB  HB2  sing N N 191 
HIS CB  HB3  sing N N 192 
HIS CG  ND1  sing Y N 193 
HIS CG  CD2  doub Y N 194 
HIS ND1 CE1  doub Y N 195 
HIS ND1 HD1  sing N N 196 
HIS CD2 NE2  sing Y N 197 
HIS CD2 HD2  sing N N 198 
HIS CE1 NE2  sing Y N 199 
HIS CE1 HE1  sing N N 200 
HIS NE2 HE2  sing N N 201 
HIS OXT HXT  sing N N 202 
HOH O   H1   sing N N 203 
HOH O   H2   sing N N 204 
ILE N   CA   sing N N 205 
ILE N   H    sing N N 206 
ILE N   H2   sing N N 207 
ILE CA  C    sing N N 208 
ILE CA  CB   sing N N 209 
ILE CA  HA   sing N N 210 
ILE C   O    doub N N 211 
ILE C   OXT  sing N N 212 
ILE CB  CG1  sing N N 213 
ILE CB  CG2  sing N N 214 
ILE CB  HB   sing N N 215 
ILE CG1 CD1  sing N N 216 
ILE CG1 HG12 sing N N 217 
ILE CG1 HG13 sing N N 218 
ILE CG2 HG21 sing N N 219 
ILE CG2 HG22 sing N N 220 
ILE CG2 HG23 sing N N 221 
ILE CD1 HD11 sing N N 222 
ILE CD1 HD12 sing N N 223 
ILE CD1 HD13 sing N N 224 
ILE OXT HXT  sing N N 225 
LEU N   CA   sing N N 226 
LEU N   H    sing N N 227 
LEU N   H2   sing N N 228 
LEU CA  C    sing N N 229 
LEU CA  CB   sing N N 230 
LEU CA  HA   sing N N 231 
LEU C   O    doub N N 232 
LEU C   OXT  sing N N 233 
LEU CB  CG   sing N N 234 
LEU CB  HB2  sing N N 235 
LEU CB  HB3  sing N N 236 
LEU CG  CD1  sing N N 237 
LEU CG  CD2  sing N N 238 
LEU CG  HG   sing N N 239 
LEU CD1 HD11 sing N N 240 
LEU CD1 HD12 sing N N 241 
LEU CD1 HD13 sing N N 242 
LEU CD2 HD21 sing N N 243 
LEU CD2 HD22 sing N N 244 
LEU CD2 HD23 sing N N 245 
LEU OXT HXT  sing N N 246 
LYS N   CA   sing N N 247 
LYS N   H    sing N N 248 
LYS N   H2   sing N N 249 
LYS CA  C    sing N N 250 
LYS CA  CB   sing N N 251 
LYS CA  HA   sing N N 252 
LYS C   O    doub N N 253 
LYS C   OXT  sing N N 254 
LYS CB  CG   sing N N 255 
LYS CB  HB2  sing N N 256 
LYS CB  HB3  sing N N 257 
LYS CG  CD   sing N N 258 
LYS CG  HG2  sing N N 259 
LYS CG  HG3  sing N N 260 
LYS CD  CE   sing N N 261 
LYS CD  HD2  sing N N 262 
LYS CD  HD3  sing N N 263 
LYS CE  NZ   sing N N 264 
LYS CE  HE2  sing N N 265 
LYS CE  HE3  sing N N 266 
LYS NZ  HZ1  sing N N 267 
LYS NZ  HZ2  sing N N 268 
LYS NZ  HZ3  sing N N 269 
LYS OXT HXT  sing N N 270 
MET N   CA   sing N N 271 
MET N   H    sing N N 272 
MET N   H2   sing N N 273 
MET CA  C    sing N N 274 
MET CA  CB   sing N N 275 
MET CA  HA   sing N N 276 
MET C   O    doub N N 277 
MET C   OXT  sing N N 278 
MET CB  CG   sing N N 279 
MET CB  HB2  sing N N 280 
MET CB  HB3  sing N N 281 
MET CG  SD   sing N N 282 
MET CG  HG2  sing N N 283 
MET CG  HG3  sing N N 284 
MET SD  CE   sing N N 285 
MET CE  HE1  sing N N 286 
MET CE  HE2  sing N N 287 
MET CE  HE3  sing N N 288 
MET OXT HXT  sing N N 289 
PHE N   CA   sing N N 290 
PHE N   H    sing N N 291 
PHE N   H2   sing N N 292 
PHE CA  C    sing N N 293 
PHE CA  CB   sing N N 294 
PHE CA  HA   sing N N 295 
PHE C   O    doub N N 296 
PHE C   OXT  sing N N 297 
PHE CB  CG   sing N N 298 
PHE CB  HB2  sing N N 299 
PHE CB  HB3  sing N N 300 
PHE CG  CD1  doub Y N 301 
PHE CG  CD2  sing Y N 302 
PHE CD1 CE1  sing Y N 303 
PHE CD1 HD1  sing N N 304 
PHE CD2 CE2  doub Y N 305 
PHE CD2 HD2  sing N N 306 
PHE CE1 CZ   doub Y N 307 
PHE CE1 HE1  sing N N 308 
PHE CE2 CZ   sing Y N 309 
PHE CE2 HE2  sing N N 310 
PHE CZ  HZ   sing N N 311 
PHE OXT HXT  sing N N 312 
PRO N   CA   sing N N 313 
PRO N   CD   sing N N 314 
PRO N   H    sing N N 315 
PRO CA  C    sing N N 316 
PRO CA  CB   sing N N 317 
PRO CA  HA   sing N N 318 
PRO C   O    doub N N 319 
PRO C   OXT  sing N N 320 
PRO CB  CG   sing N N 321 
PRO CB  HB2  sing N N 322 
PRO CB  HB3  sing N N 323 
PRO CG  CD   sing N N 324 
PRO CG  HG2  sing N N 325 
PRO CG  HG3  sing N N 326 
PRO CD  HD2  sing N N 327 
PRO CD  HD3  sing N N 328 
PRO OXT HXT  sing N N 329 
SER N   CA   sing N N 330 
SER N   H    sing N N 331 
SER N   H2   sing N N 332 
SER CA  C    sing N N 333 
SER CA  CB   sing N N 334 
SER CA  HA   sing N N 335 
SER C   O    doub N N 336 
SER C   OXT  sing N N 337 
SER CB  OG   sing N N 338 
SER CB  HB2  sing N N 339 
SER CB  HB3  sing N N 340 
SER OG  HG   sing N N 341 
SER OXT HXT  sing N N 342 
THR N   CA   sing N N 343 
THR N   H    sing N N 344 
THR N   H2   sing N N 345 
THR CA  C    sing N N 346 
THR CA  CB   sing N N 347 
THR CA  HA   sing N N 348 
THR C   O    doub N N 349 
THR C   OXT  sing N N 350 
THR CB  OG1  sing N N 351 
THR CB  CG2  sing N N 352 
THR CB  HB   sing N N 353 
THR OG1 HG1  sing N N 354 
THR CG2 HG21 sing N N 355 
THR CG2 HG22 sing N N 356 
THR CG2 HG23 sing N N 357 
THR OXT HXT  sing N N 358 
TRP N   CA   sing N N 359 
TRP N   H    sing N N 360 
TRP N   H2   sing N N 361 
TRP CA  C    sing N N 362 
TRP CA  CB   sing N N 363 
TRP CA  HA   sing N N 364 
TRP C   O    doub N N 365 
TRP C   OXT  sing N N 366 
TRP CB  CG   sing N N 367 
TRP CB  HB2  sing N N 368 
TRP CB  HB3  sing N N 369 
TRP CG  CD1  doub Y N 370 
TRP CG  CD2  sing Y N 371 
TRP CD1 NE1  sing Y N 372 
TRP CD1 HD1  sing N N 373 
TRP CD2 CE2  doub Y N 374 
TRP CD2 CE3  sing Y N 375 
TRP NE1 CE2  sing Y N 376 
TRP NE1 HE1  sing N N 377 
TRP CE2 CZ2  sing Y N 378 
TRP CE3 CZ3  doub Y N 379 
TRP CE3 HE3  sing N N 380 
TRP CZ2 CH2  doub Y N 381 
TRP CZ2 HZ2  sing N N 382 
TRP CZ3 CH2  sing Y N 383 
TRP CZ3 HZ3  sing N N 384 
TRP CH2 HH2  sing N N 385 
TRP OXT HXT  sing N N 386 
TYR N   CA   sing N N 387 
TYR N   H    sing N N 388 
TYR N   H2   sing N N 389 
TYR CA  C    sing N N 390 
TYR CA  CB   sing N N 391 
TYR CA  HA   sing N N 392 
TYR C   O    doub N N 393 
TYR C   OXT  sing N N 394 
TYR CB  CG   sing N N 395 
TYR CB  HB2  sing N N 396 
TYR CB  HB3  sing N N 397 
TYR CG  CD1  doub Y N 398 
TYR CG  CD2  sing Y N 399 
TYR CD1 CE1  sing Y N 400 
TYR CD1 HD1  sing N N 401 
TYR CD2 CE2  doub Y N 402 
TYR CD2 HD2  sing N N 403 
TYR CE1 CZ   doub Y N 404 
TYR CE1 HE1  sing N N 405 
TYR CE2 CZ   sing Y N 406 
TYR CE2 HE2  sing N N 407 
TYR CZ  OH   sing N N 408 
TYR OH  HH   sing N N 409 
TYR OXT HXT  sing N N 410 
VAL N   CA   sing N N 411 
VAL N   H    sing N N 412 
VAL N   H2   sing N N 413 
VAL CA  C    sing N N 414 
VAL CA  CB   sing N N 415 
VAL CA  HA   sing N N 416 
VAL C   O    doub N N 417 
VAL C   OXT  sing N N 418 
VAL CB  CG1  sing N N 419 
VAL CB  CG2  sing N N 420 
VAL CB  HB   sing N N 421 
VAL CG1 HG11 sing N N 422 
VAL CG1 HG12 sing N N 423 
VAL CG1 HG13 sing N N 424 
VAL CG2 HG21 sing N N 425 
VAL CG2 HG22 sing N N 426 
VAL CG2 HG23 sing N N 427 
VAL OXT HXT  sing N N 428 
# 
loop_
_pdbx_entity_nonpoly.entity_id 
_pdbx_entity_nonpoly.name 
_pdbx_entity_nonpoly.comp_id 
2 '4-[(5,5,8,8-tetramethyl-5,6,7,8-tetrahydronaphthalen-2-yl)carbamoyl]benzoic acid' A80 
3 water                                                                              HOH 
# 
_pdbx_initial_refinement_model.id               1 
_pdbx_initial_refinement_model.entity_id_list   ? 
_pdbx_initial_refinement_model.type             'experimental model' 
_pdbx_initial_refinement_model.source_name      PDB 
_pdbx_initial_refinement_model.accession_code   1CBR 
_pdbx_initial_refinement_model.details          ? 
# 
